data_3NDV
#
_entry.id   3NDV
#
_cell.length_a   86.900
_cell.length_b   96.400
_cell.length_c   101.500
_cell.angle_alpha   90.00
_cell.angle_beta   108.40
_cell.angle_gamma   90.00
#
_symmetry.space_group_name_H-M   'P 1 21 1'
#
loop_
_entity.id
_entity.type
_entity.pdbx_description
1 polymer 'Beta-peptidyl aminopeptidase'
2 non-polymer GLYCEROL
3 non-polymer '(2S,5R,6R)-6-{[(2R)-2-AMINO-2-PHENYLETHANOYL]AMINO}-3,3-DIMETHYL-7-OXO-4-THIA-1-AZABICYCLO[3.2.0]HEPTANE-2-CARBOXYLIC ACID'
4 non-polymer '(2S,4S)-2-[(1R)-1-{[(2R)-2-amino-2-phenylacetyl]amino}-2-oxoethyl]-5,5-dimethyl-1,3-thiazolidine-4-carboxylic acid'
5 water water
#
_entity_poly.entity_id   1
_entity_poly.type   'polypeptide(L)'
_entity_poly.pdbx_seq_one_letter_code
;GPRARDLGVPFEGTPGALNAITDVAGVEVGHTTVISGDGAMVIGKGPYRTGVTIIHPLGKTSLDGVAAGRAVINGTGEWT
GMHLVDEVGQFLGPIALTGTGNVGLVHQSMMDWSVGKVPEEALFSRLLPVVAETLDNRLNDVFGHGLTRDHVFAALDGAK
GGPVAEGNVGGGTGMIAYTFKGGIGTSSRVVSAGDTRYTVGVLVQANHGDRNDLRIAGVQIGKEIKGAWPEVNGIVAAGP
DAGKPQDKNSLLIVIATDAPLMPHQLERMARRAALGVGRNGSTAGALSGEFALAFSTSHVIPLGGKPRLPAIINDTDSET
MNALFRGVVQATEEALVNQLVASETMTGANNAKVYGIPHDQLARIMKARFPRR
;
_entity_poly.pdbx_strand_id   A,B,C,D
#
loop_
_chem_comp.id
_chem_comp.type
_chem_comp.name
_chem_comp.formula
AIC non-polymer '(2S,5R,6R)-6-{[(2R)-2-AMINO-2-PHENYLETHANOYL]AMINO}-3,3-DIMETHYL-7-OXO-4-THIA-1-AZABICYCLO[3.2.0]HEPTANE-2-CARBOXYLIC ACID' 'C16 H19 N3 O4 S'
GOL non-polymer GLYCEROL 'C3 H8 O3'
NDV non-polymer '(2S,4S)-2-[(1R)-1-{[(2R)-2-amino-2-phenylacetyl]amino}-2-oxoethyl]-5,5-dimethyl-1,3-thiazolidine-4-carboxylic acid' 'C16 H21 N3 O4 S'
#
# COMPACT_ATOMS: atom_id res chain seq x y z
N GLY A 1 -21.61 -28.85 21.53
CA GLY A 1 -21.26 -28.36 22.84
C GLY A 1 -21.56 -26.88 23.00
N PRO A 2 -21.27 -26.32 24.18
CA PRO A 2 -21.52 -24.90 24.43
C PRO A 2 -20.61 -24.03 23.60
N ARG A 3 -21.14 -22.90 23.13
CA ARG A 3 -20.33 -21.85 22.52
C ARG A 3 -20.13 -20.75 23.55
N ALA A 4 -19.47 -19.66 23.18
CA ALA A 4 -19.06 -18.71 24.21
C ALA A 4 -20.24 -18.14 24.99
N ARG A 5 -21.31 -17.76 24.28
CA ARG A 5 -22.48 -17.18 24.94
C ARG A 5 -23.06 -18.17 25.94
N ASP A 6 -22.97 -19.45 25.63
CA ASP A 6 -23.54 -20.48 26.50
C ASP A 6 -22.78 -20.62 27.82
N LEU A 7 -21.54 -20.15 27.85
CA LEU A 7 -20.74 -20.17 29.07
C LEU A 7 -20.85 -18.86 29.85
N GLY A 8 -21.75 -17.99 29.41
CA GLY A 8 -22.00 -16.74 30.11
C GLY A 8 -21.18 -15.55 29.67
N VAL A 9 -20.44 -15.70 28.57
CA VAL A 9 -19.68 -14.59 28.04
C VAL A 9 -20.62 -13.64 27.30
N PRO A 10 -20.65 -12.37 27.71
CA PRO A 10 -21.49 -11.36 27.05
C PRO A 10 -20.78 -10.77 25.84
N PHE A 11 -21.54 -10.50 24.78
CA PHE A 11 -21.04 -9.74 23.63
C PHE A 11 -22.08 -8.70 23.22
N GLU A 12 -21.63 -7.64 22.55
CA GLU A 12 -22.54 -6.61 22.03
C GLU A 12 -23.05 -6.98 20.64
N GLY A 13 -24.23 -6.49 20.28
CA GLY A 13 -24.77 -6.70 18.94
C GLY A 13 -25.72 -7.88 18.83
N THR A 14 -26.29 -8.07 17.65
CA THR A 14 -27.23 -9.17 17.42
C THR A 14 -26.66 -10.16 16.42
N PRO A 15 -26.39 -11.40 16.86
CA PRO A 15 -25.92 -12.38 15.88
C PRO A 15 -27.01 -12.78 14.90
N GLY A 16 -26.62 -13.31 13.75
CA GLY A 16 -27.54 -13.94 12.83
C GLY A 16 -28.03 -15.26 13.43
N ALA A 17 -28.93 -15.92 12.72
CA ALA A 17 -29.58 -17.13 13.24
C ALA A 17 -28.59 -18.22 13.70
N LEU A 18 -27.55 -18.45 12.89
CA LEU A 18 -26.58 -19.50 13.19
C LEU A 18 -25.39 -18.96 13.99
N ASN A 19 -25.27 -17.64 14.06
CA ASN A 19 -24.08 -17.00 14.65
C ASN A 19 -22.82 -17.57 14.01
N ALA A 20 -22.75 -17.50 12.68
CA ALA A 20 -21.65 -18.11 11.94
C ALA A 20 -21.55 -17.41 10.60
N ILE A 21 -20.45 -17.65 9.89
CA ILE A 21 -20.24 -17.01 8.60
C ILE A 21 -21.31 -17.42 7.59
N THR A 22 -21.86 -18.62 7.79
CA THR A 22 -22.92 -19.13 6.91
C THR A 22 -24.27 -18.42 7.05
N ASP A 23 -24.38 -17.51 8.01
CA ASP A 23 -25.54 -16.62 8.08
C ASP A 23 -25.59 -15.72 6.84
N VAL A 24 -24.44 -15.59 6.17
CA VAL A 24 -24.39 -14.86 4.90
C VAL A 24 -24.80 -15.80 3.77
N ALA A 25 -25.85 -15.44 3.05
CA ALA A 25 -26.41 -16.30 2.00
C ALA A 25 -25.36 -16.64 0.94
N GLY A 26 -25.30 -17.91 0.57
CA GLY A 26 -24.38 -18.37 -0.46
C GLY A 26 -23.17 -19.12 0.09
N VAL A 27 -22.77 -18.77 1.30
CA VAL A 27 -21.49 -19.27 1.84
C VAL A 27 -21.58 -20.72 2.33
N GLU A 28 -20.65 -21.55 1.87
CA GLU A 28 -20.52 -22.92 2.36
C GLU A 28 -19.15 -23.10 3.01
N VAL A 29 -19.12 -23.89 4.07
CA VAL A 29 -17.86 -24.24 4.74
C VAL A 29 -17.66 -25.75 4.82
N GLY A 30 -16.43 -26.19 4.60
CA GLY A 30 -16.09 -27.60 4.76
C GLY A 30 -14.75 -27.77 5.46
N HIS A 31 -14.61 -28.84 6.23
CA HIS A 31 -13.35 -29.14 6.90
C HIS A 31 -12.93 -30.56 6.58
N THR A 32 -11.61 -30.77 6.48
CA THR A 32 -11.05 -32.11 6.60
C THR A 32 -10.03 -32.05 7.71
N THR A 33 -10.16 -32.95 8.67
CA THR A 33 -9.37 -32.93 9.90
C THR A 33 -8.51 -34.19 9.94
N VAL A 34 -7.21 -34.01 10.11
CA VAL A 34 -6.26 -35.12 10.07
C VAL A 34 -5.58 -35.27 11.41
N ILE A 35 -5.94 -36.33 12.13
CA ILE A 35 -5.40 -36.60 13.45
C ILE A 35 -4.95 -38.06 13.47
N SER A 36 -3.64 -38.28 13.50
CA SER A 36 -3.11 -39.63 13.55
C SER A 36 -1.76 -39.69 14.24
N GLY A 37 -1.54 -40.76 14.99
CA GLY A 37 -0.26 -40.96 15.65
C GLY A 37 -0.09 -40.20 16.96
N ASP A 38 0.84 -40.67 17.78
CA ASP A 38 1.17 -40.05 19.05
C ASP A 38 2.65 -40.19 19.33
N GLY A 39 3.15 -39.37 20.24
CA GLY A 39 4.52 -39.48 20.68
C GLY A 39 5.51 -38.68 19.85
N ALA A 40 6.72 -39.20 19.79
CA ALA A 40 7.83 -38.45 19.24
C ALA A 40 7.66 -38.25 17.77
N MET A 41 8.02 -37.07 17.30
CA MET A 41 7.85 -36.72 15.90
C MET A 41 9.03 -37.21 15.08
N VAL A 42 8.74 -37.83 13.94
CA VAL A 42 9.77 -38.10 12.95
C VAL A 42 9.25 -37.51 11.64
N ILE A 43 10.03 -36.61 11.04
CA ILE A 43 9.55 -35.89 9.86
C ILE A 43 9.24 -36.85 8.73
N GLY A 44 7.99 -36.82 8.27
CA GLY A 44 7.52 -37.75 7.26
C GLY A 44 6.70 -38.89 7.84
N LYS A 45 6.61 -38.96 9.17
CA LYS A 45 5.89 -40.04 9.83
C LYS A 45 4.99 -39.56 10.97
N GLY A 46 4.74 -38.26 11.05
CA GLY A 46 3.86 -37.75 12.08
C GLY A 46 4.51 -37.71 13.46
N PRO A 47 3.70 -37.51 14.52
CA PRO A 47 2.23 -37.45 14.49
C PRO A 47 1.70 -36.29 13.65
N TYR A 48 0.47 -36.43 13.17
CA TYR A 48 -0.16 -35.40 12.36
C TYR A 48 -1.33 -34.81 13.12
N ARG A 49 -1.38 -33.48 13.15
CA ARG A 49 -2.54 -32.76 13.68
C ARG A 49 -2.69 -31.57 12.76
N THR A 50 -3.36 -31.76 11.63
CA THR A 50 -3.46 -30.72 10.62
C THR A 50 -4.77 -30.88 9.84
N GLY A 51 -4.90 -30.14 8.74
CA GLY A 51 -6.12 -30.26 7.96
C GLY A 51 -6.31 -29.06 7.07
N VAL A 52 -7.51 -28.94 6.50
CA VAL A 52 -7.80 -27.82 5.63
C VAL A 52 -9.26 -27.40 5.81
N THR A 53 -9.51 -26.10 5.74
CA THR A 53 -10.85 -25.55 5.83
C THR A 53 -11.14 -24.85 4.50
N ILE A 54 -12.30 -25.12 3.93
CA ILE A 54 -12.70 -24.50 2.68
C ILE A 54 -13.90 -23.59 2.90
N ILE A 55 -13.86 -22.40 2.31
CA ILE A 55 -15.00 -21.49 2.30
C ILE A 55 -15.34 -21.17 0.85
N HIS A 56 -16.52 -21.61 0.37
CA HIS A 56 -16.98 -21.26 -0.97
C HIS A 56 -17.86 -20.02 -0.83
N PRO A 57 -17.42 -18.86 -1.35
CA PRO A 57 -18.23 -17.65 -1.17
C PRO A 57 -19.64 -17.75 -1.74
N LEU A 58 -19.81 -18.46 -2.86
CA LEU A 58 -21.11 -18.55 -3.52
C LEU A 58 -21.51 -20.01 -3.72
N GLY A 59 -20.93 -20.90 -2.92
CA GLY A 59 -21.21 -22.32 -3.04
C GLY A 59 -20.26 -23.01 -3.99
N LYS A 60 -20.16 -24.33 -3.84
CA LYS A 60 -19.12 -25.10 -4.50
C LYS A 60 -19.29 -25.18 -6.02
N THR A 61 -20.47 -24.85 -6.52
CA THR A 61 -20.71 -24.95 -7.96
C THR A 61 -20.47 -23.66 -8.72
N SER A 62 -20.16 -22.58 -7.99
CA SER A 62 -20.01 -21.27 -8.61
C SER A 62 -18.71 -21.10 -9.38
N LEU A 63 -18.82 -20.61 -10.60
CA LEU A 63 -17.65 -20.27 -11.40
C LEU A 63 -17.42 -18.76 -11.40
N ASP A 64 -18.17 -18.05 -10.59
CA ASP A 64 -18.13 -16.58 -10.62
C ASP A 64 -17.20 -15.97 -9.57
N GLY A 65 -16.92 -14.68 -9.72
CA GLY A 65 -16.07 -13.97 -8.78
C GLY A 65 -16.90 -13.24 -7.74
N VAL A 66 -16.31 -12.99 -6.57
CA VAL A 66 -16.92 -12.11 -5.58
C VAL A 66 -16.02 -10.90 -5.38
N ALA A 67 -16.64 -9.73 -5.23
CA ALA A 67 -15.89 -8.52 -4.88
C ALA A 67 -15.19 -8.76 -3.54
N ALA A 68 -13.98 -8.25 -3.42
CA ALA A 68 -13.15 -8.56 -2.25
C ALA A 68 -12.10 -7.49 -2.00
N GLY A 69 -11.68 -7.39 -0.74
CA GLY A 69 -10.60 -6.49 -0.34
C GLY A 69 -9.96 -7.06 0.90
N ARG A 70 -8.67 -6.78 1.10
CA ARG A 70 -7.94 -7.38 2.23
C ARG A 70 -7.28 -6.35 3.14
N ALA A 71 -6.78 -6.82 4.28
CA ALA A 71 -5.97 -6.01 5.18
C ALA A 71 -4.90 -6.87 5.81
N VAL A 72 -3.79 -6.22 6.16
CA VAL A 72 -2.70 -6.91 6.86
C VAL A 72 -2.52 -6.30 8.24
N ILE A 73 -2.50 -7.15 9.27
CA ILE A 73 -2.11 -6.68 10.60
C ILE A 73 -0.60 -6.88 10.76
N ASN A 74 -0.13 -8.08 10.45
CA ASN A 74 1.31 -8.37 10.42
C ASN A 74 1.51 -9.44 9.36
N GLY A 75 2.33 -9.17 8.35
CA GLY A 75 2.36 -10.00 7.15
C GLY A 75 3.34 -11.17 7.09
N THR A 76 3.75 -11.69 8.24
CA THR A 76 4.67 -12.83 8.24
C THR A 76 3.90 -14.13 8.03
N GLY A 77 3.42 -14.35 6.80
CA GLY A 77 2.64 -15.53 6.51
C GLY A 77 2.30 -15.55 5.04
N GLU A 78 1.63 -16.62 4.60
CA GLU A 78 1.25 -16.73 3.20
C GLU A 78 -0.25 -16.68 3.02
N TRP A 79 -0.68 -15.98 1.96
CA TRP A 79 -2.10 -15.96 1.56
C TRP A 79 -2.08 -15.67 0.07
N THR A 80 -2.34 -16.71 -0.72
CA THR A 80 -2.25 -16.59 -2.17
C THR A 80 -3.54 -15.99 -2.75
N GLY A 81 -3.46 -15.50 -3.98
CA GLY A 81 -4.59 -14.84 -4.62
C GLY A 81 -4.81 -13.40 -4.17
N MET A 82 -3.93 -12.93 -3.29
CA MET A 82 -4.09 -11.59 -2.73
C MET A 82 -3.57 -10.48 -3.65
N HIS A 83 -2.55 -10.75 -4.45
CA HIS A 83 -2.18 -9.76 -5.46
C HIS A 83 -3.35 -9.53 -6.39
N LEU A 84 -4.01 -10.63 -6.76
CA LEU A 84 -5.21 -10.55 -7.60
C LEU A 84 -6.30 -9.69 -6.94
N VAL A 85 -6.62 -9.97 -5.68
CA VAL A 85 -7.62 -9.18 -4.97
C VAL A 85 -7.24 -7.69 -4.94
N ASP A 86 -5.99 -7.37 -4.60
CA ASP A 86 -5.55 -5.98 -4.58
C ASP A 86 -5.73 -5.30 -5.94
N GLU A 87 -5.44 -6.03 -7.02
CA GLU A 87 -5.46 -5.43 -8.36
C GLU A 87 -6.86 -5.29 -8.92
N VAL A 88 -7.58 -6.40 -9.03
CA VAL A 88 -8.88 -6.36 -9.73
C VAL A 88 -10.09 -6.39 -8.80
N GLY A 89 -9.85 -6.41 -7.50
CA GLY A 89 -10.93 -6.36 -6.51
C GLY A 89 -11.91 -7.53 -6.46
N GLN A 90 -11.47 -8.71 -6.88
CA GLN A 90 -12.30 -9.91 -6.82
C GLN A 90 -11.38 -11.12 -6.82
N PHE A 91 -11.92 -12.26 -6.40
CA PHE A 91 -11.23 -13.54 -6.59
C PHE A 91 -12.24 -14.60 -7.03
N LEU A 92 -11.73 -15.60 -7.75
CA LEU A 92 -12.51 -16.74 -8.19
C LEU A 92 -12.19 -17.92 -7.29
N GLY A 93 -13.13 -18.85 -7.17
CA GLY A 93 -12.86 -20.10 -6.48
C GLY A 93 -12.96 -19.95 -4.99
N PRO A 94 -12.64 -21.03 -4.26
CA PRO A 94 -12.77 -21.10 -2.81
C PRO A 94 -11.61 -20.45 -2.08
N ILE A 95 -11.84 -20.18 -0.80
CA ILE A 95 -10.75 -19.81 0.11
C ILE A 95 -10.35 -21.08 0.86
N ALA A 96 -9.07 -21.41 0.87
CA ALA A 96 -8.57 -22.52 1.68
C ALA A 96 -7.71 -22.00 2.83
N LEU A 97 -8.01 -22.46 4.04
CA LEU A 97 -7.23 -22.14 5.23
C LEU A 97 -6.58 -23.42 5.71
N THR A 98 -5.27 -23.42 5.94
CA THR A 98 -4.58 -24.67 6.23
C THR A 98 -3.30 -24.44 7.05
N GLY A 99 -2.57 -25.52 7.31
CA GLY A 99 -1.28 -25.46 7.97
C GLY A 99 -0.21 -25.08 6.96
N THR A 100 0.81 -24.36 7.44
CA THR A 100 1.85 -23.83 6.57
C THR A 100 2.45 -24.86 5.64
N GLY A 101 2.68 -26.07 6.16
CA GLY A 101 3.34 -27.10 5.38
C GLY A 101 2.49 -27.63 4.24
N ASN A 102 1.20 -27.27 4.23
CA ASN A 102 0.23 -27.80 3.29
C ASN A 102 -0.08 -26.89 2.10
N VAL A 103 0.46 -25.66 2.11
CA VAL A 103 0.04 -24.65 1.16
C VAL A 103 0.18 -25.07 -0.30
N GLY A 104 1.36 -25.57 -0.67
CA GLY A 104 1.63 -26.02 -2.02
C GLY A 104 0.69 -27.14 -2.46
N LEU A 105 0.54 -28.14 -1.60
CA LEU A 105 -0.34 -29.26 -1.88
C LEU A 105 -1.78 -28.80 -2.10
N VAL A 106 -2.26 -27.91 -1.23
CA VAL A 106 -3.64 -27.43 -1.35
C VAL A 106 -3.83 -26.63 -2.64
N HIS A 107 -2.83 -25.80 -2.95
CA HIS A 107 -2.86 -24.90 -4.10
C HIS A 107 -2.96 -25.73 -5.39
N GLN A 108 -2.12 -26.73 -5.53
CA GLN A 108 -2.21 -27.58 -6.72
C GLN A 108 -3.49 -28.43 -6.74
N SER A 109 -3.91 -28.90 -5.56
CA SER A 109 -5.13 -29.71 -5.48
C SER A 109 -6.37 -28.93 -5.93
N MET A 110 -6.41 -27.63 -5.64
CA MET A 110 -7.55 -26.82 -6.04
C MET A 110 -7.60 -26.67 -7.56
N MET A 111 -6.43 -26.59 -8.19
CA MET A 111 -6.37 -26.61 -9.65
C MET A 111 -6.89 -27.95 -10.19
N ASP A 112 -6.37 -29.05 -9.64
CA ASP A 112 -6.76 -30.40 -10.04
C ASP A 112 -8.28 -30.62 -9.92
N TRP A 113 -8.83 -30.10 -8.84
CA TRP A 113 -10.27 -30.18 -8.58
C TRP A 113 -11.13 -29.56 -9.69
N SER A 114 -10.64 -28.46 -10.28
CA SER A 114 -11.39 -27.77 -11.33
C SER A 114 -11.44 -28.55 -12.64
N VAL A 115 -10.42 -29.37 -12.87
CA VAL A 115 -10.36 -30.13 -14.11
C VAL A 115 -11.52 -31.12 -14.15
N GLY A 116 -12.31 -31.06 -15.22
CA GLY A 116 -13.50 -31.89 -15.35
C GLY A 116 -14.77 -31.23 -14.87
N LYS A 117 -14.65 -30.29 -13.94
CA LYS A 117 -15.82 -29.59 -13.41
C LYS A 117 -16.02 -28.26 -14.12
N VAL A 118 -14.94 -27.72 -14.65
CA VAL A 118 -14.95 -26.41 -15.28
C VAL A 118 -14.67 -26.55 -16.77
N PRO A 119 -15.49 -25.92 -17.62
CA PRO A 119 -15.22 -25.94 -19.05
C PRO A 119 -13.79 -25.54 -19.36
N GLU A 120 -13.15 -26.28 -20.26
CA GLU A 120 -11.77 -26.00 -20.63
C GLU A 120 -11.58 -24.54 -21.04
N GLU A 121 -12.67 -23.90 -21.46
CA GLU A 121 -12.63 -22.51 -21.88
C GLU A 121 -12.51 -21.57 -20.68
N ALA A 122 -12.99 -22.03 -19.53
CA ALA A 122 -12.93 -21.24 -18.30
C ALA A 122 -11.84 -21.70 -17.33
N LEU A 123 -11.06 -22.70 -17.70
CA LEU A 123 -10.07 -23.24 -16.78
C LEU A 123 -9.03 -22.23 -16.30
N PHE A 124 -8.63 -21.30 -17.16
CA PHE A 124 -7.56 -20.39 -16.77
C PHE A 124 -8.02 -19.51 -15.60
N SER A 125 -9.33 -19.35 -15.47
CA SER A 125 -9.90 -18.62 -14.33
C SER A 125 -9.67 -19.33 -12.99
N ARG A 126 -9.17 -20.56 -13.03
CA ARG A 126 -9.03 -21.35 -11.81
C ARG A 126 -7.57 -21.44 -11.39
N LEU A 127 -6.72 -20.61 -11.99
CA LEU A 127 -5.28 -20.76 -11.82
C LEU A 127 -4.65 -19.85 -10.78
N LEU A 128 -5.47 -19.06 -10.09
CA LEU A 128 -4.98 -18.25 -8.98
C LEU A 128 -5.75 -18.57 -7.69
N PRO A 129 -5.68 -19.84 -7.26
CA PRO A 129 -6.42 -20.22 -6.04
C PRO A 129 -5.97 -19.47 -4.80
N VAL A 130 -6.90 -19.35 -3.86
CA VAL A 130 -6.68 -18.60 -2.63
C VAL A 130 -6.44 -19.57 -1.49
N VAL A 131 -5.20 -19.59 -0.98
CA VAL A 131 -4.77 -20.53 0.05
C VAL A 131 -3.99 -19.76 1.10
N ALA A 132 -4.35 -19.93 2.37
CA ALA A 132 -3.71 -19.17 3.45
C ALA A 132 -3.31 -20.10 4.58
N GLU A 133 -2.31 -19.69 5.37
CA GLU A 133 -1.77 -20.57 6.42
C GLU A 133 -1.57 -19.95 7.79
N THR A 134 -1.60 -20.82 8.81
CA THR A 134 -0.97 -20.58 10.10
C THR A 134 -0.15 -21.84 10.40
N LEU A 135 0.83 -21.73 11.29
CA LEU A 135 1.78 -22.83 11.48
C LEU A 135 1.43 -23.73 12.68
N ASP A 136 1.15 -25.00 12.40
CA ASP A 136 0.81 -25.95 13.46
C ASP A 136 2.06 -26.72 13.93
N ASN A 137 3.17 -26.00 14.08
CA ASN A 137 4.47 -26.64 14.30
C ASN A 137 4.67 -27.27 15.67
N ARG A 138 3.84 -26.92 16.64
CA ARG A 138 4.02 -27.47 17.97
C ARG A 138 3.28 -28.78 18.18
N LEU A 139 2.25 -29.03 17.37
CA LEU A 139 1.43 -30.24 17.50
C LEU A 139 1.50 -31.18 16.29
N ASN A 140 2.10 -30.73 15.21
CA ASN A 140 1.99 -31.42 13.93
C ASN A 140 3.34 -31.59 13.25
N ASP A 141 3.52 -32.73 12.58
CA ASP A 141 4.65 -32.92 11.67
C ASP A 141 4.44 -32.10 10.39
N VAL A 142 4.85 -30.84 10.44
CA VAL A 142 4.56 -29.85 9.40
C VAL A 142 5.01 -30.26 8.00
N PHE A 143 6.23 -30.78 7.91
CA PHE A 143 6.87 -31.08 6.65
C PHE A 143 6.56 -32.49 6.16
N GLY A 144 5.84 -33.26 6.96
CA GLY A 144 5.72 -34.70 6.73
C GLY A 144 4.63 -35.24 5.81
N HIS A 145 4.03 -34.35 5.01
CA HIS A 145 3.06 -34.77 4.00
C HIS A 145 1.85 -35.50 4.58
N GLY A 146 1.36 -35.03 5.72
CA GLY A 146 0.19 -35.63 6.35
C GLY A 146 -1.10 -35.32 5.60
N LEU A 147 -1.10 -34.24 4.84
CA LEU A 147 -2.30 -33.85 4.10
C LEU A 147 -2.19 -34.34 2.66
N THR A 148 -3.28 -34.93 2.16
CA THR A 148 -3.31 -35.48 0.81
C THR A 148 -4.29 -34.71 -0.06
N ARG A 149 -4.15 -34.86 -1.37
CA ARG A 149 -5.08 -34.25 -2.30
C ARG A 149 -6.50 -34.71 -2.02
N ASP A 150 -6.68 -36.00 -1.70
CA ASP A 150 -8.00 -36.49 -1.33
C ASP A 150 -8.61 -35.77 -0.14
N HIS A 151 -7.78 -35.42 0.86
CA HIS A 151 -8.27 -34.64 2.00
C HIS A 151 -8.83 -33.31 1.51
N VAL A 152 -8.14 -32.70 0.55
CA VAL A 152 -8.56 -31.41 0.03
C VAL A 152 -9.84 -31.53 -0.78
N PHE A 153 -9.92 -32.54 -1.64
CA PHE A 153 -11.13 -32.79 -2.41
C PHE A 153 -12.31 -32.99 -1.47
N ALA A 154 -12.09 -33.72 -0.38
CA ALA A 154 -13.18 -34.02 0.55
C ALA A 154 -13.75 -32.75 1.17
N ALA A 155 -12.88 -31.77 1.46
CA ALA A 155 -13.33 -30.54 2.08
C ALA A 155 -14.05 -29.68 1.05
N LEU A 156 -13.52 -29.64 -0.17
CA LEU A 156 -14.16 -28.91 -1.26
C LEU A 156 -15.55 -29.45 -1.57
N ASP A 157 -15.67 -30.77 -1.65
CA ASP A 157 -16.93 -31.40 -2.05
C ASP A 157 -17.93 -31.53 -0.90
N GLY A 158 -17.45 -31.59 0.33
CA GLY A 158 -18.31 -31.78 1.49
C GLY A 158 -18.77 -30.50 2.14
N ALA A 159 -18.29 -29.36 1.65
CA ALA A 159 -18.65 -28.08 2.25
C ALA A 159 -20.17 -27.88 2.16
N LYS A 160 -20.72 -27.15 3.11
CA LYS A 160 -22.16 -26.94 3.13
C LYS A 160 -22.52 -25.70 3.91
N GLY A 161 -23.75 -25.23 3.74
CA GLY A 161 -24.27 -24.12 4.54
C GLY A 161 -24.66 -24.63 5.92
N GLY A 162 -25.42 -23.84 6.66
CA GLY A 162 -25.87 -24.24 7.98
C GLY A 162 -24.77 -24.15 9.01
N PRO A 163 -24.99 -24.75 10.20
CA PRO A 163 -24.04 -24.64 11.32
C PRO A 163 -22.61 -25.04 10.92
N VAL A 164 -21.65 -24.29 11.45
CA VAL A 164 -20.25 -24.52 11.13
C VAL A 164 -19.51 -25.17 12.28
N ALA A 165 -18.81 -26.27 12.02
CA ALA A 165 -18.07 -26.92 13.09
C ALA A 165 -16.90 -26.04 13.51
N GLU A 166 -16.73 -25.87 14.81
CA GLU A 166 -15.64 -25.04 15.34
C GLU A 166 -14.62 -25.90 16.09
N GLY A 167 -13.52 -25.27 16.52
CA GLY A 167 -12.54 -25.91 17.38
C GLY A 167 -11.40 -26.57 16.62
N ASN A 168 -11.04 -27.79 17.05
CA ASN A 168 -9.92 -28.50 16.46
C ASN A 168 -10.29 -29.22 15.17
N VAL A 169 -10.64 -28.45 14.15
CA VAL A 169 -11.09 -29.03 12.90
C VAL A 169 -10.44 -28.34 11.72
N GLY A 170 -10.40 -29.02 10.59
CA GLY A 170 -9.85 -28.44 9.36
C GLY A 170 -8.50 -27.78 9.57
N GLY A 171 -8.36 -26.58 9.02
CA GLY A 171 -7.10 -25.86 9.11
C GLY A 171 -6.67 -25.57 10.54
N GLY A 172 -7.65 -25.52 11.44
CA GLY A 172 -7.40 -25.18 12.83
C GLY A 172 -6.90 -26.32 13.72
N THR A 173 -6.95 -27.54 13.19
CA THR A 173 -6.76 -28.76 13.97
C THR A 173 -5.57 -28.71 14.95
N GLY A 174 -4.40 -28.34 14.44
CA GLY A 174 -3.20 -28.34 15.28
C GLY A 174 -2.71 -26.99 15.78
N MET A 175 -3.62 -26.00 15.86
CA MET A 175 -3.21 -24.64 16.21
C MET A 175 -3.29 -24.35 17.72
N ILE A 176 -2.62 -23.27 18.12
CA ILE A 176 -2.53 -22.85 19.51
C ILE A 176 -2.78 -21.35 19.55
N ALA A 177 -3.71 -20.91 20.39
CA ALA A 177 -4.07 -19.50 20.51
C ALA A 177 -4.09 -19.04 21.97
N TYR A 178 -3.44 -17.91 22.23
CA TYR A 178 -3.31 -17.36 23.58
C TYR A 178 -2.78 -18.41 24.57
N THR A 179 -1.91 -19.29 24.09
CA THR A 179 -1.30 -20.34 24.91
C THR A 179 -2.31 -21.41 25.36
N PHE A 180 -3.54 -21.29 24.85
CA PHE A 180 -4.54 -22.35 24.97
C PHE A 180 -4.72 -23.01 23.61
N LYS A 181 -5.60 -24.00 23.52
CA LYS A 181 -5.78 -24.69 22.24
C LYS A 181 -6.40 -23.72 21.22
N GLY A 182 -5.79 -23.64 20.03
CA GLY A 182 -6.32 -22.82 18.96
C GLY A 182 -7.21 -23.63 18.01
N GLY A 183 -7.62 -23.02 16.90
CA GLY A 183 -8.53 -23.71 16.00
C GLY A 183 -9.41 -22.77 15.20
N ILE A 184 -10.60 -23.25 14.85
CA ILE A 184 -11.56 -22.47 14.07
C ILE A 184 -12.65 -21.87 14.96
N GLY A 185 -13.01 -20.61 14.71
CA GLY A 185 -14.15 -20.00 15.39
C GLY A 185 -14.96 -19.18 14.41
N THR A 186 -16.24 -18.98 14.70
CA THR A 186 -17.08 -18.18 13.80
C THR A 186 -18.18 -17.44 14.56
N SER A 187 -18.62 -16.31 14.01
CA SER A 187 -19.70 -15.51 14.60
C SER A 187 -20.28 -14.65 13.48
N SER A 188 -21.47 -14.10 13.69
CA SER A 188 -22.02 -13.15 12.74
C SER A 188 -22.73 -12.03 13.47
N ARG A 189 -22.98 -10.93 12.75
CA ARG A 189 -23.84 -9.88 13.24
C ARG A 189 -24.82 -9.48 12.15
N VAL A 190 -26.05 -9.20 12.55
CA VAL A 190 -27.01 -8.57 11.65
C VAL A 190 -27.10 -7.11 12.06
N VAL A 191 -26.81 -6.21 11.12
CA VAL A 191 -26.61 -4.81 11.47
C VAL A 191 -27.60 -3.91 10.74
N SER A 192 -28.15 -2.95 11.47
CA SER A 192 -29.17 -2.07 10.90
C SER A 192 -28.56 -0.83 10.26
N ALA A 193 -28.73 -0.72 8.95
CA ALA A 193 -28.31 0.46 8.19
C ALA A 193 -29.55 1.16 7.68
N GLY A 194 -30.19 1.95 8.56
CA GLY A 194 -31.43 2.61 8.20
C GLY A 194 -32.56 1.59 8.17
N ASP A 195 -33.22 1.49 7.02
CA ASP A 195 -34.31 0.54 6.86
C ASP A 195 -33.83 -0.76 6.24
N THR A 196 -32.51 -0.92 6.12
CA THR A 196 -31.94 -2.13 5.57
C THR A 196 -31.01 -2.78 6.59
N ARG A 197 -31.16 -4.08 6.77
CA ARG A 197 -30.31 -4.81 7.71
C ARG A 197 -29.40 -5.73 6.91
N TYR A 198 -28.09 -5.60 7.12
CA TYR A 198 -27.11 -6.45 6.44
C TYR A 198 -26.58 -7.51 7.38
N THR A 199 -25.99 -8.56 6.82
CA THR A 199 -25.32 -9.57 7.62
C THR A 199 -23.80 -9.50 7.42
N VAL A 200 -23.07 -9.55 8.53
CA VAL A 200 -21.62 -9.64 8.50
C VAL A 200 -21.24 -10.93 9.22
N GLY A 201 -20.61 -11.83 8.49
CA GLY A 201 -20.15 -13.09 9.05
C GLY A 201 -18.63 -13.20 9.11
N VAL A 202 -18.11 -13.81 10.16
CA VAL A 202 -16.66 -13.92 10.31
C VAL A 202 -16.24 -15.34 10.69
N LEU A 203 -15.20 -15.84 10.03
CA LEU A 203 -14.62 -17.11 10.44
C LEU A 203 -13.14 -16.87 10.65
N VAL A 204 -12.61 -17.40 11.75
CA VAL A 204 -11.18 -17.26 12.04
C VAL A 204 -10.49 -18.61 12.15
N GLN A 205 -9.24 -18.65 11.72
CA GLN A 205 -8.33 -19.75 12.08
C GLN A 205 -7.27 -19.10 12.96
N ALA A 206 -7.30 -19.43 14.25
CA ALA A 206 -6.54 -18.71 15.27
C ALA A 206 -5.37 -19.53 15.78
N ASN A 207 -4.18 -18.92 15.74
CA ASN A 207 -2.93 -19.57 16.12
C ASN A 207 -2.03 -18.51 16.74
N HIS A 208 -2.66 -17.52 17.38
CA HIS A 208 -1.98 -16.27 17.73
C HIS A 208 -2.11 -15.93 19.22
N GLY A 209 -1.32 -14.95 19.68
CA GLY A 209 -1.57 -14.34 20.97
C GLY A 209 -0.91 -15.07 22.13
N ASP A 210 -0.86 -14.37 23.26
CA ASP A 210 -0.30 -14.91 24.50
C ASP A 210 -1.37 -14.92 25.60
N ARG A 211 -1.31 -15.93 26.45
CA ARG A 211 -2.23 -16.03 27.57
C ARG A 211 -2.22 -14.78 28.44
N ASN A 212 -1.04 -14.20 28.64
CA ASN A 212 -0.92 -13.02 29.48
C ASN A 212 -1.67 -11.79 28.92
N ASP A 213 -1.88 -11.77 27.61
CA ASP A 213 -2.54 -10.61 26.99
C ASP A 213 -4.05 -10.81 26.85
N LEU A 214 -4.48 -12.06 26.89
CA LEU A 214 -5.88 -12.40 26.56
C LEU A 214 -6.96 -11.65 27.35
N ARG A 215 -7.87 -11.03 26.63
CA ARG A 215 -9.09 -10.49 27.23
C ARG A 215 -10.32 -11.19 26.65
N ILE A 216 -11.24 -11.59 27.52
CA ILE A 216 -12.54 -12.07 27.09
C ILE A 216 -13.59 -11.17 27.73
N ALA A 217 -14.42 -10.54 26.90
CA ALA A 217 -15.38 -9.55 27.37
C ALA A 217 -14.68 -8.50 28.24
N GLY A 218 -13.47 -8.13 27.83
CA GLY A 218 -12.70 -7.10 28.53
C GLY A 218 -11.94 -7.57 29.75
N VAL A 219 -12.15 -8.83 30.15
CA VAL A 219 -11.51 -9.36 31.35
C VAL A 219 -10.14 -9.96 31.04
N GLN A 220 -9.08 -9.42 31.63
CA GLN A 220 -7.75 -9.98 31.43
C GLN A 220 -7.68 -11.31 32.17
N ILE A 221 -7.97 -12.38 31.46
CA ILE A 221 -8.40 -13.63 32.08
C ILE A 221 -7.28 -14.64 32.33
N GLY A 222 -6.13 -14.41 31.70
CA GLY A 222 -5.01 -15.34 31.80
C GLY A 222 -4.60 -15.65 33.23
N LYS A 223 -4.54 -14.62 34.08
CA LYS A 223 -4.10 -14.78 35.45
C LYS A 223 -5.22 -15.26 36.37
N GLU A 224 -6.45 -15.19 35.89
CA GLU A 224 -7.60 -15.62 36.68
C GLU A 224 -7.81 -17.13 36.56
N ILE A 225 -7.33 -17.69 35.45
CA ILE A 225 -7.44 -19.12 35.24
C ILE A 225 -6.28 -19.82 35.94
N LYS A 226 -6.58 -20.87 36.68
CA LYS A 226 -5.55 -21.61 37.41
C LYS A 226 -5.16 -22.84 36.61
N GLY A 227 -3.87 -23.03 36.40
CA GLY A 227 -3.38 -24.17 35.64
C GLY A 227 -3.70 -24.07 34.16
N ALA A 228 -3.80 -25.22 33.50
CA ALA A 228 -4.12 -25.31 32.08
C ALA A 228 -3.02 -24.76 31.17
N TRP A 229 -1.80 -24.64 31.69
CA TRP A 229 -0.66 -24.29 30.85
C TRP A 229 -0.25 -25.52 30.02
N PRO A 230 0.42 -25.30 28.88
CA PRO A 230 0.82 -26.45 28.08
C PRO A 230 1.85 -27.32 28.82
N GLU A 231 1.91 -28.60 28.44
CA GLU A 231 2.85 -29.54 29.05
C GLU A 231 3.63 -30.28 27.98
N VAL A 232 4.74 -30.90 28.40
CA VAL A 232 5.38 -31.91 27.57
C VAL A 232 5.62 -33.11 28.47
N ASN A 233 5.13 -34.28 28.07
CA ASN A 233 5.35 -35.50 28.86
C ASN A 233 5.01 -35.31 30.34
N GLY A 234 3.89 -34.65 30.62
CA GLY A 234 3.42 -34.50 31.98
C GLY A 234 4.16 -33.45 32.80
N ILE A 235 5.02 -32.69 32.14
CA ILE A 235 5.73 -31.60 32.78
C ILE A 235 5.24 -30.25 32.26
N VAL A 236 4.79 -29.39 33.16
CA VAL A 236 4.36 -28.06 32.78
C VAL A 236 5.47 -27.39 31.99
N ALA A 237 5.10 -26.83 30.83
CA ALA A 237 6.08 -26.34 29.87
C ALA A 237 6.02 -24.84 29.64
N ALA A 238 5.09 -24.15 30.29
CA ALA A 238 5.00 -22.70 30.14
C ALA A 238 4.40 -22.05 31.37
N GLY A 239 4.58 -20.74 31.48
CA GLY A 239 4.00 -19.98 32.57
C GLY A 239 4.82 -19.99 33.85
N PRO A 240 4.19 -19.59 34.97
CA PRO A 240 4.80 -19.49 36.30
C PRO A 240 5.43 -20.80 36.76
N ASP A 241 4.72 -21.91 36.56
CA ASP A 241 5.16 -23.20 37.08
C ASP A 241 5.85 -24.07 36.03
N ALA A 242 6.49 -23.43 35.06
CA ALA A 242 7.19 -24.15 34.00
C ALA A 242 8.31 -25.00 34.56
N GLY A 243 8.32 -26.28 34.17
CA GLY A 243 9.34 -27.22 34.64
C GLY A 243 8.84 -28.11 35.75
N LYS A 244 7.75 -27.69 36.39
CA LYS A 244 7.17 -28.46 37.49
C LYS A 244 6.24 -29.55 36.97
N PRO A 245 5.90 -30.53 37.82
CA PRO A 245 4.96 -31.59 37.44
C PRO A 245 3.53 -31.06 37.36
N SER A 250 -0.13 -16.43 14.57
CA SER A 250 -0.80 -16.09 13.31
C SER A 250 -2.30 -16.25 13.39
N LEU A 251 -3.01 -15.52 12.53
CA LEU A 251 -4.46 -15.44 12.62
C LEU A 251 -5.03 -15.09 11.26
N LEU A 252 -5.94 -15.93 10.76
CA LEU A 252 -6.57 -15.69 9.48
C LEU A 252 -8.02 -15.34 9.72
N ILE A 253 -8.44 -14.20 9.18
CA ILE A 253 -9.78 -13.72 9.42
C ILE A 253 -10.49 -13.58 8.09
N VAL A 254 -11.60 -14.29 7.93
CA VAL A 254 -12.40 -14.23 6.71
C VAL A 254 -13.74 -13.58 7.02
N ILE A 255 -14.03 -12.49 6.32
CA ILE A 255 -15.25 -11.70 6.52
C ILE A 255 -16.14 -11.83 5.31
N ALA A 256 -17.38 -12.27 5.52
CA ALA A 256 -18.36 -12.31 4.44
C ALA A 256 -19.48 -11.31 4.74
N THR A 257 -20.00 -10.68 3.70
CA THR A 257 -21.16 -9.82 3.92
C THR A 257 -22.08 -9.87 2.72
N ASP A 258 -23.38 -9.71 2.95
CA ASP A 258 -24.30 -9.52 1.84
C ASP A 258 -24.49 -8.06 1.47
N ALA A 259 -23.74 -7.16 2.11
CA ALA A 259 -23.80 -5.77 1.73
C ALA A 259 -23.16 -5.65 0.34
N PRO A 260 -23.79 -4.88 -0.55
CA PRO A 260 -23.27 -4.75 -1.91
C PRO A 260 -22.11 -3.75 -1.98
N LEU A 261 -20.97 -4.13 -1.42
CA LEU A 261 -19.84 -3.21 -1.33
C LEU A 261 -18.90 -3.33 -2.54
N MET A 262 -18.28 -2.22 -2.92
CA MET A 262 -17.24 -2.25 -3.94
C MET A 262 -15.94 -2.70 -3.30
N PRO A 263 -14.97 -3.13 -4.10
CA PRO A 263 -13.73 -3.70 -3.57
C PRO A 263 -13.00 -2.78 -2.56
N HIS A 264 -12.87 -1.49 -2.86
CA HIS A 264 -12.19 -0.60 -1.93
C HIS A 264 -12.98 -0.52 -0.62
N GLN A 265 -14.29 -0.71 -0.69
CA GLN A 265 -15.11 -0.67 0.53
C GLN A 265 -14.89 -1.92 1.37
N LEU A 266 -14.62 -3.03 0.69
CA LEU A 266 -14.33 -4.26 1.40
C LEU A 266 -12.95 -4.20 2.05
N GLU A 267 -12.03 -3.44 1.48
CA GLU A 267 -10.74 -3.22 2.17
C GLU A 267 -11.00 -2.54 3.50
N ARG A 268 -11.95 -1.60 3.51
CA ARG A 268 -12.27 -0.92 4.74
C ARG A 268 -12.80 -1.91 5.78
N MET A 269 -13.71 -2.79 5.36
CA MET A 269 -14.22 -3.84 6.25
C MET A 269 -13.08 -4.67 6.82
N ALA A 270 -12.15 -5.07 5.95
CA ALA A 270 -11.02 -5.88 6.37
C ALA A 270 -10.16 -5.16 7.41
N ARG A 271 -10.01 -3.85 7.27
CA ARG A 271 -9.18 -3.07 8.22
C ARG A 271 -9.84 -2.93 9.59
N ARG A 272 -11.13 -3.25 9.68
CA ARG A 272 -11.81 -3.25 10.97
C ARG A 272 -11.45 -4.47 11.82
N ALA A 273 -10.98 -5.54 11.19
CA ALA A 273 -10.69 -6.77 11.95
C ALA A 273 -9.68 -6.52 13.07
N ALA A 274 -8.66 -5.72 12.77
CA ALA A 274 -7.66 -5.37 13.78
C ALA A 274 -8.25 -4.81 15.07
N LEU A 275 -9.33 -4.05 14.97
CA LEU A 275 -9.97 -3.49 16.15
C LEU A 275 -10.63 -4.58 17.00
N GLY A 276 -11.32 -5.52 16.35
CA GLY A 276 -11.90 -6.66 17.03
C GLY A 276 -10.84 -7.53 17.68
N VAL A 277 -9.75 -7.75 16.95
CA VAL A 277 -8.61 -8.46 17.53
C VAL A 277 -8.08 -7.69 18.73
N GLY A 278 -7.90 -6.37 18.57
CA GLY A 278 -7.42 -5.51 19.65
C GLY A 278 -8.23 -5.69 20.92
N ARG A 279 -9.55 -5.84 20.80
CA ARG A 279 -10.41 -5.99 21.99
C ARG A 279 -9.98 -7.14 22.87
N ASN A 280 -9.45 -8.19 22.27
CA ASN A 280 -9.11 -9.40 23.00
C ASN A 280 -7.66 -9.46 23.46
N GLY A 281 -6.94 -8.35 23.28
CA GLY A 281 -5.68 -8.17 23.99
C GLY A 281 -4.37 -8.48 23.30
N SER A 282 -4.39 -9.22 22.20
CA SER A 282 -3.13 -9.61 21.59
C SER A 282 -2.41 -8.43 20.94
N THR A 283 -1.10 -8.57 20.73
CA THR A 283 -0.31 -7.44 20.28
C THR A 283 0.47 -7.71 18.99
N ALA A 284 0.10 -8.79 18.30
CA ALA A 284 0.71 -9.20 17.03
C ALA A 284 2.23 -9.41 17.10
N GLY A 285 2.62 -10.62 17.48
CA GLY A 285 4.04 -10.96 17.58
C GLY A 285 4.78 -10.80 16.26
N ALA A 286 6.11 -10.74 16.32
CA ALA A 286 6.95 -10.50 15.14
C ALA A 286 6.73 -11.49 14.02
N LEU A 287 6.47 -12.75 14.37
CA LEU A 287 6.30 -13.77 13.34
C LEU A 287 4.84 -14.25 13.25
N SER A 288 3.93 -13.46 13.81
CA SER A 288 2.50 -13.79 13.79
C SER A 288 1.85 -13.22 12.53
N GLY A 289 1.56 -14.09 11.55
CA GLY A 289 0.96 -13.67 10.31
C GLY A 289 -0.53 -13.48 10.50
N GLU A 290 -0.94 -12.23 10.67
CA GLU A 290 -2.32 -11.89 10.98
C GLU A 290 -2.88 -11.07 9.84
N PHE A 291 -3.91 -11.63 9.17
CA PHE A 291 -4.42 -11.12 7.90
C PHE A 291 -5.94 -11.17 7.92
N ALA A 292 -6.59 -10.29 7.15
CA ALA A 292 -8.05 -10.31 7.00
C ALA A 292 -8.42 -10.17 5.53
N LEU A 293 -9.44 -10.92 5.10
CA LEU A 293 -9.97 -10.88 3.74
C LEU A 293 -11.47 -10.72 3.85
N ALA A 294 -12.02 -9.74 3.17
CA ALA A 294 -13.47 -9.51 3.18
C ALA A 294 -14.05 -9.64 1.78
N PHE A 295 -15.21 -10.28 1.67
CA PHE A 295 -15.87 -10.36 0.38
C PHE A 295 -17.36 -10.12 0.48
N SER A 296 -17.96 -9.70 -0.62
CA SER A 296 -19.41 -9.51 -0.69
C SER A 296 -20.06 -10.63 -1.50
N THR A 297 -21.17 -11.19 -1.00
CA THR A 297 -21.87 -12.21 -1.76
C THR A 297 -22.98 -11.62 -2.63
N SER A 298 -23.17 -10.31 -2.56
CA SER A 298 -24.17 -9.66 -3.40
C SER A 298 -23.54 -8.94 -4.59
N HIS A 299 -22.29 -8.52 -4.43
CA HIS A 299 -21.57 -7.90 -5.53
C HIS A 299 -20.74 -9.00 -6.19
N VAL A 300 -21.33 -9.60 -7.23
CA VAL A 300 -20.81 -10.82 -7.83
C VAL A 300 -20.38 -10.49 -9.24
N ILE A 301 -19.34 -11.15 -9.73
CA ILE A 301 -18.88 -10.89 -11.09
C ILE A 301 -18.96 -12.17 -11.91
N PRO A 302 -20.04 -12.33 -12.68
CA PRO A 302 -20.16 -13.51 -13.53
C PRO A 302 -18.92 -13.64 -14.40
N LEU A 303 -18.44 -14.86 -14.55
CA LEU A 303 -17.23 -15.12 -15.30
C LEU A 303 -17.39 -14.60 -16.71
N GLY A 304 -16.51 -13.67 -17.08
CA GLY A 304 -16.50 -13.06 -18.40
C GLY A 304 -17.71 -12.18 -18.69
N GLY A 305 -18.41 -11.76 -17.64
CA GLY A 305 -19.65 -11.02 -17.84
C GLY A 305 -19.64 -9.68 -17.15
N LYS A 306 -20.82 -9.08 -17.05
CA LYS A 306 -20.95 -7.78 -16.43
C LYS A 306 -21.10 -7.93 -14.93
N PRO A 307 -20.36 -7.13 -14.15
CA PRO A 307 -20.53 -7.22 -12.69
C PRO A 307 -21.98 -6.92 -12.29
N ARG A 308 -22.47 -7.66 -11.30
CA ARG A 308 -23.81 -7.47 -10.77
C ARG A 308 -23.69 -6.78 -9.42
N LEU A 309 -24.16 -5.55 -9.36
CA LEU A 309 -24.12 -4.74 -8.14
C LEU A 309 -25.55 -4.24 -7.89
N PRO A 310 -26.28 -4.93 -7.02
CA PRO A 310 -27.74 -4.76 -6.90
C PRO A 310 -28.14 -3.43 -6.27
N ALA A 311 -27.24 -2.84 -5.51
CA ALA A 311 -27.44 -1.51 -4.94
C ALA A 311 -26.05 -0.93 -4.71
N ILE A 312 -25.96 0.37 -4.46
CA ILE A 312 -24.66 0.98 -4.30
C ILE A 312 -24.62 1.86 -3.06
N ILE A 313 -23.50 1.82 -2.34
CA ILE A 313 -23.38 2.48 -1.05
C ILE A 313 -22.31 3.58 -1.05
N ASN A 314 -22.66 4.71 -0.46
CA ASN A 314 -21.76 5.85 -0.33
C ASN A 314 -20.84 5.65 0.87
N ASP A 315 -19.53 5.70 0.62
CA ASP A 315 -18.54 5.58 1.71
C ASP A 315 -18.70 6.59 2.83
N THR A 316 -19.33 7.71 2.53
CA THR A 316 -19.46 8.76 3.52
C THR A 316 -20.81 8.70 4.24
N ASP A 317 -21.60 7.66 3.94
CA ASP A 317 -22.86 7.39 4.64
C ASP A 317 -22.54 6.66 5.94
N SER A 318 -22.38 7.40 7.02
CA SER A 318 -21.99 6.83 8.30
CA SER A 318 -22.02 6.84 8.31
C SER A 318 -23.05 5.87 8.85
N GLU A 319 -24.32 6.15 8.58
CA GLU A 319 -25.36 5.28 9.09
C GLU A 319 -25.15 3.85 8.58
N THR A 320 -24.87 3.74 7.28
CA THR A 320 -24.68 2.43 6.68
C THR A 320 -23.31 1.85 7.01
N MET A 321 -22.27 2.64 6.79
CA MET A 321 -20.91 2.11 6.94
C MET A 321 -20.58 1.81 8.41
N ASN A 322 -20.98 2.68 9.34
CA ASN A 322 -20.64 2.42 10.73
C ASN A 322 -21.29 1.14 11.25
N ALA A 323 -22.52 0.88 10.81
CA ALA A 323 -23.20 -0.36 11.16
C ALA A 323 -22.41 -1.59 10.69
N LEU A 324 -21.93 -1.53 9.45
CA LEU A 324 -21.13 -2.63 8.90
C LEU A 324 -19.79 -2.78 9.63
N PHE A 325 -19.14 -1.66 9.91
CA PHE A 325 -17.85 -1.65 10.58
C PHE A 325 -17.96 -2.25 11.99
N ARG A 326 -18.97 -1.80 12.74
CA ARG A 326 -19.20 -2.32 14.08
C ARG A 326 -19.48 -3.82 14.01
N GLY A 327 -20.24 -4.24 12.99
CA GLY A 327 -20.46 -5.66 12.76
C GLY A 327 -19.18 -6.47 12.64
N VAL A 328 -18.23 -5.97 11.84
CA VAL A 328 -16.96 -6.67 11.68
C VAL A 328 -16.23 -6.77 13.02
N VAL A 329 -16.17 -5.67 13.76
CA VAL A 329 -15.42 -5.64 15.02
C VAL A 329 -16.04 -6.64 16.02
N GLN A 330 -17.35 -6.61 16.15
CA GLN A 330 -18.03 -7.46 17.12
C GLN A 330 -17.99 -8.93 16.73
N ALA A 331 -18.25 -9.22 15.45
CA ALA A 331 -18.19 -10.61 14.99
C ALA A 331 -16.79 -11.19 15.11
N THR A 332 -15.77 -10.36 14.90
CA THR A 332 -14.38 -10.81 14.99
C THR A 332 -14.06 -11.10 16.45
N GLU A 333 -14.40 -10.16 17.32
CA GLU A 333 -14.20 -10.37 18.76
C GLU A 333 -14.82 -11.69 19.21
N GLU A 334 -16.08 -11.91 18.85
CA GLU A 334 -16.78 -13.11 19.31
C GLU A 334 -16.26 -14.39 18.64
N ALA A 335 -15.91 -14.31 17.36
CA ALA A 335 -15.42 -15.48 16.65
C ALA A 335 -14.17 -16.02 17.35
N LEU A 336 -13.34 -15.11 17.86
CA LEU A 336 -12.11 -15.46 18.55
C LEU A 336 -12.37 -16.19 19.86
N VAL A 337 -13.39 -15.75 20.60
CA VAL A 337 -13.74 -16.43 21.85
C VAL A 337 -14.45 -17.75 21.55
N ASN A 338 -15.32 -17.74 20.56
CA ASN A 338 -15.96 -18.97 20.13
C ASN A 338 -14.94 -20.04 19.78
N GLN A 339 -13.83 -19.63 19.16
CA GLN A 339 -12.81 -20.61 18.81
C GLN A 339 -12.27 -21.29 20.08
N LEU A 340 -11.84 -20.46 21.03
CA LEU A 340 -11.25 -20.97 22.26
C LEU A 340 -12.18 -21.93 22.98
N VAL A 341 -13.46 -21.59 23.04
CA VAL A 341 -14.41 -22.45 23.75
C VAL A 341 -14.68 -23.77 23.02
N ALA A 342 -14.64 -23.74 21.68
CA ALA A 342 -14.89 -24.94 20.89
C ALA A 342 -13.70 -25.90 20.89
N SER A 343 -12.50 -25.36 21.10
CA SER A 343 -11.28 -26.15 21.02
C SER A 343 -11.01 -26.96 22.29
N GLU A 344 -10.92 -28.27 22.15
CA GLU A 344 -10.67 -29.15 23.28
C GLU A 344 -9.18 -29.36 23.49
N THR A 345 -8.83 -29.83 24.68
CA THR A 345 -7.45 -30.19 24.99
C THR A 345 -6.95 -31.25 24.00
N MET A 346 -5.71 -31.09 23.54
CA MET A 346 -5.12 -32.01 22.58
C MET A 346 -3.67 -32.30 22.95
N THR A 347 -3.27 -33.55 22.78
CA THR A 347 -1.86 -33.93 22.86
C THR A 347 -1.42 -34.31 21.46
N GLY A 348 -0.31 -33.74 21.00
CA GLY A 348 0.15 -33.99 19.66
C GLY A 348 1.60 -34.41 19.53
N ALA A 349 2.24 -33.98 18.45
CA ALA A 349 3.63 -34.30 18.17
C ALA A 349 4.55 -34.01 19.35
N ASN A 350 5.50 -34.92 19.58
CA ASN A 350 6.44 -34.80 20.69
C ASN A 350 5.78 -34.72 22.06
N ASN A 351 4.58 -35.28 22.16
CA ASN A 351 3.83 -35.29 23.42
C ASN A 351 3.54 -33.89 23.95
N ALA A 352 3.50 -32.92 23.04
CA ALA A 352 3.06 -31.57 23.43
C ALA A 352 1.57 -31.61 23.72
N LYS A 353 1.19 -31.09 24.89
CA LYS A 353 -0.20 -31.04 25.32
C LYS A 353 -0.62 -29.59 25.53
N VAL A 354 -1.70 -29.20 24.85
CA VAL A 354 -2.22 -27.84 24.95
C VAL A 354 -3.67 -27.93 25.40
N TYR A 355 -4.01 -27.20 26.46
CA TYR A 355 -5.34 -27.26 27.03
C TYR A 355 -6.36 -26.36 26.31
N GLY A 356 -7.57 -26.88 26.12
CA GLY A 356 -8.69 -26.01 25.79
C GLY A 356 -8.96 -25.08 26.98
N ILE A 357 -9.32 -23.83 26.72
CA ILE A 357 -9.62 -22.95 27.83
C ILE A 357 -10.69 -23.60 28.70
N PRO A 358 -10.44 -23.69 30.01
CA PRO A 358 -11.33 -24.46 30.88
C PRO A 358 -12.73 -23.85 30.98
N HIS A 359 -13.73 -24.62 30.56
CA HIS A 359 -15.11 -24.14 30.54
C HIS A 359 -15.61 -23.80 31.95
N ASP A 360 -15.26 -24.64 32.92
CA ASP A 360 -15.78 -24.43 34.27
C ASP A 360 -15.25 -23.13 34.87
N GLN A 361 -13.96 -22.88 34.71
CA GLN A 361 -13.35 -21.67 35.25
C GLN A 361 -13.82 -20.44 34.49
N LEU A 362 -13.96 -20.56 33.17
CA LEU A 362 -14.41 -19.44 32.36
C LEU A 362 -15.80 -19.01 32.77
N ALA A 363 -16.69 -19.98 32.95
CA ALA A 363 -18.08 -19.70 33.31
C ALA A 363 -18.16 -19.08 34.70
N ARG A 364 -17.35 -19.60 35.63
CA ARG A 364 -17.27 -19.04 36.97
C ARG A 364 -16.81 -17.58 36.96
N ILE A 365 -15.78 -17.30 36.15
CA ILE A 365 -15.25 -15.94 36.05
C ILE A 365 -16.28 -14.99 35.43
N MET A 366 -16.97 -15.47 34.39
CA MET A 366 -17.98 -14.63 33.74
C MET A 366 -19.14 -14.35 34.70
N LYS A 367 -19.47 -15.33 35.52
CA LYS A 367 -20.55 -15.16 36.50
C LYS A 367 -20.17 -14.14 37.57
N ALA A 368 -18.91 -14.17 38.02
CA ALA A 368 -18.43 -13.24 39.03
C ALA A 368 -18.32 -11.83 38.47
N ARG A 369 -17.96 -11.74 37.19
N ARG A 369 -17.94 -11.74 37.20
CA ARG A 369 -17.75 -10.45 36.55
CA ARG A 369 -17.75 -10.45 36.55
C ARG A 369 -19.06 -9.84 36.05
C ARG A 369 -19.06 -9.83 36.06
N PHE A 370 -19.97 -10.68 35.59
CA PHE A 370 -21.23 -10.22 35.03
C PHE A 370 -22.43 -10.90 35.70
N PRO A 371 -22.67 -10.56 36.98
CA PRO A 371 -23.74 -11.17 37.78
C PRO A 371 -25.10 -11.05 37.10
N GLY B 1 23.20 -18.02 -28.84
CA GLY B 1 23.74 -17.28 -29.98
C GLY B 1 23.97 -15.82 -29.66
N PRO B 2 23.68 -14.93 -30.61
CA PRO B 2 23.85 -13.50 -30.35
C PRO B 2 22.87 -13.01 -29.29
N ARG B 3 23.31 -12.00 -28.54
CA ARG B 3 22.42 -11.26 -27.65
C ARG B 3 22.03 -9.94 -28.34
N ALA B 4 21.26 -9.08 -27.68
CA ALA B 4 20.73 -7.90 -28.38
C ALA B 4 21.84 -6.98 -28.93
N ARG B 5 22.87 -6.73 -28.13
CA ARG B 5 23.96 -5.87 -28.57
C ARG B 5 24.62 -6.42 -29.83
N ASP B 6 24.68 -7.74 -29.94
CA ASP B 6 25.35 -8.42 -31.05
C ASP B 6 24.60 -8.22 -32.37
N LEU B 7 23.33 -7.86 -32.28
CA LEU B 7 22.52 -7.62 -33.45
C LEU B 7 22.42 -6.12 -33.74
N GLY B 8 23.23 -5.34 -33.03
CA GLY B 8 23.32 -3.91 -33.27
C GLY B 8 22.30 -3.05 -32.54
N VAL B 9 21.64 -3.61 -31.54
CA VAL B 9 20.76 -2.81 -30.69
C VAL B 9 21.59 -1.99 -29.71
N PRO B 10 21.45 -0.66 -29.73
CA PRO B 10 22.20 0.17 -28.79
C PRO B 10 21.47 0.27 -27.46
N PHE B 11 22.22 0.35 -26.37
CA PHE B 11 21.66 0.61 -25.05
C PHE B 11 22.54 1.63 -24.32
N GLU B 12 21.98 2.28 -23.30
CA GLU B 12 22.73 3.24 -22.50
C GLU B 12 23.34 2.57 -21.29
N GLY B 13 24.45 3.11 -20.80
CA GLY B 13 25.04 2.63 -19.56
C GLY B 13 26.12 1.60 -19.80
N THR B 14 26.74 1.14 -18.72
CA THR B 14 27.84 0.17 -18.80
C THR B 14 27.41 -1.16 -18.19
N PRO B 15 27.36 -2.22 -19.02
CA PRO B 15 27.00 -3.53 -18.49
C PRO B 15 28.13 -4.13 -17.65
N GLY B 16 27.77 -5.02 -16.73
CA GLY B 16 28.75 -5.83 -16.03
C GLY B 16 29.44 -6.80 -16.99
N ALA B 17 30.41 -7.54 -16.47
CA ALA B 17 31.23 -8.42 -17.30
C ALA B 17 30.41 -9.49 -18.01
N LEU B 18 29.45 -10.09 -17.31
CA LEU B 18 28.59 -11.13 -17.88
C LEU B 18 27.35 -10.55 -18.56
N ASN B 19 27.09 -9.28 -18.28
CA ASN B 19 25.82 -8.64 -18.68
C ASN B 19 24.65 -9.52 -18.23
N ALA B 20 24.63 -9.82 -16.93
CA ALA B 20 23.64 -10.76 -16.39
C ALA B 20 23.48 -10.52 -14.91
N ILE B 21 22.39 -11.00 -14.33
CA ILE B 21 22.15 -10.83 -12.90
C ILE B 21 23.29 -11.42 -12.06
N THR B 22 23.99 -12.42 -12.60
CA THR B 22 25.12 -13.02 -11.90
C THR B 22 26.38 -12.16 -11.85
N ASP B 23 26.34 -10.98 -12.45
CA ASP B 23 27.39 -9.99 -12.23
C ASP B 23 27.37 -9.53 -10.76
N VAL B 24 26.23 -9.73 -10.10
CA VAL B 24 26.17 -9.51 -8.64
C VAL B 24 26.73 -10.74 -7.96
N ALA B 25 27.89 -10.59 -7.32
CA ALA B 25 28.64 -11.74 -6.86
C ALA B 25 27.83 -12.63 -5.91
N GLY B 26 27.93 -13.95 -6.11
CA GLY B 26 27.32 -14.90 -5.20
C GLY B 26 25.93 -15.36 -5.60
N VAL B 27 25.28 -14.59 -6.47
CA VAL B 27 23.98 -15.00 -6.99
C VAL B 27 24.16 -16.22 -7.90
N GLU B 28 23.29 -17.21 -7.74
CA GLU B 28 23.29 -18.42 -8.57
C GLU B 28 21.95 -18.58 -9.27
N VAL B 29 21.99 -19.02 -10.52
CA VAL B 29 20.78 -19.24 -11.31
C VAL B 29 20.80 -20.66 -11.85
N GLY B 30 19.64 -21.31 -11.84
CA GLY B 30 19.51 -22.64 -12.40
C GLY B 30 18.20 -22.77 -13.14
N HIS B 31 18.19 -23.52 -14.24
CA HIS B 31 16.95 -23.76 -14.98
C HIS B 31 16.70 -25.25 -15.08
N THR B 32 15.44 -25.65 -15.00
CA THR B 32 15.04 -26.95 -15.56
C THR B 32 14.02 -26.68 -16.66
N THR B 33 14.33 -27.21 -17.84
CA THR B 33 13.53 -26.94 -19.04
C THR B 33 12.82 -28.22 -19.46
N VAL B 34 11.51 -28.16 -19.60
CA VAL B 34 10.71 -29.34 -19.88
C VAL B 34 10.00 -29.21 -21.21
N ILE B 35 10.52 -29.91 -22.21
CA ILE B 35 9.97 -29.87 -23.56
C ILE B 35 9.75 -31.31 -24.03
N SER B 36 8.48 -31.72 -24.11
CA SER B 36 8.19 -33.05 -24.63
C SER B 36 6.78 -33.14 -25.22
N GLY B 37 6.60 -34.05 -26.16
CA GLY B 37 5.31 -34.18 -26.83
C GLY B 37 5.11 -33.19 -27.95
N ASP B 38 4.21 -33.52 -28.87
CA ASP B 38 3.88 -32.67 -30.00
C ASP B 38 2.42 -32.89 -30.34
N GLY B 39 1.82 -31.92 -31.03
CA GLY B 39 0.47 -32.06 -31.53
C GLY B 39 -0.61 -31.69 -30.53
N ALA B 40 -1.78 -32.32 -30.66
CA ALA B 40 -2.95 -31.98 -29.87
C ALA B 40 -2.75 -32.15 -28.36
N MET B 41 -3.24 -31.17 -27.61
CA MET B 41 -3.14 -31.22 -26.16
C MET B 41 -4.22 -32.12 -25.55
N VAL B 42 -3.78 -32.98 -24.65
CA VAL B 42 -4.71 -33.74 -23.83
C VAL B 42 -4.30 -33.51 -22.39
N ILE B 43 -5.16 -32.88 -21.60
CA ILE B 43 -4.79 -32.46 -20.26
C ILE B 43 -4.32 -33.65 -19.43
N GLY B 44 -3.07 -33.59 -18.98
CA GLY B 44 -2.48 -34.69 -18.24
C GLY B 44 -1.47 -35.46 -19.06
N LYS B 45 -1.35 -35.12 -20.34
CA LYS B 45 -0.44 -35.84 -21.22
C LYS B 45 0.44 -34.92 -22.08
N GLY B 46 0.28 -33.62 -21.92
CA GLY B 46 1.06 -32.67 -22.70
C GLY B 46 0.37 -32.33 -24.01
N PRO B 47 1.10 -31.75 -24.97
CA PRO B 47 2.54 -31.47 -24.95
C PRO B 47 2.95 -30.56 -23.79
N TYR B 48 4.19 -30.71 -23.32
CA TYR B 48 4.70 -29.84 -22.28
C TYR B 48 5.74 -28.89 -22.82
N ARG B 49 5.59 -27.61 -22.49
CA ARG B 49 6.60 -26.58 -22.77
C ARG B 49 6.63 -25.71 -21.52
N THR B 50 7.36 -26.16 -20.51
CA THR B 50 7.35 -25.47 -19.23
C THR B 50 8.67 -25.71 -18.51
N GLY B 51 8.77 -25.26 -17.26
CA GLY B 51 10.00 -25.45 -16.52
C GLY B 51 10.01 -24.57 -15.28
N VAL B 52 11.17 -24.45 -14.67
CA VAL B 52 11.34 -23.60 -13.50
C VAL B 52 12.72 -22.95 -13.52
N THR B 53 12.78 -21.70 -13.06
CA THR B 53 14.03 -20.98 -12.92
C THR B 53 14.26 -20.67 -11.45
N ILE B 54 15.44 -20.99 -10.95
CA ILE B 54 15.79 -20.75 -9.55
C ILE B 54 16.84 -19.65 -9.46
N ILE B 55 16.62 -18.68 -8.57
CA ILE B 55 17.68 -17.73 -8.25
C ILE B 55 17.99 -17.83 -6.76
N HIS B 56 19.21 -18.24 -6.43
CA HIS B 56 19.69 -18.24 -5.04
C HIS B 56 20.41 -16.91 -4.78
N PRO B 57 19.81 -16.00 -3.99
CA PRO B 57 20.41 -14.68 -3.76
C PRO B 57 21.84 -14.73 -3.21
N LEU B 58 22.11 -15.69 -2.34
CA LEU B 58 23.41 -15.78 -1.69
C LEU B 58 24.04 -17.14 -1.93
N GLY B 59 23.57 -17.82 -2.96
CA GLY B 59 24.02 -19.18 -3.24
C GLY B 59 23.21 -20.24 -2.54
N LYS B 60 23.25 -21.46 -3.07
CA LYS B 60 22.34 -22.52 -2.64
C LYS B 60 22.58 -23.01 -1.21
N THR B 61 23.77 -22.77 -0.67
CA THR B 61 24.04 -23.25 0.69
C THR B 61 23.73 -22.23 1.79
N SER B 62 23.26 -21.04 1.40
CA SER B 62 22.94 -20.01 2.38
C SER B 62 21.66 -20.31 3.14
N LEU B 63 21.70 -20.17 4.46
CA LEU B 63 20.49 -20.24 5.27
C LEU B 63 20.03 -18.83 5.68
N ASP B 64 20.71 -17.82 5.17
CA ASP B 64 20.48 -16.44 5.62
C ASP B 64 19.45 -15.69 4.77
N GLY B 65 18.94 -14.58 5.29
CA GLY B 65 18.02 -13.76 4.52
C GLY B 65 18.73 -12.64 3.78
N VAL B 66 18.07 -12.10 2.74
CA VAL B 66 18.56 -10.91 2.07
C VAL B 66 17.54 -9.80 2.26
N ALA B 67 18.01 -8.56 2.43
CA ALA B 67 17.07 -7.45 2.47
C ALA B 67 16.37 -7.37 1.12
N ALA B 68 15.08 -7.04 1.13
CA ALA B 68 14.27 -7.09 -0.09
C ALA B 68 13.08 -6.12 -0.06
N GLY B 69 12.64 -5.70 -1.24
CA GLY B 69 11.43 -4.90 -1.38
C GLY B 69 10.85 -5.13 -2.76
N ARG B 70 9.53 -4.96 -2.90
CA ARG B 70 8.87 -5.28 -4.16
C ARG B 70 8.06 -4.11 -4.71
N ALA B 71 7.56 -4.29 -5.93
CA ALA B 71 6.65 -3.33 -6.56
C ALA B 71 5.70 -4.09 -7.47
N VAL B 72 4.52 -3.54 -7.67
CA VAL B 72 3.55 -4.15 -8.56
C VAL B 72 3.22 -3.19 -9.70
N ILE B 73 3.27 -3.69 -10.92
CA ILE B 73 2.82 -2.90 -12.06
C ILE B 73 1.34 -3.24 -12.29
N ASN B 74 1.04 -4.53 -12.33
CA ASN B 74 -0.35 -4.97 -12.43
C ASN B 74 -0.39 -6.34 -11.76
N GLY B 75 -1.17 -6.48 -10.69
CA GLY B 75 -1.02 -7.65 -9.83
C GLY B 75 -1.87 -8.88 -10.15
N THR B 76 -2.22 -9.07 -11.42
CA THR B 76 -3.00 -10.25 -11.79
C THR B 76 -2.09 -11.46 -11.97
N GLY B 77 -1.58 -11.98 -10.87
CA GLY B 77 -0.73 -13.14 -10.90
C GLY B 77 -0.30 -13.52 -9.50
N GLU B 78 0.50 -14.57 -9.38
CA GLU B 78 0.95 -15.01 -8.08
C GLU B 78 2.44 -14.81 -7.86
N TRP B 79 2.79 -14.37 -6.67
CA TRP B 79 4.18 -14.31 -6.22
C TRP B 79 4.14 -14.53 -4.71
N THR B 80 4.57 -15.71 -4.27
CA THR B 80 4.49 -16.05 -2.85
C THR B 80 5.70 -15.48 -2.10
N GLY B 81 5.62 -15.42 -0.78
CA GLY B 81 6.68 -14.83 0.02
C GLY B 81 6.64 -13.32 0.06
N MET B 82 5.69 -12.73 -0.67
CA MET B 82 5.68 -11.26 -0.79
C MET B 82 5.08 -10.54 0.41
N HIS B 83 4.09 -11.13 1.10
CA HIS B 83 3.63 -10.53 2.35
C HIS B 83 4.78 -10.45 3.35
N LEU B 84 5.57 -11.52 3.41
CA LEU B 84 6.77 -11.56 4.25
C LEU B 84 7.69 -10.40 3.91
N VAL B 85 7.99 -10.26 2.62
CA VAL B 85 8.87 -9.18 2.18
C VAL B 85 8.32 -7.79 2.56
N ASP B 86 7.02 -7.56 2.34
CA ASP B 86 6.41 -6.28 2.68
C ASP B 86 6.51 -6.02 4.17
N GLU B 87 6.33 -7.07 4.97
CA GLU B 87 6.31 -6.90 6.42
C GLU B 87 7.70 -6.75 7.03
N VAL B 88 8.57 -7.73 6.81
CA VAL B 88 9.86 -7.75 7.51
C VAL B 88 11.07 -7.38 6.66
N GLY B 89 10.84 -7.09 5.38
CA GLY B 89 11.89 -6.54 4.53
C GLY B 89 13.00 -7.50 4.17
N GLN B 90 12.71 -8.79 4.25
CA GLN B 90 13.69 -9.82 3.87
C GLN B 90 12.96 -11.08 3.47
N PHE B 91 13.65 -11.95 2.74
CA PHE B 91 13.14 -13.30 2.51
C PHE B 91 14.27 -14.31 2.61
N LEU B 92 13.89 -15.53 2.99
CA LEU B 92 14.80 -16.66 3.10
C LEU B 92 14.64 -17.56 1.88
N GLY B 93 15.70 -18.26 1.52
CA GLY B 93 15.60 -19.24 0.47
C GLY B 93 15.63 -18.64 -0.93
N PRO B 94 15.45 -19.49 -1.94
CA PRO B 94 15.56 -19.13 -3.35
C PRO B 94 14.29 -18.46 -3.88
N ILE B 95 14.45 -17.76 -4.99
CA ILE B 95 13.31 -17.31 -5.79
C ILE B 95 13.07 -18.36 -6.87
N ALA B 96 11.83 -18.80 -7.02
CA ALA B 96 11.48 -19.69 -8.15
C ALA B 96 10.54 -18.96 -9.10
N LEU B 97 10.86 -18.99 -10.39
CA LEU B 97 9.98 -18.42 -11.43
C LEU B 97 9.49 -19.58 -12.28
N THR B 98 8.18 -19.67 -12.52
CA THR B 98 7.68 -20.86 -13.18
C THR B 98 6.39 -20.57 -13.91
N GLY B 99 5.78 -21.61 -14.48
CA GLY B 99 4.48 -21.49 -15.12
C GLY B 99 3.39 -21.59 -14.07
N THR B 100 2.26 -20.95 -14.34
CA THR B 100 1.18 -20.83 -13.38
C THR B 100 0.73 -22.17 -12.80
N GLY B 101 0.62 -23.18 -13.67
CA GLY B 101 0.14 -24.49 -13.24
C GLY B 101 1.07 -25.20 -12.27
N ASN B 102 2.30 -24.70 -12.18
CA ASN B 102 3.34 -25.38 -11.39
C ASN B 102 3.55 -24.79 -9.99
N VAL B 103 2.85 -23.72 -9.66
CA VAL B 103 3.18 -22.96 -8.45
C VAL B 103 3.14 -23.79 -7.19
N GLY B 104 2.07 -24.56 -7.01
CA GLY B 104 1.90 -25.40 -5.83
C GLY B 104 2.95 -26.49 -5.73
N LEU B 105 3.21 -27.16 -6.84
CA LEU B 105 4.23 -28.20 -6.85
C LEU B 105 5.61 -27.64 -6.48
N VAL B 106 5.96 -26.49 -7.06
CA VAL B 106 7.25 -25.89 -6.78
C VAL B 106 7.34 -25.48 -5.31
N HIS B 107 6.25 -24.93 -4.79
CA HIS B 107 6.19 -24.42 -3.41
C HIS B 107 6.47 -25.57 -2.43
N GLN B 108 5.74 -26.67 -2.57
CA GLN B 108 5.98 -27.83 -1.72
C GLN B 108 7.37 -28.44 -1.95
N SER B 109 7.82 -28.47 -3.20
CA SER B 109 9.11 -29.07 -3.51
C SER B 109 10.24 -28.31 -2.82
N MET B 110 10.11 -26.99 -2.75
CA MET B 110 11.12 -26.18 -2.05
C MET B 110 11.18 -26.52 -0.56
N MET B 111 10.02 -26.80 0.04
CA MET B 111 10.01 -27.26 1.41
C MET B 111 10.71 -28.61 1.54
N ASP B 112 10.36 -29.55 0.66
CA ASP B 112 10.97 -30.89 0.69
C ASP B 112 12.49 -30.80 0.57
N TRP B 113 12.94 -29.96 -0.36
CA TRP B 113 14.36 -29.80 -0.62
C TRP B 113 15.13 -29.42 0.64
N SER B 114 14.51 -28.61 1.51
CA SER B 114 15.16 -28.17 2.74
C SER B 114 15.32 -29.29 3.77
N VAL B 115 14.42 -30.27 3.74
CA VAL B 115 14.52 -31.38 4.69
C VAL B 115 15.79 -32.19 4.44
N GLY B 116 16.60 -32.33 5.50
CA GLY B 116 17.87 -33.02 5.39
C GLY B 116 19.04 -32.09 5.12
N LYS B 117 18.77 -30.93 4.52
CA LYS B 117 19.82 -29.97 4.21
C LYS B 117 19.91 -28.88 5.26
N VAL B 118 18.79 -28.64 5.93
CA VAL B 118 18.69 -27.57 6.90
C VAL B 118 18.48 -28.17 8.27
N PRO B 119 19.25 -27.70 9.26
CA PRO B 119 19.07 -28.18 10.64
C PRO B 119 17.60 -28.11 11.04
N GLU B 120 17.11 -29.15 11.70
CA GLU B 120 15.71 -29.20 12.10
C GLU B 120 15.27 -27.93 12.84
N GLU B 121 16.15 -27.36 13.66
CA GLU B 121 15.79 -26.18 14.43
C GLU B 121 15.56 -24.97 13.52
N ALA B 122 16.17 -25.01 12.34
CA ALA B 122 16.09 -23.91 11.39
C ALA B 122 15.02 -24.14 10.33
N LEU B 123 14.37 -25.30 10.35
CA LEU B 123 13.44 -25.64 9.27
C LEU B 123 12.27 -24.67 9.13
N PHE B 124 11.78 -24.13 10.23
CA PHE B 124 10.61 -23.25 10.14
C PHE B 124 10.91 -22.03 9.26
N SER B 125 12.18 -21.67 9.12
CA SER B 125 12.57 -20.54 8.28
C SER B 125 12.45 -20.85 6.79
N ARG B 126 12.16 -22.11 6.46
CA ARG B 126 12.06 -22.53 5.07
C ARG B 126 10.60 -22.66 4.65
N LEU B 127 9.69 -22.11 5.45
CA LEU B 127 8.27 -22.38 5.27
C LEU B 127 7.48 -21.34 4.49
N LEU B 128 8.16 -20.30 4.02
CA LEU B 128 7.52 -19.30 3.19
C LEU B 128 8.31 -19.13 1.89
N PRO B 129 8.38 -20.20 1.09
CA PRO B 129 9.16 -20.12 -0.15
C PRO B 129 8.62 -19.08 -1.11
N VAL B 130 9.50 -18.54 -1.92
CA VAL B 130 9.18 -17.47 -2.85
C VAL B 130 8.99 -18.07 -4.25
N VAL B 131 7.75 -18.11 -4.75
CA VAL B 131 7.46 -18.73 -6.04
C VAL B 131 6.53 -17.81 -6.86
N ALA B 132 6.88 -17.54 -8.12
CA ALA B 132 6.15 -16.57 -8.93
C ALA B 132 5.82 -17.20 -10.27
N GLU B 133 4.78 -16.71 -10.95
CA GLU B 133 4.36 -17.34 -12.20
C GLU B 133 4.06 -16.38 -13.33
N THR B 134 4.19 -16.90 -14.56
CA THR B 134 3.48 -16.38 -15.71
C THR B 134 2.86 -17.61 -16.43
N LEU B 135 1.85 -17.38 -17.27
CA LEU B 135 1.05 -18.49 -17.79
C LEU B 135 1.49 -18.91 -19.18
N ASP B 136 1.94 -20.15 -19.30
CA ASP B 136 2.37 -20.69 -20.59
C ASP B 136 1.23 -21.43 -21.31
N ASN B 137 0.04 -20.82 -21.30
CA ASN B 137 -1.19 -21.53 -21.71
C ASN B 137 -1.33 -21.81 -23.19
N ARG B 138 -0.58 -21.10 -24.02
CA ARG B 138 -0.77 -21.29 -25.46
C ARG B 138 0.16 -22.36 -26.01
N LEU B 139 1.23 -22.65 -25.29
CA LEU B 139 2.21 -23.64 -25.73
C LEU B 139 2.29 -24.88 -24.85
N ASN B 140 1.68 -24.82 -23.66
CA ASN B 140 1.91 -25.85 -22.64
C ASN B 140 0.61 -26.40 -22.05
N ASP B 141 0.64 -27.68 -21.68
CA ASP B 141 -0.46 -28.32 -20.95
C ASP B 141 -0.37 -27.91 -19.48
N VAL B 142 -0.89 -26.72 -19.20
CA VAL B 142 -0.73 -26.07 -17.90
C VAL B 142 -1.14 -26.94 -16.71
N PHE B 143 -2.30 -27.60 -16.84
CA PHE B 143 -2.86 -28.36 -15.72
C PHE B 143 -2.33 -29.80 -15.64
N GLY B 144 -1.51 -30.19 -16.60
CA GLY B 144 -1.21 -31.60 -16.82
C GLY B 144 -0.06 -32.22 -16.07
N HIS B 145 0.46 -31.52 -15.06
CA HIS B 145 1.52 -32.07 -14.20
C HIS B 145 2.80 -32.45 -14.93
N GLY B 146 3.22 -31.60 -15.87
CA GLY B 146 4.44 -31.84 -16.60
C GLY B 146 5.69 -31.63 -15.77
N LEU B 147 5.59 -30.75 -14.78
CA LEU B 147 6.71 -30.47 -13.89
C LEU B 147 6.73 -31.40 -12.68
N THR B 148 7.87 -32.00 -12.39
CA THR B 148 7.96 -32.90 -11.24
C THR B 148 8.85 -32.33 -10.14
N ARG B 149 8.75 -32.91 -8.96
CA ARG B 149 9.62 -32.52 -7.87
C ARG B 149 11.08 -32.65 -8.27
N ASP B 150 11.44 -33.73 -8.97
CA ASP B 150 12.82 -33.92 -9.44
C ASP B 150 13.30 -32.78 -10.34
N HIS B 151 12.40 -32.26 -11.17
CA HIS B 151 12.74 -31.11 -12.01
C HIS B 151 13.13 -29.91 -11.14
N VAL B 152 12.36 -29.70 -10.08
CA VAL B 152 12.61 -28.58 -9.19
C VAL B 152 13.91 -28.78 -8.42
N PHE B 153 14.13 -29.99 -7.90
CA PHE B 153 15.38 -30.30 -7.22
C PHE B 153 16.57 -30.03 -8.14
N ALA B 154 16.45 -30.41 -9.40
CA ALA B 154 17.56 -30.27 -10.34
C ALA B 154 17.94 -28.80 -10.56
N ALA B 155 16.96 -27.92 -10.64
CA ALA B 155 17.25 -26.51 -10.83
C ALA B 155 17.86 -25.93 -9.56
N LEU B 156 17.32 -26.36 -8.42
CA LEU B 156 17.83 -25.92 -7.12
C LEU B 156 19.28 -26.32 -6.93
N ASP B 157 19.57 -27.58 -7.27
CA ASP B 157 20.90 -28.15 -7.03
C ASP B 157 21.90 -27.78 -8.10
N GLY B 158 21.41 -27.52 -9.31
CA GLY B 158 22.28 -27.27 -10.45
C GLY B 158 22.63 -25.81 -10.67
N ALA B 159 22.00 -24.92 -9.91
CA ALA B 159 22.19 -23.48 -10.07
C ALA B 159 23.65 -23.09 -9.87
N LYS B 160 24.08 -22.06 -10.59
CA LYS B 160 25.46 -21.60 -10.47
C LYS B 160 25.60 -20.14 -10.89
N GLY B 161 26.74 -19.55 -10.59
CA GLY B 161 27.09 -18.24 -11.10
C GLY B 161 27.54 -18.35 -12.55
N GLY B 162 28.19 -17.31 -13.03
CA GLY B 162 28.64 -17.25 -14.41
C GLY B 162 27.49 -16.97 -15.36
N PRO B 163 27.72 -17.16 -16.67
CA PRO B 163 26.71 -16.85 -17.68
C PRO B 163 25.37 -17.55 -17.41
N VAL B 164 24.29 -16.83 -17.70
CA VAL B 164 22.95 -17.31 -17.47
C VAL B 164 22.30 -17.61 -18.79
N ALA B 165 21.83 -18.85 -18.97
CA ALA B 165 21.12 -19.19 -20.19
C ALA B 165 19.85 -18.37 -20.33
N GLU B 166 19.62 -17.85 -21.54
CA GLU B 166 18.43 -17.07 -21.83
C GLU B 166 17.52 -17.75 -22.85
N GLY B 167 16.34 -17.18 -23.07
CA GLY B 167 15.45 -17.69 -24.10
C GLY B 167 14.45 -18.70 -23.58
N ASN B 168 14.26 -19.79 -24.33
CA ASN B 168 13.23 -20.77 -24.00
C ASN B 168 13.74 -21.77 -22.96
N VAL B 169 14.00 -21.30 -21.75
CA VAL B 169 14.58 -22.14 -20.71
C VAL B 169 13.86 -21.92 -19.39
N GLY B 170 13.90 -22.92 -18.52
CA GLY B 170 13.32 -22.80 -17.19
C GLY B 170 11.89 -22.30 -17.21
N GLY B 171 11.60 -21.35 -16.32
CA GLY B 171 10.24 -20.82 -16.22
C GLY B 171 9.75 -20.18 -17.51
N GLY B 172 10.67 -19.72 -18.35
CA GLY B 172 10.30 -18.98 -19.53
C GLY B 172 10.03 -19.84 -20.75
N THR B 173 10.24 -21.14 -20.59
CA THR B 173 10.18 -22.10 -21.71
C THR B 173 8.98 -21.92 -22.64
N GLY B 174 7.78 -21.92 -22.08
CA GLY B 174 6.57 -21.83 -22.89
C GLY B 174 5.93 -20.46 -23.03
N MET B 175 6.69 -19.40 -22.78
CA MET B 175 6.09 -18.05 -22.73
C MET B 175 6.08 -17.30 -24.07
N ILE B 176 5.27 -16.25 -24.13
CA ILE B 176 5.06 -15.45 -25.34
C ILE B 176 5.13 -13.98 -24.94
N ALA B 177 5.98 -13.20 -25.61
CA ALA B 177 6.15 -11.80 -25.27
C ALA B 177 6.08 -10.90 -26.52
N TYR B 178 5.26 -9.86 -26.45
CA TYR B 178 5.00 -8.96 -27.58
C TYR B 178 4.58 -9.71 -28.83
N THR B 179 3.82 -10.78 -28.66
CA THR B 179 3.37 -11.61 -29.77
C THR B 179 4.51 -12.35 -30.48
N PHE B 180 5.70 -12.29 -29.90
CA PHE B 180 6.84 -13.09 -30.35
C PHE B 180 7.13 -14.11 -29.27
N LYS B 181 8.15 -14.94 -29.46
CA LYS B 181 8.45 -15.92 -28.42
C LYS B 181 8.97 -15.24 -27.15
N GLY B 182 8.39 -15.61 -26.00
CA GLY B 182 8.83 -15.08 -24.72
C GLY B 182 9.86 -15.99 -24.07
N GLY B 183 10.22 -15.69 -22.82
CA GLY B 183 11.21 -16.50 -22.14
C GLY B 183 12.00 -15.77 -21.08
N ILE B 184 13.25 -16.19 -20.90
CA ILE B 184 14.16 -15.59 -19.92
C ILE B 184 15.11 -14.58 -20.57
N GLY B 185 15.34 -13.46 -19.88
CA GLY B 185 16.32 -12.49 -20.34
C GLY B 185 17.04 -11.90 -19.16
N THR B 186 18.29 -11.50 -19.35
CA THR B 186 19.04 -10.93 -18.23
C THR B 186 20.00 -9.84 -18.72
N SER B 187 20.32 -8.91 -17.83
CA SER B 187 21.24 -7.82 -18.14
C SER B 187 21.74 -7.21 -16.82
N SER B 188 22.78 -6.39 -16.88
CA SER B 188 23.28 -5.75 -15.68
C SER B 188 23.87 -4.39 -16.01
N ARG B 189 24.01 -3.56 -14.98
CA ARG B 189 24.70 -2.29 -15.09
C ARG B 189 25.67 -2.12 -13.94
N VAL B 190 26.87 -1.65 -14.25
CA VAL B 190 27.78 -1.21 -13.22
C VAL B 190 27.65 0.30 -13.14
N VAL B 191 27.29 0.81 -11.96
CA VAL B 191 26.97 2.23 -11.83
C VAL B 191 27.97 2.94 -10.92
N SER B 192 28.22 4.21 -11.18
CA SER B 192 29.12 5.01 -10.34
C SER B 192 28.30 5.86 -9.38
N ALA B 193 28.36 5.50 -8.11
CA ALA B 193 27.67 6.23 -7.06
C ALA B 193 28.72 7.01 -6.28
N GLY B 194 29.01 8.22 -6.74
CA GLY B 194 30.05 9.03 -6.13
C GLY B 194 31.41 8.38 -6.25
N ASP B 195 32.00 8.03 -5.11
CA ASP B 195 33.31 7.39 -5.09
C ASP B 195 33.20 5.88 -4.88
N THR B 196 32.10 5.30 -5.32
CA THR B 196 31.90 3.86 -5.20
C THR B 196 31.17 3.33 -6.43
N ARG B 197 31.46 2.10 -6.81
CA ARG B 197 30.73 1.45 -7.87
C ARG B 197 29.86 0.32 -7.32
N TYR B 198 28.68 0.16 -7.89
CA TYR B 198 27.79 -0.92 -7.50
C TYR B 198 27.32 -1.62 -8.75
N THR B 199 26.85 -2.84 -8.60
CA THR B 199 26.25 -3.55 -9.72
C THR B 199 24.76 -3.74 -9.48
N VAL B 200 23.99 -3.53 -10.55
CA VAL B 200 22.56 -3.81 -10.55
C VAL B 200 22.32 -4.86 -11.62
N GLY B 201 21.82 -6.02 -11.21
CA GLY B 201 21.56 -7.15 -12.10
C GLY B 201 20.07 -7.37 -12.23
N VAL B 202 19.61 -7.67 -13.44
CA VAL B 202 18.19 -7.92 -13.66
C VAL B 202 17.97 -9.20 -14.46
N LEU B 203 17.03 -10.01 -14.00
CA LEU B 203 16.57 -11.14 -14.78
C LEU B 203 15.05 -11.05 -14.96
N VAL B 204 14.57 -11.32 -16.16
CA VAL B 204 13.12 -11.31 -16.41
C VAL B 204 12.63 -12.65 -16.93
N GLN B 205 11.40 -12.98 -16.53
CA GLN B 205 10.60 -14.00 -17.21
C GLN B 205 9.44 -13.27 -17.88
N ALA B 206 9.50 -13.20 -19.21
CA ALA B 206 8.66 -12.31 -20.00
C ALA B 206 7.58 -13.06 -20.77
N ASN B 207 6.33 -12.65 -20.52
CA ASN B 207 5.15 -13.30 -21.09
C ASN B 207 4.12 -12.20 -21.40
N HIS B 208 4.62 -11.00 -21.71
CA HIS B 208 3.77 -9.82 -21.69
C HIS B 208 3.81 -9.06 -23.01
N GLY B 209 2.88 -8.11 -23.15
CA GLY B 209 2.96 -7.10 -24.17
C GLY B 209 2.39 -7.49 -25.52
N ASP B 210 2.18 -6.50 -26.37
CA ASP B 210 1.66 -6.73 -27.71
C ASP B 210 2.69 -6.29 -28.74
N ARG B 211 2.71 -6.95 -29.89
CA ARG B 211 3.62 -6.60 -30.96
C ARG B 211 3.49 -5.14 -31.41
N ASN B 212 2.26 -4.64 -31.43
CA ASN B 212 2.00 -3.28 -31.90
C ASN B 212 2.56 -2.18 -31.00
N ASP B 213 2.85 -2.52 -29.75
CA ASP B 213 3.38 -1.54 -28.79
C ASP B 213 4.89 -1.63 -28.68
N LEU B 214 5.46 -2.76 -29.09
CA LEU B 214 6.89 -2.99 -28.86
C LEU B 214 7.82 -1.88 -29.36
N ARG B 215 8.73 -1.44 -28.51
CA ARG B 215 9.80 -0.56 -28.94
C ARG B 215 11.11 -1.22 -28.60
N ILE B 216 12.07 -1.21 -29.52
CA ILE B 216 13.41 -1.65 -29.21
C ILE B 216 14.33 -0.48 -29.53
N ALA B 217 15.06 -0.03 -28.51
CA ALA B 217 15.89 1.16 -28.64
C ALA B 217 15.06 2.33 -29.17
N GLY B 218 13.82 2.42 -28.70
CA GLY B 218 12.96 3.54 -29.06
C GLY B 218 12.22 3.36 -30.36
N VAL B 219 12.61 2.36 -31.14
CA VAL B 219 11.97 2.11 -32.44
C VAL B 219 10.72 1.24 -32.32
N GLN B 220 9.60 1.75 -32.80
CA GLN B 220 8.35 0.99 -32.77
C GLN B 220 8.40 -0.02 -33.89
N ILE B 221 8.80 -1.23 -33.55
CA ILE B 221 9.37 -2.14 -34.53
C ILE B 221 8.40 -3.20 -35.06
N GLY B 222 7.27 -3.36 -34.37
CA GLY B 222 6.28 -4.33 -34.76
C GLY B 222 5.83 -4.23 -36.22
N LYS B 223 5.67 -3.00 -36.70
CA LYS B 223 5.19 -2.79 -38.06
C LYS B 223 6.32 -2.84 -39.08
N GLU B 224 7.56 -2.75 -38.61
CA GLU B 224 8.70 -2.79 -39.52
C GLU B 224 9.10 -4.23 -39.83
N ILE B 225 8.65 -5.15 -38.97
CA ILE B 225 8.95 -6.57 -39.15
C ILE B 225 7.89 -7.20 -40.02
N LYS B 226 8.32 -7.99 -41.01
CA LYS B 226 7.37 -8.63 -41.92
C LYS B 226 7.14 -10.08 -41.55
N GLY B 227 5.87 -10.45 -41.39
CA GLY B 227 5.53 -11.81 -41.01
C GLY B 227 5.92 -12.12 -39.58
N ALA B 228 6.22 -13.39 -39.30
CA ALA B 228 6.61 -13.85 -37.97
C ALA B 228 5.48 -13.74 -36.95
N TRP B 229 4.24 -13.69 -37.45
CA TRP B 229 3.07 -13.75 -36.59
C TRP B 229 2.84 -15.20 -36.14
N PRO B 230 2.16 -15.38 -35.00
CA PRO B 230 1.88 -16.74 -34.51
C PRO B 230 0.97 -17.54 -35.45
N GLU B 231 1.08 -18.87 -35.38
CA GLU B 231 0.30 -19.75 -36.23
C GLU B 231 -0.29 -20.91 -35.44
N VAL B 232 -1.33 -21.51 -36.00
CA VAL B 232 -1.85 -22.76 -35.49
C VAL B 232 -2.06 -23.69 -36.67
N ASN B 233 -1.23 -24.72 -36.76
CA ASN B 233 -1.24 -25.63 -37.90
C ASN B 233 -1.17 -24.92 -39.26
N GLY B 234 -0.09 -24.18 -39.48
CA GLY B 234 0.14 -23.54 -40.77
C GLY B 234 -0.80 -22.40 -41.07
N ILE B 235 -1.66 -22.05 -40.12
CA ILE B 235 -2.59 -20.94 -40.30
C ILE B 235 -2.28 -19.77 -39.38
N VAL B 236 -1.85 -18.66 -39.96
CA VAL B 236 -1.59 -17.43 -39.22
C VAL B 236 -2.75 -17.18 -38.27
N ALA B 237 -2.44 -16.93 -37.00
CA ALA B 237 -3.46 -16.83 -35.96
C ALA B 237 -3.57 -15.44 -35.35
N ALA B 238 -2.73 -14.52 -35.83
CA ALA B 238 -2.78 -13.13 -35.37
C ALA B 238 -2.25 -12.21 -36.46
N GLY B 239 -2.42 -10.90 -36.24
CA GLY B 239 -1.95 -9.92 -37.20
C GLY B 239 -2.93 -9.71 -38.34
N PRO B 240 -2.54 -8.90 -39.33
CA PRO B 240 -3.41 -8.56 -40.47
C PRO B 240 -3.90 -9.80 -41.20
N ASP B 241 -3.06 -10.82 -41.29
CA ASP B 241 -3.37 -12.00 -42.09
C ASP B 241 -3.85 -13.16 -41.23
N ALA B 242 -4.58 -12.87 -40.16
CA ALA B 242 -5.03 -13.89 -39.23
C ALA B 242 -6.10 -14.82 -39.82
N GLY B 243 -5.76 -15.48 -40.94
CA GLY B 243 -6.67 -16.42 -41.57
C GLY B 243 -5.94 -17.51 -42.34
N SER B 250 1.97 -11.27 -18.73
CA SER B 250 2.66 -11.17 -17.45
C SER B 250 4.16 -11.07 -17.59
N LEU B 251 4.81 -10.51 -16.57
CA LEU B 251 6.24 -10.25 -16.57
C LEU B 251 6.76 -10.30 -15.15
N LEU B 252 7.81 -11.08 -14.91
CA LEU B 252 8.41 -11.16 -13.60
C LEU B 252 9.81 -10.58 -13.66
N ILE B 253 10.10 -9.62 -12.79
CA ILE B 253 11.36 -8.89 -12.86
C ILE B 253 12.09 -9.09 -11.54
N VAL B 254 13.28 -9.68 -11.59
CA VAL B 254 14.08 -9.87 -10.37
C VAL B 254 15.32 -8.98 -10.46
N ILE B 255 15.52 -8.17 -9.42
CA ILE B 255 16.62 -7.21 -9.39
C ILE B 255 17.54 -7.56 -8.25
N ALA B 256 18.82 -7.77 -8.57
CA ALA B 256 19.82 -7.98 -7.54
C ALA B 256 20.77 -6.80 -7.53
N THR B 257 21.23 -6.41 -6.34
CA THR B 257 22.29 -5.41 -6.27
C THR B 257 23.22 -5.67 -5.10
N ASP B 258 24.49 -5.27 -5.25
CA ASP B 258 25.42 -5.35 -4.12
C ASP B 258 25.44 -4.05 -3.31
N ALA B 259 24.63 -3.08 -3.70
CA ALA B 259 24.48 -1.85 -2.91
C ALA B 259 23.81 -2.23 -1.58
N PRO B 260 24.35 -1.70 -0.47
CA PRO B 260 23.83 -2.05 0.86
C PRO B 260 22.55 -1.26 1.18
N LEU B 261 21.46 -1.62 0.52
CA LEU B 261 20.21 -0.90 0.66
C LEU B 261 19.30 -1.49 1.73
N MET B 262 18.57 -0.63 2.42
CA MET B 262 17.55 -1.06 3.37
C MET B 262 16.29 -1.50 2.59
N PRO B 263 15.40 -2.25 3.25
CA PRO B 263 14.21 -2.75 2.54
C PRO B 263 13.38 -1.66 1.85
N HIS B 264 13.11 -0.53 2.50
CA HIS B 264 12.28 0.48 1.85
C HIS B 264 13.00 1.08 0.65
N GLN B 265 14.32 1.05 0.68
CA GLN B 265 15.12 1.54 -0.44
C GLN B 265 15.06 0.56 -1.62
N LEU B 266 14.95 -0.73 -1.32
CA LEU B 266 14.81 -1.74 -2.36
C LEU B 266 13.44 -1.69 -3.01
N GLU B 267 12.41 -1.30 -2.25
CA GLU B 267 11.10 -1.03 -2.85
C GLU B 267 11.23 0.06 -3.91
N ARG B 268 12.01 1.10 -3.63
CA ARG B 268 12.21 2.17 -4.60
C ARG B 268 12.89 1.61 -5.85
N MET B 269 13.91 0.78 -5.65
CA MET B 269 14.56 0.12 -6.78
C MET B 269 13.55 -0.64 -7.61
N ALA B 270 12.70 -1.42 -6.94
CA ALA B 270 11.71 -2.23 -7.65
C ALA B 270 10.72 -1.37 -8.43
N ARG B 271 10.40 -0.19 -7.89
CA ARG B 271 9.44 0.70 -8.54
C ARG B 271 10.05 1.33 -9.80
N ARG B 272 11.37 1.20 -9.97
CA ARG B 272 12.00 1.73 -11.18
C ARG B 272 11.80 0.78 -12.36
N ALA B 273 11.49 -0.49 -12.10
CA ALA B 273 11.34 -1.47 -13.18
C ALA B 273 10.29 -0.99 -14.20
N ALA B 274 9.17 -0.48 -13.71
CA ALA B 274 8.11 0.04 -14.58
C ALA B 274 8.58 1.03 -15.64
N LEU B 275 9.59 1.84 -15.29
CA LEU B 275 10.09 2.85 -16.22
C LEU B 275 10.84 2.16 -17.36
N GLY B 276 11.65 1.16 -17.02
CA GLY B 276 12.36 0.39 -18.03
C GLY B 276 11.41 -0.43 -18.90
N VAL B 277 10.39 -0.99 -18.26
CA VAL B 277 9.33 -1.65 -19.03
C VAL B 277 8.67 -0.63 -19.98
N GLY B 278 8.32 0.54 -19.45
CA GLY B 278 7.69 1.58 -20.24
C GLY B 278 8.50 1.95 -21.48
N ARG B 279 9.82 1.98 -21.36
CA ARG B 279 10.67 2.31 -22.51
C ARG B 279 10.39 1.41 -23.70
N ASN B 280 10.04 0.16 -23.44
CA ASN B 280 9.85 -0.81 -24.51
C ASN B 280 8.40 -0.95 -24.98
N GLY B 281 7.55 -0.02 -24.55
CA GLY B 281 6.26 0.19 -25.18
C GLY B 281 4.99 -0.47 -24.63
N SER B 282 5.13 -1.54 -23.85
CA SER B 282 3.93 -2.26 -23.39
C SER B 282 3.11 -1.41 -22.43
N THR B 283 1.83 -1.75 -22.29
CA THR B 283 0.91 -0.90 -21.55
C THR B 283 0.20 -1.66 -20.42
N ALA B 284 0.73 -2.83 -20.10
CA ALA B 284 0.21 -3.67 -18.99
C ALA B 284 -1.26 -4.03 -19.13
N GLY B 285 -1.52 -5.13 -19.83
CA GLY B 285 -2.89 -5.56 -20.06
C GLY B 285 -3.61 -5.95 -18.77
N ALA B 286 -4.93 -6.02 -18.86
CA ALA B 286 -5.79 -6.25 -17.70
C ALA B 286 -5.41 -7.49 -16.90
N LEU B 287 -4.97 -8.54 -17.57
CA LEU B 287 -4.63 -9.80 -16.89
C LEU B 287 -3.14 -10.12 -16.92
N SER B 288 -2.35 -9.10 -17.23
CA SER B 288 -0.89 -9.25 -17.29
C SER B 288 -0.31 -9.00 -15.91
N GLY B 289 0.08 -10.07 -15.22
CA GLY B 289 0.70 -9.97 -13.90
C GLY B 289 2.14 -9.53 -14.01
N GLU B 290 2.37 -8.24 -13.81
CA GLU B 290 3.69 -7.64 -13.96
C GLU B 290 4.19 -7.15 -12.60
N PHE B 291 5.29 -7.76 -12.14
CA PHE B 291 5.78 -7.61 -10.77
C PHE B 291 7.29 -7.41 -10.81
N ALA B 292 7.83 -6.73 -9.79
CA ALA B 292 9.28 -6.66 -9.60
C ALA B 292 9.67 -6.93 -8.15
N LEU B 293 10.80 -7.61 -7.97
CA LEU B 293 11.34 -7.87 -6.64
C LEU B 293 12.80 -7.49 -6.67
N ALA B 294 13.23 -6.67 -5.71
CA ALA B 294 14.65 -6.29 -5.61
C ALA B 294 15.25 -6.76 -4.30
N PHE B 295 16.50 -7.22 -4.34
CA PHE B 295 17.18 -7.61 -3.11
C PHE B 295 18.63 -7.15 -3.12
N SER B 296 19.20 -7.01 -1.93
CA SER B 296 20.61 -6.66 -1.75
C SER B 296 21.36 -7.91 -1.32
N THR B 297 22.55 -8.12 -1.88
CA THR B 297 23.41 -9.22 -1.46
C THR B 297 24.45 -8.81 -0.43
N SER B 298 24.50 -7.52 -0.10
CA SER B 298 25.43 -7.03 0.91
C SER B 298 24.73 -6.74 2.22
N HIS B 299 23.44 -6.40 2.15
CA HIS B 299 22.64 -6.27 3.36
C HIS B 299 22.00 -7.61 3.61
N VAL B 300 22.62 -8.41 4.47
CA VAL B 300 22.21 -9.78 4.68
C VAL B 300 21.85 -10.01 6.13
N ILE B 301 20.91 -10.92 6.38
CA ILE B 301 20.45 -11.16 7.73
C ILE B 301 20.72 -12.60 8.13
N PRO B 302 21.82 -12.81 8.87
CA PRO B 302 22.13 -14.16 9.33
C PRO B 302 20.94 -14.71 10.08
N LEU B 303 20.62 -15.98 9.83
CA LEU B 303 19.47 -16.60 10.45
C LEU B 303 19.56 -16.51 11.97
N GLY B 304 18.60 -15.86 12.60
CA GLY B 304 18.57 -15.72 14.04
C GLY B 304 19.67 -14.82 14.57
N GLY B 305 20.25 -14.01 13.69
CA GLY B 305 21.37 -13.16 14.08
C GLY B 305 21.13 -11.68 13.85
N LYS B 306 22.20 -10.90 13.95
CA LYS B 306 22.15 -9.46 13.76
C LYS B 306 22.32 -9.16 12.27
N PRO B 307 21.46 -8.29 11.72
CA PRO B 307 21.64 -7.95 10.31
C PRO B 307 23.02 -7.33 10.04
N ARG B 308 23.57 -7.61 8.87
CA ARG B 308 24.87 -7.11 8.49
C ARG B 308 24.67 -6.07 7.41
N LEU B 309 24.99 -4.83 7.73
CA LEU B 309 24.87 -3.72 6.80
C LEU B 309 26.20 -3.01 6.77
N PRO B 310 27.02 -3.28 5.73
CA PRO B 310 28.42 -2.85 5.64
C PRO B 310 28.56 -1.34 5.47
N ALA B 311 27.55 -0.72 4.88
CA ALA B 311 27.56 0.71 4.69
C ALA B 311 26.10 1.12 4.63
N ILE B 312 25.81 2.40 4.78
CA ILE B 312 24.44 2.86 4.79
C ILE B 312 24.30 4.06 3.87
N ILE B 313 23.18 4.10 3.16
CA ILE B 313 22.96 5.10 2.12
C ILE B 313 21.75 5.98 2.46
N ASN B 314 21.92 7.28 2.26
CA ASN B 314 20.86 8.27 2.46
C ASN B 314 19.94 8.31 1.23
N ASP B 315 18.62 8.16 1.45
CA ASP B 315 17.66 8.20 0.34
C ASP B 315 17.65 9.52 -0.43
N THR B 316 18.08 10.59 0.22
CA THR B 316 18.09 11.91 -0.41
C THR B 316 19.43 12.21 -1.10
N ASP B 317 20.33 11.25 -1.08
CA ASP B 317 21.62 11.35 -1.77
C ASP B 317 21.40 11.03 -3.24
N SER B 318 21.12 12.07 -4.03
CA SER B 318 20.80 11.90 -5.44
C SER B 318 21.94 11.28 -6.25
N GLU B 319 23.17 11.67 -5.95
CA GLU B 319 24.30 11.11 -6.68
C GLU B 319 24.33 9.58 -6.60
N THR B 320 24.12 9.04 -5.41
CA THR B 320 24.15 7.59 -5.22
C THR B 320 22.85 6.92 -5.69
N MET B 321 21.72 7.44 -5.24
CA MET B 321 20.44 6.80 -5.59
C MET B 321 20.11 6.88 -7.08
N ASN B 322 20.35 8.03 -7.70
CA ASN B 322 20.01 8.20 -9.11
C ASN B 322 20.79 7.22 -9.98
N ALA B 323 22.05 7.01 -9.64
CA ALA B 323 22.89 6.07 -10.39
C ALA B 323 22.29 4.66 -10.30
N LEU B 324 21.86 4.29 -9.10
CA LEU B 324 21.24 2.97 -8.90
C LEU B 324 19.91 2.85 -9.64
N PHE B 325 19.09 3.90 -9.55
CA PHE B 325 17.78 3.89 -10.21
C PHE B 325 17.91 3.76 -11.73
N ARG B 326 18.82 4.53 -12.30
CA ARG B 326 19.06 4.47 -13.74
C ARG B 326 19.57 3.09 -14.14
N GLY B 327 20.38 2.47 -13.29
CA GLY B 327 20.84 1.12 -13.53
C GLY B 327 19.68 0.13 -13.63
N VAL B 328 18.71 0.25 -12.74
CA VAL B 328 17.53 -0.62 -12.80
C VAL B 328 16.79 -0.42 -14.12
N VAL B 329 16.58 0.84 -14.48
CA VAL B 329 15.81 1.17 -15.68
C VAL B 329 16.50 0.60 -16.92
N GLN B 330 17.79 0.89 -17.05
CA GLN B 330 18.54 0.45 -18.22
C GLN B 330 18.69 -1.08 -18.28
N ALA B 331 19.01 -1.71 -17.15
CA ALA B 331 19.16 -3.16 -17.14
C ALA B 331 17.83 -3.89 -17.39
N THR B 332 16.74 -3.33 -16.89
CA THR B 332 15.43 -3.88 -17.18
C THR B 332 15.13 -3.78 -18.69
N GLU B 333 15.35 -2.60 -19.26
CA GLU B 333 15.10 -2.36 -20.68
C GLU B 333 15.87 -3.39 -21.53
N GLU B 334 17.14 -3.57 -21.20
CA GLU B 334 17.98 -4.47 -22.00
C GLU B 334 17.65 -5.94 -21.77
N ALA B 335 17.33 -6.30 -20.53
CA ALA B 335 16.97 -7.69 -20.23
C ALA B 335 15.76 -8.11 -21.06
N LEU B 336 14.82 -7.19 -21.25
CA LEU B 336 13.63 -7.47 -22.04
C LEU B 336 13.98 -7.76 -23.49
N VAL B 337 14.87 -6.96 -24.06
CA VAL B 337 15.28 -7.20 -25.45
C VAL B 337 16.18 -8.43 -25.59
N ASN B 338 17.10 -8.63 -24.65
CA ASN B 338 17.89 -9.86 -24.61
C ASN B 338 17.02 -11.11 -24.60
N GLN B 339 15.90 -11.07 -23.88
CA GLN B 339 15.00 -12.22 -23.88
C GLN B 339 14.53 -12.54 -25.28
N LEU B 340 13.96 -11.53 -25.94
CA LEU B 340 13.38 -11.70 -27.27
C LEU B 340 14.38 -12.32 -28.23
N VAL B 341 15.59 -11.77 -28.24
CA VAL B 341 16.62 -12.23 -29.15
C VAL B 341 17.11 -13.63 -28.81
N ALA B 342 17.07 -14.00 -27.53
CA ALA B 342 17.50 -15.33 -27.12
C ALA B 342 16.46 -16.42 -27.42
N SER B 343 15.19 -16.04 -27.45
CA SER B 343 14.12 -17.02 -27.63
C SER B 343 13.92 -17.38 -29.10
N GLU B 344 14.01 -18.68 -29.35
CA GLU B 344 13.85 -19.21 -30.70
C GLU B 344 12.41 -19.57 -30.99
N THR B 345 12.07 -19.61 -32.27
CA THR B 345 10.79 -20.13 -32.71
C THR B 345 10.50 -21.48 -32.04
N MET B 346 9.26 -21.67 -31.61
CA MET B 346 8.84 -22.90 -30.93
C MET B 346 7.42 -23.30 -31.34
N THR B 347 7.23 -24.60 -31.58
CA THR B 347 5.89 -25.16 -31.77
C THR B 347 5.56 -25.99 -30.54
N GLY B 348 4.33 -25.87 -30.05
CA GLY B 348 3.97 -26.55 -28.83
C GLY B 348 2.59 -27.16 -28.86
N ALA B 349 1.90 -27.11 -27.72
CA ALA B 349 0.57 -27.69 -27.58
C ALA B 349 -0.40 -27.23 -28.68
N ASN B 350 -1.17 -28.18 -29.20
CA ASN B 350 -2.15 -27.91 -30.25
C ASN B 350 -1.51 -27.33 -31.51
N ASN B 351 -0.21 -27.60 -31.68
CA ASN B 351 0.56 -27.12 -32.82
C ASN B 351 0.58 -25.60 -32.93
N ALA B 352 0.42 -24.92 -31.79
CA ALA B 352 0.60 -23.47 -31.77
C ALA B 352 2.07 -23.17 -32.04
N LYS B 353 2.33 -22.23 -32.95
CA LYS B 353 3.69 -21.86 -33.29
C LYS B 353 3.92 -20.39 -33.04
N VAL B 354 4.97 -20.08 -32.29
CA VAL B 354 5.32 -18.71 -31.97
C VAL B 354 6.76 -18.43 -32.40
N TYR B 355 6.95 -17.38 -33.19
CA TYR B 355 8.26 -17.05 -33.75
C TYR B 355 9.13 -16.21 -32.81
N GLY B 356 10.42 -16.55 -32.77
CA GLY B 356 11.39 -15.67 -32.14
C GLY B 356 11.49 -14.45 -33.01
N ILE B 357 11.68 -13.27 -32.42
CA ILE B 357 11.81 -12.07 -33.23
C ILE B 357 12.94 -12.31 -34.23
N PRO B 358 12.68 -12.07 -35.53
CA PRO B 358 13.65 -12.44 -36.58
C PRO B 358 14.95 -11.66 -36.48
N HIS B 359 16.07 -12.36 -36.32
CA HIS B 359 17.36 -11.69 -36.15
C HIS B 359 17.76 -10.89 -37.36
N ASP B 360 17.52 -11.44 -38.55
CA ASP B 360 17.93 -10.75 -39.76
C ASP B 360 17.19 -9.42 -39.91
N GLN B 361 15.89 -9.43 -39.73
CA GLN B 361 15.12 -8.20 -39.85
C GLN B 361 15.46 -7.19 -38.76
N LEU B 362 15.66 -7.67 -37.53
CA LEU B 362 16.02 -6.77 -36.44
C LEU B 362 17.35 -6.08 -36.70
N ALA B 363 18.34 -6.86 -37.13
CA ALA B 363 19.66 -6.31 -37.40
C ALA B 363 19.63 -5.26 -38.50
N ARG B 364 18.82 -5.50 -39.54
CA ARG B 364 18.70 -4.54 -40.64
CA ARG B 364 18.68 -4.55 -40.64
C ARG B 364 18.04 -3.25 -40.16
N ILE B 365 16.97 -3.39 -39.39
CA ILE B 365 16.29 -2.22 -38.85
C ILE B 365 17.23 -1.38 -37.96
N MET B 366 17.99 -2.04 -37.10
CA MET B 366 18.95 -1.34 -36.24
C MET B 366 20.03 -0.65 -37.05
N LYS B 367 20.52 -1.32 -38.09
CA LYS B 367 21.53 -0.73 -38.98
C LYS B 367 21.00 0.52 -39.65
N ALA B 368 19.76 0.48 -40.10
CA ALA B 368 19.13 1.61 -40.78
C ALA B 368 18.87 2.78 -39.83
N ARG B 369 18.50 2.46 -38.59
N ARG B 369 18.49 2.47 -38.60
CA ARG B 369 18.16 3.48 -37.61
CA ARG B 369 18.16 3.50 -37.62
C ARG B 369 19.40 4.07 -36.95
C ARG B 369 19.42 4.08 -36.96
N PHE B 370 20.42 3.24 -36.78
CA PHE B 370 21.64 3.66 -36.11
C PHE B 370 22.90 3.37 -36.93
N PRO B 371 23.12 4.18 -37.97
CA PRO B 371 24.26 4.02 -38.88
C PRO B 371 25.59 3.92 -38.13
N GLY C 1 0.40 28.93 -31.17
CA GLY C 1 1.68 28.25 -31.13
C GLY C 1 1.54 26.79 -31.56
N PRO C 2 2.60 26.24 -32.16
CA PRO C 2 2.55 24.82 -32.54
C PRO C 2 2.57 23.95 -31.28
N ARG C 3 1.91 22.81 -31.33
CA ARG C 3 2.06 21.80 -30.28
C ARG C 3 2.96 20.70 -30.85
N ALA C 4 3.18 19.62 -30.11
CA ALA C 4 4.16 18.62 -30.54
C ALA C 4 3.89 18.06 -31.92
N ARG C 5 2.63 17.68 -32.19
CA ARG C 5 2.28 17.12 -33.49
C ARG C 5 2.61 18.09 -34.63
N ASP C 6 2.45 19.38 -34.37
CA ASP C 6 2.68 20.40 -35.39
C ASP C 6 4.15 20.51 -35.78
N LEU C 7 5.04 20.09 -34.89
CA LEU C 7 6.46 20.12 -35.19
C LEU C 7 6.94 18.79 -35.78
N GLY C 8 6.00 17.90 -36.08
CA GLY C 8 6.33 16.64 -36.74
C GLY C 8 6.61 15.48 -35.81
N VAL C 9 6.31 15.64 -34.52
CA VAL C 9 6.45 14.52 -33.60
C VAL C 9 5.26 13.58 -33.78
N PRO C 10 5.54 12.31 -34.10
CA PRO C 10 4.47 11.33 -34.25
C PRO C 10 4.09 10.71 -32.92
N PHE C 11 2.81 10.39 -32.74
CA PHE C 11 2.34 9.68 -31.56
C PHE C 11 1.36 8.60 -31.97
N GLU C 12 1.16 7.62 -31.10
CA GLU C 12 0.21 6.55 -31.35
C GLU C 12 -1.15 6.89 -30.80
N GLY C 13 -2.19 6.39 -31.45
CA GLY C 13 -3.54 6.55 -30.95
C GLY C 13 -4.28 7.74 -31.52
N THR C 14 -5.51 7.92 -31.07
CA THR C 14 -6.38 8.97 -31.61
C THR C 14 -6.68 10.03 -30.56
N PRO C 15 -6.19 11.26 -30.79
CA PRO C 15 -6.48 12.32 -29.82
C PRO C 15 -7.94 12.78 -29.91
N GLY C 16 -8.44 13.35 -28.81
CA GLY C 16 -9.73 14.01 -28.82
C GLY C 16 -9.67 15.32 -29.59
N ALA C 17 -10.82 15.98 -29.72
CA ALA C 17 -10.92 17.19 -30.53
C ALA C 17 -9.98 18.30 -30.10
N LEU C 18 -9.84 18.48 -28.79
CA LEU C 18 -8.99 19.54 -28.24
C LEU C 18 -7.59 19.02 -27.91
N ASN C 19 -7.44 17.71 -27.98
CA ASN C 19 -6.20 17.04 -27.53
C ASN C 19 -5.81 17.58 -26.17
N ALA C 20 -6.75 17.49 -25.23
CA ALA C 20 -6.54 18.06 -23.90
C ALA C 20 -7.48 17.38 -22.91
N ILE C 21 -7.20 17.58 -21.63
CA ILE C 21 -7.99 16.95 -20.58
C ILE C 21 -9.46 17.37 -20.66
N THR C 22 -9.71 18.56 -21.19
CA THR C 22 -11.07 19.06 -21.35
C THR C 22 -11.89 18.38 -22.45
N ASP C 23 -11.25 17.46 -23.17
CA ASP C 23 -12.00 16.57 -24.06
C ASP C 23 -12.91 15.66 -23.25
N VAL C 24 -12.64 15.53 -21.95
CA VAL C 24 -13.58 14.86 -21.06
C VAL C 24 -14.62 15.89 -20.64
N ALA C 25 -15.87 15.68 -21.06
CA ALA C 25 -16.89 16.72 -20.94
C ALA C 25 -17.07 17.20 -19.50
N GLY C 26 -17.21 18.51 -19.31
CA GLY C 26 -17.49 19.06 -17.99
C GLY C 26 -16.26 19.43 -17.16
N VAL C 27 -15.11 18.87 -17.51
CA VAL C 27 -13.87 19.25 -16.84
C VAL C 27 -13.54 20.70 -17.18
N GLU C 28 -13.17 21.48 -16.17
CA GLU C 28 -12.74 22.87 -16.36
C GLU C 28 -11.33 23.08 -15.83
N VAL C 29 -10.53 23.89 -16.54
CA VAL C 29 -9.16 24.18 -16.13
C VAL C 29 -8.96 25.68 -16.07
N GLY C 30 -8.27 26.14 -15.03
CA GLY C 30 -7.93 27.55 -14.89
C GLY C 30 -6.49 27.73 -14.45
N HIS C 31 -5.85 28.80 -14.89
CA HIS C 31 -4.49 29.13 -14.47
C HIS C 31 -4.43 30.53 -13.92
N THR C 32 -3.63 30.73 -12.89
CA THR C 32 -3.14 32.07 -12.58
C THR C 32 -1.63 32.00 -12.65
N THR C 33 -1.06 32.91 -13.45
CA THR C 33 0.36 32.91 -13.75
C THR C 33 0.98 34.16 -13.14
N VAL C 34 2.00 33.97 -12.34
CA VAL C 34 2.61 35.09 -11.62
C VAL C 34 4.05 35.25 -12.07
N ILE C 35 4.28 36.29 -12.86
CA ILE C 35 5.61 36.59 -13.37
C ILE C 35 5.92 38.06 -13.09
N SER C 36 6.83 38.30 -12.17
CA SER C 36 7.23 39.67 -11.84
C SER C 36 8.63 39.71 -11.22
N GLY C 37 9.33 40.82 -11.45
CA GLY C 37 10.67 40.98 -10.92
C GLY C 37 11.72 40.36 -11.83
N ASP C 38 12.95 40.84 -11.68
CA ASP C 38 14.08 40.32 -12.44
C ASP C 38 15.33 40.46 -11.59
N GLY C 39 16.37 39.71 -11.93
CA GLY C 39 17.64 39.82 -11.25
C GLY C 39 17.75 39.00 -9.98
N ALA C 40 18.65 39.43 -9.10
CA ALA C 40 18.96 38.68 -7.88
C ALA C 40 17.73 38.45 -6.99
N MET C 41 17.66 37.27 -6.40
CA MET C 41 16.55 36.93 -5.53
C MET C 41 16.72 37.54 -4.16
N VAL C 42 15.63 38.07 -3.61
CA VAL C 42 15.62 38.48 -2.22
C VAL C 42 14.39 37.85 -1.61
N ILE C 43 14.58 36.90 -0.70
CA ILE C 43 13.45 36.15 -0.17
C ILE C 43 12.39 37.08 0.42
N GLY C 44 11.20 37.03 -0.17
CA GLY C 44 10.12 37.91 0.23
C GLY C 44 9.86 39.00 -0.79
N LYS C 45 10.76 39.12 -1.78
CA LYS C 45 10.61 40.17 -2.77
C LYS C 45 10.72 39.68 -4.21
N GLY C 46 10.86 38.37 -4.40
CA GLY C 46 10.98 37.83 -5.74
C GLY C 46 12.42 37.85 -6.22
N PRO C 47 12.64 37.70 -7.54
CA PRO C 47 11.63 37.58 -8.60
C PRO C 47 10.68 36.40 -8.39
N TYR C 48 9.46 36.56 -8.89
CA TYR C 48 8.48 35.50 -8.81
C TYR C 48 8.23 34.90 -10.18
N ARG C 49 8.27 33.58 -10.25
CA ARG C 49 7.89 32.83 -11.44
C ARG C 49 7.11 31.62 -10.92
N THR C 50 5.82 31.81 -10.65
CA THR C 50 5.04 30.76 -10.01
C THR C 50 3.58 30.92 -10.39
N GLY C 51 2.69 30.17 -9.74
CA GLY C 51 1.28 30.26 -10.07
C GLY C 51 0.51 29.07 -9.55
N VAL C 52 -0.71 28.91 -10.04
CA VAL C 52 -1.55 27.80 -9.63
C VAL C 52 -2.46 27.38 -10.79
N THR C 53 -2.62 26.06 -10.93
CA THR C 53 -3.47 25.48 -11.95
C THR C 53 -4.61 24.75 -11.25
N ILE C 54 -5.83 25.03 -11.68
CA ILE C 54 -7.02 24.44 -11.08
C ILE C 54 -7.72 23.53 -12.08
N ILE C 55 -8.10 22.34 -11.62
CA ILE C 55 -8.93 21.45 -12.41
C ILE C 55 -10.20 21.14 -11.63
N HIS C 56 -11.34 21.57 -12.16
CA HIS C 56 -12.65 21.21 -11.61
C HIS C 56 -13.15 19.97 -12.35
N PRO C 57 -13.17 18.81 -11.67
CA PRO C 57 -13.56 17.57 -12.35
C PRO C 57 -14.95 17.63 -12.97
N LEU C 58 -15.88 18.27 -12.28
CA LEU C 58 -17.28 18.34 -12.71
C LEU C 58 -17.73 19.78 -12.91
N GLY C 59 -16.77 20.69 -13.03
CA GLY C 59 -17.09 22.11 -13.16
C GLY C 59 -17.11 22.83 -11.83
N LYS C 60 -16.95 24.14 -11.86
CA LYS C 60 -16.74 24.94 -10.66
C LYS C 60 -17.97 25.02 -9.75
N THR C 61 -19.15 24.70 -10.26
CA THR C 61 -20.35 24.80 -9.43
C THR C 61 -20.73 23.48 -8.75
N SER C 62 -20.03 22.39 -9.09
CA SER C 62 -20.37 21.09 -8.52
C SER C 62 -19.98 20.97 -7.05
N LEU C 63 -20.89 20.40 -6.27
CA LEU C 63 -20.62 20.09 -4.86
C LEU C 63 -20.42 18.60 -4.68
N ASP C 64 -20.42 17.87 -5.80
CA ASP C 64 -20.38 16.41 -5.73
C ASP C 64 -18.96 15.85 -5.79
N GLY C 65 -18.82 14.58 -5.43
CA GLY C 65 -17.54 13.93 -5.52
C GLY C 65 -17.39 13.18 -6.81
N VAL C 66 -16.15 12.88 -7.19
CA VAL C 66 -15.89 12.01 -8.32
C VAL C 66 -15.13 10.79 -7.83
N ALA C 67 -15.42 9.62 -8.39
CA ALA C 67 -14.63 8.44 -8.05
C ALA C 67 -13.19 8.66 -8.46
N ALA C 68 -12.24 8.14 -7.67
CA ALA C 68 -10.85 8.51 -7.85
C ALA C 68 -9.91 7.44 -7.31
N GLY C 69 -8.71 7.35 -7.89
CA GLY C 69 -7.66 6.50 -7.38
C GLY C 69 -6.30 7.04 -7.81
N ARG C 70 -5.26 6.74 -7.04
CA ARG C 70 -3.95 7.33 -7.31
C ARG C 70 -2.85 6.29 -7.43
N ALA C 71 -1.67 6.77 -7.80
CA ALA C 71 -0.48 5.94 -7.88
C ALA C 71 0.72 6.82 -7.59
N VAL C 72 1.77 6.21 -7.04
CA VAL C 72 3.01 6.92 -6.78
C VAL C 72 4.14 6.30 -7.59
N ILE C 73 4.89 7.14 -8.31
CA ILE C 73 6.10 6.68 -8.96
C ILE C 73 7.26 6.87 -7.99
N ASN C 74 7.35 8.07 -7.43
CA ASN C 74 8.32 8.35 -6.39
C ASN C 74 7.74 9.44 -5.51
N GLY C 75 7.56 9.16 -4.22
CA GLY C 75 6.73 9.99 -3.37
C GLY C 75 7.34 11.18 -2.63
N THR C 76 8.45 11.71 -3.13
CA THR C 76 9.09 12.85 -2.48
C THR C 76 8.43 14.17 -2.89
N GLY C 77 7.24 14.41 -2.34
CA GLY C 77 6.47 15.59 -2.69
C GLY C 77 5.16 15.56 -1.94
N GLU C 78 4.38 16.62 -2.11
CA GLU C 78 3.09 16.72 -1.43
C GLU C 78 1.92 16.66 -2.40
N TRP C 79 0.89 15.95 -1.99
CA TRP C 79 -0.39 15.94 -2.69
C TRP C 79 -1.43 15.65 -1.63
N THR C 80 -2.19 16.67 -1.26
CA THR C 80 -3.16 16.53 -0.19
C THR C 80 -4.46 15.94 -0.73
N GLY C 81 -5.31 15.44 0.15
CA GLY C 81 -6.56 14.82 -0.27
C GLY C 81 -6.36 13.36 -0.63
N MET C 82 -5.11 12.91 -0.59
CA MET C 82 -4.83 11.56 -1.10
C MET C 82 -5.13 10.42 -0.12
N HIS C 83 -5.01 10.67 1.18
CA HIS C 83 -5.47 9.67 2.17
C HIS C 83 -6.96 9.45 1.99
N LEU C 84 -7.69 10.54 1.80
CA LEU C 84 -9.13 10.48 1.52
C LEU C 84 -9.43 9.63 0.29
N VAL C 85 -8.74 9.91 -0.82
CA VAL C 85 -8.91 9.13 -2.03
C VAL C 85 -8.59 7.63 -1.81
N ASP C 86 -7.50 7.32 -1.11
CA ASP C 86 -7.15 5.92 -0.84
C ASP C 86 -8.24 5.22 -0.02
N GLU C 87 -8.84 5.97 0.91
CA GLU C 87 -9.78 5.37 1.85
C GLU C 87 -11.17 5.20 1.24
N VAL C 88 -11.77 6.30 0.77
CA VAL C 88 -13.16 6.26 0.33
C VAL C 88 -13.37 6.35 -1.18
N GLY C 89 -12.26 6.39 -1.94
CA GLY C 89 -12.33 6.28 -3.38
C GLY C 89 -12.98 7.44 -4.11
N GLN C 90 -12.98 8.61 -3.48
CA GLN C 90 -13.53 9.83 -4.09
C GLN C 90 -12.89 11.06 -3.46
N PHE C 91 -12.95 12.19 -4.18
CA PHE C 91 -12.62 13.47 -3.55
C PHE C 91 -13.63 14.52 -3.96
N LEU C 92 -13.79 15.51 -3.09
CA LEU C 92 -14.66 16.66 -3.31
C LEU C 92 -13.82 17.85 -3.73
N GLY C 93 -14.41 18.76 -4.49
CA GLY C 93 -13.73 20.00 -4.81
C GLY C 93 -12.71 19.87 -5.92
N PRO C 94 -11.98 20.95 -6.19
CA PRO C 94 -11.05 21.04 -7.32
C PRO C 94 -9.69 20.44 -7.00
N ILE C 95 -8.94 20.11 -8.04
CA ILE C 95 -7.53 19.79 -7.91
C ILE C 95 -6.70 21.05 -8.14
N ALA C 96 -5.80 21.38 -7.22
CA ALA C 96 -4.87 22.48 -7.43
C ALA C 96 -3.45 21.95 -7.60
N LEU C 97 -2.77 22.39 -8.65
CA LEU C 97 -1.37 22.07 -8.88
C LEU C 97 -0.59 23.37 -8.77
N THR C 98 0.50 23.37 -8.00
CA THR C 98 1.16 24.64 -7.72
C THR C 98 2.63 24.42 -7.35
N GLY C 99 3.31 25.51 -6.97
CA GLY C 99 4.69 25.41 -6.53
C GLY C 99 4.73 25.06 -5.06
N THR C 100 5.80 24.37 -4.66
CA THR C 100 5.93 23.85 -3.30
C THR C 100 5.67 24.89 -2.22
N GLY C 101 6.17 26.11 -2.42
CA GLY C 101 6.04 27.16 -1.41
C GLY C 101 4.62 27.66 -1.22
N ASN C 102 3.74 27.30 -2.16
CA ASN C 102 2.37 27.80 -2.18
C ASN C 102 1.33 26.85 -1.59
N VAL C 103 1.75 25.64 -1.23
CA VAL C 103 0.78 24.61 -0.86
C VAL C 103 -0.19 25.04 0.23
N GLY C 104 0.35 25.55 1.33
CA GLY C 104 -0.48 25.96 2.46
C GLY C 104 -1.42 27.09 2.11
N LEU C 105 -0.93 28.09 1.38
CA LEU C 105 -1.76 29.22 0.99
C LEU C 105 -2.93 28.75 0.11
N VAL C 106 -2.63 27.88 -0.85
CA VAL C 106 -3.65 27.39 -1.75
C VAL C 106 -4.70 26.56 -0.99
N HIS C 107 -4.22 25.70 -0.11
CA HIS C 107 -5.07 24.85 0.74
C HIS C 107 -6.09 25.69 1.53
N GLN C 108 -5.63 26.71 2.27
CA GLN C 108 -6.55 27.55 3.02
C GLN C 108 -7.43 28.42 2.11
N SER C 109 -6.88 28.87 0.98
CA SER C 109 -7.68 29.68 0.06
C SER C 109 -8.84 28.86 -0.52
N MET C 110 -8.62 27.58 -0.76
CA MET C 110 -9.70 26.74 -1.28
C MET C 110 -10.83 26.63 -0.26
N MET C 111 -10.48 26.51 1.02
CA MET C 111 -11.48 26.53 2.07
C MET C 111 -12.23 27.87 2.07
N ASP C 112 -11.48 28.97 2.03
CA ASP C 112 -12.10 30.30 2.02
C ASP C 112 -13.07 30.46 0.84
N TRP C 113 -12.66 29.97 -0.33
CA TRP C 113 -13.48 30.05 -1.53
C TRP C 113 -14.85 29.39 -1.36
N SER C 114 -14.90 28.32 -0.57
CA SER C 114 -16.17 27.64 -0.31
C SER C 114 -17.12 28.44 0.57
N VAL C 115 -16.58 29.27 1.46
CA VAL C 115 -17.44 30.04 2.34
C VAL C 115 -18.26 31.06 1.55
N GLY C 116 -19.58 30.99 1.69
CA GLY C 116 -20.47 31.82 0.91
C GLY C 116 -20.96 31.20 -0.40
N LYS C 117 -20.22 30.21 -0.89
CA LYS C 117 -20.60 29.51 -2.13
C LYS C 117 -21.25 28.17 -1.85
N VAL C 118 -20.98 27.63 -0.67
CA VAL C 118 -21.44 26.31 -0.31
C VAL C 118 -22.36 26.42 0.90
N PRO C 119 -23.54 25.79 0.84
CA PRO C 119 -24.45 25.80 1.98
C PRO C 119 -23.73 25.42 3.27
N GLU C 120 -24.03 26.09 4.36
CA GLU C 120 -23.35 25.87 5.61
C GLU C 120 -23.35 24.41 6.03
N GLU C 121 -24.44 23.71 5.71
CA GLU C 121 -24.61 22.30 6.04
C GLU C 121 -23.63 21.36 5.28
N ALA C 122 -23.18 21.85 4.16
CA ALA C 122 -22.31 21.13 3.28
C ALA C 122 -20.82 21.54 3.45
N LEU C 123 -20.52 22.57 4.26
CA LEU C 123 -19.15 23.09 4.34
C LEU C 123 -18.11 22.08 4.77
N PHE C 124 -18.46 21.17 5.66
CA PHE C 124 -17.49 20.20 6.14
C PHE C 124 -16.94 19.35 4.98
N SER C 125 -17.68 19.28 3.88
CA SER C 125 -17.25 18.50 2.73
C SER C 125 -16.14 19.21 1.97
N ARG C 126 -15.87 20.46 2.35
CA ARG C 126 -14.88 21.27 1.65
C ARG C 126 -13.57 21.33 2.42
N LEU C 127 -13.43 20.48 3.44
CA LEU C 127 -12.31 20.59 4.40
C LEU C 127 -11.06 19.74 4.10
N LEU C 128 -11.11 18.97 3.01
CA LEU C 128 -9.95 18.20 2.60
C LEU C 128 -9.60 18.51 1.16
N PRO C 129 -9.23 19.77 0.88
CA PRO C 129 -8.86 20.17 -0.47
C PRO C 129 -7.68 19.41 -1.03
N VAL C 130 -7.70 19.23 -2.34
CA VAL C 130 -6.66 18.49 -3.06
C VAL C 130 -5.66 19.47 -3.66
N VAL C 131 -4.44 19.48 -3.12
CA VAL C 131 -3.39 20.42 -3.55
C VAL C 131 -2.07 19.67 -3.71
N ALA C 132 -1.41 19.84 -4.86
CA ALA C 132 -0.16 19.14 -5.11
C ALA C 132 0.92 20.10 -5.60
N GLU C 133 2.18 19.69 -5.48
CA GLU C 133 3.28 20.59 -5.81
C GLU C 133 4.42 19.97 -6.62
N THR C 134 5.11 20.82 -7.38
CA THR C 134 6.49 20.58 -7.76
C THR C 134 7.26 21.87 -7.41
N LEU C 135 8.58 21.79 -7.37
CA LEU C 135 9.37 22.88 -6.81
C LEU C 135 9.99 23.79 -7.88
N ASP C 136 9.59 25.06 -7.88
CA ASP C 136 10.13 26.04 -8.85
C ASP C 136 11.33 26.80 -8.28
N ASN C 137 12.26 26.10 -7.62
CA ASN C 137 13.32 26.75 -6.84
C ASN C 137 14.42 27.44 -7.62
N ARG C 138 14.58 27.09 -8.89
CA ARG C 138 15.65 27.68 -9.68
C ARG C 138 15.23 28.97 -10.37
N LEU C 139 13.93 29.20 -10.49
CA LEU C 139 13.42 30.38 -11.19
C LEU C 139 12.58 31.31 -10.31
N ASN C 140 12.20 30.81 -9.14
CA ASN C 140 11.20 31.48 -8.31
C ASN C 140 11.65 31.69 -6.87
N ASP C 141 11.22 32.79 -6.26
CA ASP C 141 11.36 33.02 -4.83
C ASP C 141 10.33 32.19 -4.08
N VAL C 142 10.66 30.91 -3.90
CA VAL C 142 9.72 29.92 -3.36
C VAL C 142 9.09 30.31 -2.03
N PHE C 143 9.90 30.82 -1.11
CA PHE C 143 9.46 31.14 0.24
C PHE C 143 8.84 32.54 0.34
N GLY C 144 8.89 33.31 -0.76
CA GLY C 144 8.59 34.73 -0.70
C GLY C 144 7.15 35.23 -0.78
N HIS C 145 6.19 34.33 -0.66
CA HIS C 145 4.76 34.71 -0.67
C HIS C 145 4.33 35.46 -1.93
N GLY C 146 4.79 35.00 -3.08
CA GLY C 146 4.44 35.63 -4.33
C GLY C 146 3.02 35.31 -4.77
N LEU C 147 2.49 34.18 -4.31
CA LEU C 147 1.12 33.80 -4.65
C LEU C 147 0.15 34.28 -3.58
N THR C 148 -0.95 34.92 -4.00
CA THR C 148 -1.91 35.44 -3.06
C THR C 148 -3.24 34.69 -3.11
N ARG C 149 -4.08 34.90 -2.12
CA ARG C 149 -5.39 34.27 -2.14
C ARG C 149 -6.19 34.71 -3.37
N ASP C 150 -6.07 35.98 -3.73
CA ASP C 150 -6.75 36.50 -4.93
C ASP C 150 -6.32 35.74 -6.20
N HIS C 151 -5.04 35.40 -6.29
CA HIS C 151 -4.55 34.60 -7.42
C HIS C 151 -5.28 33.26 -7.48
N VAL C 152 -5.45 32.64 -6.31
CA VAL C 152 -6.13 31.35 -6.26
C VAL C 152 -7.60 31.48 -6.63
N PHE C 153 -8.28 32.47 -6.08
CA PHE C 153 -9.69 32.71 -6.42
C PHE C 153 -9.85 32.90 -7.92
N ALA C 154 -8.91 33.62 -8.53
CA ALA C 154 -9.02 33.94 -9.96
C ALA C 154 -8.95 32.67 -10.80
N ALA C 155 -8.09 31.75 -10.42
CA ALA C 155 -7.97 30.48 -11.13
C ALA C 155 -9.21 29.61 -10.91
N LEU C 156 -9.72 29.62 -9.69
CA LEU C 156 -10.91 28.86 -9.35
C LEU C 156 -12.13 29.36 -10.11
N ASP C 157 -12.28 30.69 -10.15
CA ASP C 157 -13.43 31.32 -10.78
C ASP C 157 -13.32 31.43 -12.29
N GLY C 158 -12.08 31.48 -12.77
CA GLY C 158 -11.83 31.69 -14.19
C GLY C 158 -11.73 30.40 -14.99
N ALA C 159 -11.72 29.27 -14.29
CA ALA C 159 -11.60 27.98 -14.95
C ALA C 159 -12.68 27.79 -16.00
N LYS C 160 -12.35 27.11 -17.09
CA LYS C 160 -13.34 26.84 -18.12
C LYS C 160 -12.96 25.61 -18.94
N GLY C 161 -13.93 25.13 -19.71
CA GLY C 161 -13.69 24.06 -20.67
C GLY C 161 -13.00 24.65 -21.89
N GLY C 162 -12.96 23.88 -22.97
CA GLY C 162 -12.33 24.32 -24.20
C GLY C 162 -10.84 24.14 -24.13
N PRO C 163 -10.11 24.74 -25.08
CA PRO C 163 -8.65 24.59 -25.18
C PRO C 163 -7.95 24.99 -23.89
N VAL C 164 -6.91 24.23 -23.53
CA VAL C 164 -6.18 24.46 -22.30
C VAL C 164 -4.83 25.11 -22.61
N ALA C 165 -4.54 26.24 -21.96
CA ALA C 165 -3.23 26.87 -22.15
C ALA C 165 -2.14 25.97 -21.58
N GLU C 166 -1.06 25.82 -22.33
CA GLU C 166 0.07 24.98 -21.94
C GLU C 166 1.32 25.83 -21.76
N GLY C 167 2.39 25.20 -21.27
CA GLY C 167 3.67 25.89 -21.17
C GLY C 167 3.92 26.56 -19.83
N ASN C 168 4.41 27.79 -19.88
CA ASN C 168 4.79 28.51 -18.66
C ASN C 168 3.62 29.21 -18.03
N VAL C 169 2.64 28.44 -17.57
CA VAL C 169 1.39 28.99 -17.04
C VAL C 169 1.01 28.29 -15.74
N GLY C 170 0.25 28.99 -14.90
CA GLY C 170 -0.27 28.44 -13.67
C GLY C 170 0.80 27.78 -12.82
N GLY C 171 0.51 26.56 -12.36
CA GLY C 171 1.44 25.81 -11.54
C GLY C 171 2.80 25.56 -12.19
N GLY C 172 2.81 25.50 -13.53
CA GLY C 172 4.03 25.15 -14.23
C GLY C 172 4.94 26.32 -14.55
N THR C 173 4.48 27.52 -14.22
CA THR C 173 5.19 28.73 -14.60
C THR C 173 6.71 28.68 -14.43
N GLY C 174 7.16 28.28 -13.25
CA GLY C 174 8.59 28.31 -12.94
C GLY C 174 9.34 26.99 -12.99
N MET C 175 8.77 26.00 -13.66
CA MET C 175 9.32 24.64 -13.62
C MET C 175 10.35 24.33 -14.72
N ILE C 176 11.08 23.24 -14.52
CA ILE C 176 12.17 22.82 -15.41
C ILE C 176 12.06 21.32 -15.63
N ALA C 177 12.00 20.91 -16.89
CA ALA C 177 11.84 19.50 -17.24
C ALA C 177 12.88 19.05 -18.26
N TYR C 178 13.56 17.95 -17.93
CA TYR C 178 14.63 17.42 -18.77
C TYR C 178 15.68 18.48 -19.10
N THR C 179 15.96 19.34 -18.13
CA THR C 179 16.95 20.40 -18.29
C THR C 179 16.54 21.46 -19.33
N PHE C 180 15.31 21.37 -19.82
CA PHE C 180 14.72 22.41 -20.66
C PHE C 180 13.62 23.09 -19.84
N LYS C 181 12.93 24.06 -20.43
CA LYS C 181 11.85 24.70 -19.68
C LYS C 181 10.70 23.71 -19.41
N GLY C 182 10.29 23.63 -18.14
CA GLY C 182 9.15 22.81 -17.77
C GLY C 182 7.84 23.60 -17.75
N GLY C 183 6.78 23.01 -17.22
CA GLY C 183 5.50 23.69 -17.26
C GLY C 183 4.32 22.76 -17.36
N ILE C 184 3.25 23.24 -17.99
CA ILE C 184 2.01 22.48 -18.16
C ILE C 184 1.90 21.87 -19.55
N GLY C 185 1.42 20.62 -19.61
CA GLY C 185 1.16 19.97 -20.87
C GLY C 185 -0.11 19.16 -20.78
N THR C 186 -0.79 18.96 -21.91
CA THR C 186 -2.03 18.17 -21.88
C THR C 186 -2.24 17.43 -23.19
N SER C 187 -2.97 16.32 -23.11
CA SER C 187 -3.26 15.50 -24.29
C SER C 187 -4.47 14.62 -23.95
N SER C 188 -5.08 14.03 -24.97
CA SER C 188 -6.18 13.11 -24.72
C SER C 188 -6.18 11.99 -25.74
N ARG C 189 -6.89 10.93 -25.39
CA ARG C 189 -7.10 9.82 -26.31
C ARG C 189 -8.58 9.41 -26.30
N VAL C 190 -9.12 9.19 -27.49
CA VAL C 190 -10.43 8.58 -27.61
C VAL C 190 -10.21 7.12 -27.94
N VAL C 191 -10.74 6.24 -27.09
CA VAL C 191 -10.42 4.82 -27.22
C VAL C 191 -11.67 4.00 -27.46
N SER C 192 -11.50 2.89 -28.17
CA SER C 192 -12.57 1.95 -28.44
C SER C 192 -12.51 0.83 -27.40
N ALA C 193 -13.44 0.86 -26.47
CA ALA C 193 -13.45 -0.08 -25.36
C ALA C 193 -14.67 -0.98 -25.50
N GLY C 194 -14.49 -2.10 -26.19
CA GLY C 194 -15.61 -2.96 -26.50
C GLY C 194 -16.49 -2.32 -27.55
N ASP C 195 -17.78 -2.23 -27.28
CA ASP C 195 -18.67 -1.54 -28.25
C ASP C 195 -19.17 -0.17 -27.72
N THR C 196 -18.31 0.54 -26.99
CA THR C 196 -18.44 1.97 -26.73
C THR C 196 -17.11 2.75 -26.90
N ARG C 197 -17.17 4.05 -26.98
CA ARG C 197 -15.94 4.82 -26.88
C ARG C 197 -15.87 5.63 -25.63
N TYR C 198 -14.67 5.80 -25.07
CA TYR C 198 -14.45 6.66 -23.92
C TYR C 198 -13.31 7.60 -24.24
N THR C 199 -13.23 8.67 -23.47
CA THR C 199 -12.10 9.58 -23.56
C THR C 199 -11.26 9.51 -22.30
N VAL C 200 -9.95 9.51 -22.50
CA VAL C 200 -8.97 9.60 -21.42
C VAL C 200 -8.19 10.88 -21.64
N GLY C 201 -8.32 11.82 -20.69
CA GLY C 201 -7.63 13.09 -20.77
C GLY C 201 -6.52 13.16 -19.73
N VAL C 202 -5.39 13.75 -20.11
CA VAL C 202 -4.26 13.87 -19.20
C VAL C 202 -3.71 15.30 -19.20
N LEU C 203 -3.46 15.83 -18.01
CA LEU C 203 -2.74 17.09 -17.85
C LEU C 203 -1.56 16.87 -16.93
N VAL C 204 -0.40 17.39 -17.32
CA VAL C 204 0.79 17.26 -16.47
C VAL C 204 1.35 18.61 -16.05
N GLN C 205 1.89 18.64 -14.84
CA GLN C 205 2.77 19.73 -14.41
C GLN C 205 4.17 19.11 -14.29
N ALA C 206 5.04 19.44 -15.24
CA ALA C 206 6.33 18.76 -15.40
C ALA C 206 7.52 19.57 -14.90
N ASN C 207 8.29 18.93 -14.02
CA ASN C 207 9.45 19.55 -13.37
C ASN C 207 10.52 18.45 -13.16
N HIS C 208 10.53 17.48 -14.05
CA HIS C 208 11.28 16.24 -13.79
C HIS C 208 12.26 15.95 -14.91
N GLY C 209 13.13 14.97 -14.67
CA GLY C 209 13.92 14.36 -15.72
C GLY C 209 15.23 15.07 -16.07
N ASP C 210 16.08 14.37 -16.80
CA ASP C 210 17.37 14.90 -17.20
C ASP C 210 17.44 14.91 -18.72
N ARG C 211 18.08 15.93 -19.28
CA ARG C 211 18.26 16.05 -20.73
C ARG C 211 18.84 14.79 -21.34
N ASN C 212 19.81 14.19 -20.66
CA ASN C 212 20.50 13.01 -21.18
C ASN C 212 19.62 11.77 -21.32
N ASP C 213 18.51 11.73 -20.58
CA ASP C 213 17.59 10.57 -20.64
C ASP C 213 16.41 10.80 -21.59
N LEU C 214 16.10 12.06 -21.89
CA LEU C 214 14.91 12.39 -22.68
C LEU C 214 14.80 11.61 -23.98
N ARG C 215 13.64 10.99 -24.19
CA ARG C 215 13.28 10.44 -25.48
C ARG C 215 12.00 11.12 -25.95
N ILE C 216 12.00 11.55 -27.22
CA ILE C 216 10.77 12.02 -27.84
C ILE C 216 10.47 11.12 -29.03
N ALA C 217 9.30 10.48 -29.00
CA ALA C 217 8.97 9.46 -30.00
C ALA C 217 10.09 8.44 -30.13
N GLY C 218 10.68 8.06 -28.99
CA GLY C 218 11.69 7.02 -28.98
C GLY C 218 13.10 7.48 -29.29
N VAL C 219 13.25 8.71 -29.78
CA VAL C 219 14.55 9.27 -30.11
C VAL C 219 15.24 9.90 -28.89
N GLN C 220 16.44 9.43 -28.57
CA GLN C 220 17.20 10.03 -27.48
C GLN C 220 17.74 11.35 -27.98
N ILE C 221 17.04 12.42 -27.66
CA ILE C 221 17.19 13.66 -28.40
C ILE C 221 18.12 14.69 -27.75
N GLY C 222 18.43 14.48 -26.47
CA GLY C 222 19.26 15.42 -25.73
C GLY C 222 20.62 15.68 -26.35
N LYS C 223 21.24 14.64 -26.89
CA LYS C 223 22.55 14.75 -27.50
C LYS C 223 22.47 15.22 -28.95
N GLU C 224 21.27 15.19 -29.51
CA GLU C 224 21.08 15.61 -30.90
C GLU C 224 20.80 17.10 -30.96
N ILE C 225 20.40 17.67 -29.83
CA ILE C 225 20.14 19.10 -29.75
C ILE C 225 21.42 19.86 -29.41
N LYS C 226 21.70 20.91 -30.16
CA LYS C 226 22.88 21.74 -29.96
C LYS C 226 22.55 22.97 -29.14
N GLY C 227 23.32 23.21 -28.09
CA GLY C 227 23.10 24.34 -27.20
C GLY C 227 21.82 24.20 -26.38
N ALA C 228 21.28 25.34 -25.97
CA ALA C 228 20.03 25.39 -25.21
C ALA C 228 20.16 24.82 -23.78
N TRP C 229 21.39 24.76 -23.28
CA TRP C 229 21.61 24.44 -21.87
C TRP C 229 21.28 25.64 -21.00
N PRO C 230 20.90 25.39 -19.73
CA PRO C 230 20.58 26.52 -18.84
C PRO C 230 21.78 27.43 -18.64
N GLU C 231 21.52 28.68 -18.27
CA GLU C 231 22.58 29.66 -18.03
C GLU C 231 22.30 30.43 -16.75
N VAL C 232 23.35 31.07 -16.22
CA VAL C 232 23.18 32.03 -15.13
C VAL C 232 24.03 33.25 -15.44
N ASN C 233 23.38 34.37 -15.72
CA ASN C 233 24.10 35.58 -16.12
C ASN C 233 25.12 35.35 -17.23
N GLY C 234 24.66 34.84 -18.37
CA GLY C 234 25.50 34.66 -19.53
C GLY C 234 26.34 33.39 -19.54
N ILE C 235 26.63 32.85 -18.36
CA ILE C 235 27.48 31.67 -18.24
C ILE C 235 26.69 30.37 -18.30
N VAL C 236 26.93 29.57 -19.33
CA VAL C 236 26.33 28.23 -19.42
C VAL C 236 26.51 27.53 -18.09
N ALA C 237 25.43 26.93 -17.57
CA ALA C 237 25.45 26.39 -16.22
C ALA C 237 25.28 24.88 -16.15
N ALA C 238 25.33 24.21 -17.30
CA ALA C 238 25.24 22.75 -17.34
C ALA C 238 25.59 22.23 -18.72
N GLY C 239 25.75 20.91 -18.82
CA GLY C 239 26.17 20.30 -20.07
C GLY C 239 27.67 20.32 -20.24
N PRO C 240 28.14 19.97 -21.45
CA PRO C 240 29.58 19.88 -21.74
C PRO C 240 30.29 21.23 -21.65
N ASP C 241 29.57 22.31 -21.90
CA ASP C 241 30.17 23.64 -21.90
C ASP C 241 29.86 24.42 -20.63
N ALA C 242 29.52 23.70 -19.56
CA ALA C 242 29.22 24.35 -18.29
C ALA C 242 30.40 25.19 -17.82
N GLY C 243 30.11 26.33 -17.18
CA GLY C 243 31.14 27.20 -16.67
C GLY C 243 31.75 28.07 -17.75
N LYS C 244 31.00 28.31 -18.82
CA LYS C 244 31.49 29.16 -19.91
C LYS C 244 30.40 30.11 -20.40
N SER C 250 10.31 16.53 -10.21
CA SER C 250 8.92 16.15 -9.86
C SER C 250 7.96 16.27 -11.04
N LEU C 251 6.85 15.55 -10.95
CA LEU C 251 5.90 15.47 -12.05
C LEU C 251 4.54 15.13 -11.48
N LEU C 252 3.55 15.98 -11.78
CA LEU C 252 2.17 15.71 -11.37
C LEU C 252 1.35 15.35 -12.58
N ILE C 253 0.64 14.23 -12.50
CA ILE C 253 -0.12 13.72 -13.63
C ILE C 253 -1.56 13.56 -13.21
N VAL C 254 -2.45 14.28 -13.90
CA VAL C 254 -3.89 14.19 -13.64
C VAL C 254 -4.58 13.53 -14.82
N ILE C 255 -5.34 12.48 -14.54
CA ILE C 255 -6.04 11.71 -15.55
C ILE C 255 -7.52 11.82 -15.32
N ALA C 256 -8.23 12.30 -16.34
CA ALA C 256 -9.68 12.29 -16.31
C ALA C 256 -10.22 11.29 -17.33
N THR C 257 -11.33 10.64 -17.02
CA THR C 257 -12.00 9.81 -18.02
C THR C 257 -13.50 9.82 -17.82
N ASP C 258 -14.27 9.68 -18.90
CA ASP C 258 -15.71 9.47 -18.78
C ASP C 258 -16.08 7.98 -18.68
N ALA C 259 -15.08 7.11 -18.61
CA ALA C 259 -15.36 5.69 -18.38
C ALA C 259 -15.91 5.56 -16.97
N PRO C 260 -16.99 4.77 -16.78
CA PRO C 260 -17.59 4.63 -15.45
C PRO C 260 -16.80 3.63 -14.61
N LEU C 261 -15.62 4.04 -14.16
CA LEU C 261 -14.75 3.13 -13.40
C LEU C 261 -14.97 3.27 -11.89
N MET C 262 -14.80 2.16 -11.17
CA MET C 262 -14.81 2.19 -9.72
C MET C 262 -13.44 2.66 -9.19
N PRO C 263 -13.37 3.10 -7.92
CA PRO C 263 -12.10 3.60 -7.39
C PRO C 263 -10.88 2.69 -7.61
N HIS C 264 -11.01 1.39 -7.34
CA HIS C 264 -9.87 0.51 -7.49
C HIS C 264 -9.45 0.41 -8.96
N GLN C 265 -10.39 0.59 -9.87
CA GLN C 265 -10.08 0.55 -11.30
C GLN C 265 -9.36 1.81 -11.71
N LEU C 266 -9.68 2.92 -11.06
CA LEU C 266 -8.98 4.17 -11.33
C LEU C 266 -7.56 4.15 -10.79
N GLU C 267 -7.31 3.43 -9.68
CA GLU C 267 -5.93 3.20 -9.27
C GLU C 267 -5.13 2.51 -10.38
N ARG C 268 -5.76 1.55 -11.06
CA ARG C 268 -5.11 0.85 -12.16
C ARG C 268 -4.80 1.83 -13.28
N MET C 269 -5.77 2.69 -13.60
CA MET C 269 -5.51 3.76 -14.57
C MET C 269 -4.28 4.59 -14.15
N ALA C 270 -4.24 4.99 -12.88
CA ALA C 270 -3.15 5.85 -12.44
C ALA C 270 -1.80 5.15 -12.54
N ARG C 271 -1.79 3.84 -12.31
CA ARG C 271 -0.53 3.08 -12.34
C ARG C 271 0.02 2.93 -13.76
N ARG C 272 -0.79 3.25 -14.76
CA ARG C 272 -0.33 3.24 -16.15
C ARG C 272 0.51 4.46 -16.49
N ALA C 273 0.35 5.55 -15.72
CA ALA C 273 1.11 6.76 -16.01
C ALA C 273 2.62 6.48 -16.06
N ALA C 274 3.11 5.67 -15.12
CA ALA C 274 4.54 5.32 -15.10
C ALA C 274 5.05 4.76 -16.43
N LEU C 275 4.23 4.00 -17.13
CA LEU C 275 4.65 3.43 -18.41
C LEU C 275 4.82 4.52 -19.45
N GLY C 276 3.91 5.49 -19.48
CA GLY C 276 3.99 6.61 -20.41
C GLY C 276 5.16 7.52 -20.09
N VAL C 277 5.38 7.72 -18.79
CA VAL C 277 6.58 8.42 -18.33
C VAL C 277 7.83 7.65 -18.79
N GLY C 278 7.84 6.34 -18.60
CA GLY C 278 8.95 5.50 -19.00
C GLY C 278 9.32 5.67 -20.47
N ARG C 279 8.31 5.78 -21.33
CA ARG C 279 8.55 5.91 -22.78
C ARG C 279 9.48 7.07 -23.09
N ASN C 280 9.36 8.13 -22.30
CA ASN C 280 10.13 9.34 -22.54
C ASN C 280 11.46 9.43 -21.78
N GLY C 281 11.89 8.32 -21.19
CA GLY C 281 13.28 8.21 -20.77
C GLY C 281 13.69 8.50 -19.33
N SER C 282 12.91 9.28 -18.59
CA SER C 282 13.35 9.65 -17.24
C SER C 282 13.34 8.44 -16.31
N THR C 283 14.08 8.53 -15.21
CA THR C 283 14.34 7.38 -14.37
C THR C 283 13.95 7.65 -12.91
N ALA C 284 13.22 8.74 -12.70
CA ALA C 284 12.70 9.14 -11.38
C ALA C 284 13.80 9.38 -10.35
N GLY C 285 14.33 10.60 -10.33
CA GLY C 285 15.40 10.94 -9.41
C GLY C 285 14.98 10.82 -7.96
N ALA C 286 15.97 10.75 -7.06
CA ALA C 286 15.74 10.49 -5.64
C ALA C 286 14.74 11.44 -4.99
N LEU C 287 14.77 12.71 -5.38
CA LEU C 287 13.86 13.71 -4.80
C LEU C 287 12.82 14.20 -5.79
N SER C 288 12.60 13.43 -6.85
CA SER C 288 11.61 13.79 -7.85
C SER C 288 10.26 13.21 -7.45
N GLY C 289 9.36 14.07 -6.98
CA GLY C 289 8.04 13.64 -6.56
C GLY C 289 7.13 13.42 -7.76
N GLU C 290 6.98 12.17 -8.17
CA GLU C 290 6.21 11.85 -9.37
C GLU C 290 4.98 11.04 -8.98
N PHE C 291 3.81 11.61 -9.29
CA PHE C 291 2.52 11.16 -8.77
C PHE C 291 1.49 11.18 -9.89
N ALA C 292 0.51 10.30 -9.79
CA ALA C 292 -0.63 10.34 -10.73
C ALA C 292 -1.94 10.20 -9.97
N LEU C 293 -2.96 10.93 -10.43
CA LEU C 293 -4.30 10.84 -9.87
C LEU C 293 -5.30 10.69 -11.02
N ALA C 294 -6.15 9.69 -10.94
CA ALA C 294 -7.17 9.46 -11.98
C ALA C 294 -8.56 9.59 -11.40
N PHE C 295 -9.47 10.23 -12.14
CA PHE C 295 -10.86 10.31 -11.71
C PHE C 295 -11.80 10.08 -12.86
N SER C 296 -13.01 9.62 -12.54
CA SER C 296 -14.08 9.41 -13.51
C SER C 296 -15.10 10.53 -13.39
N THR C 297 -15.57 11.04 -14.52
CA THR C 297 -16.60 12.07 -14.53
C THR C 297 -18.00 11.48 -14.73
N SER C 298 -18.07 10.17 -14.94
CA SER C 298 -19.37 9.51 -15.08
C SER C 298 -19.77 8.79 -13.81
N HIS C 299 -18.79 8.39 -13.02
CA HIS C 299 -19.06 7.77 -11.71
C HIS C 299 -18.95 8.89 -10.68
N VAL C 300 -20.10 9.47 -10.34
CA VAL C 300 -20.12 10.67 -9.50
C VAL C 300 -20.91 10.38 -8.23
N ILE C 301 -20.54 11.04 -7.15
CA ILE C 301 -21.19 10.78 -5.88
C ILE C 301 -21.86 12.06 -5.38
N PRO C 302 -23.17 12.19 -5.64
CA PRO C 302 -23.87 13.39 -5.14
C PRO C 302 -23.61 13.52 -3.66
N LEU C 303 -23.36 14.74 -3.20
CA LEU C 303 -23.06 14.98 -1.79
C LEU C 303 -24.19 14.45 -0.92
N GLY C 304 -23.85 13.55 -0.01
CA GLY C 304 -24.83 12.95 0.89
C GLY C 304 -25.86 12.09 0.21
N GLY C 305 -25.60 11.69 -1.04
CA GLY C 305 -26.56 10.90 -1.81
C GLY C 305 -26.06 9.53 -2.26
N LYS C 306 -26.78 8.92 -3.19
CA LYS C 306 -26.39 7.61 -3.70
C LYS C 306 -25.42 7.76 -4.85
N PRO C 307 -24.31 7.00 -4.84
CA PRO C 307 -23.40 7.10 -5.98
C PRO C 307 -24.11 6.79 -7.30
N ARG C 308 -23.72 7.51 -8.34
CA ARG C 308 -24.25 7.31 -9.68
CA ARG C 308 -24.26 7.30 -9.67
C ARG C 308 -23.24 6.59 -10.53
N LEU C 309 -23.56 5.36 -10.93
CA LEU C 309 -22.68 4.54 -11.76
C LEU C 309 -23.54 4.04 -12.92
N PRO C 310 -23.43 4.70 -14.08
CA PRO C 310 -24.33 4.49 -15.23
C PRO C 310 -24.09 3.17 -15.96
N ALA C 311 -22.91 2.59 -15.78
CA ALA C 311 -22.62 1.27 -16.33
C ALA C 311 -21.47 0.74 -15.50
N ILE C 312 -21.17 -0.54 -15.61
CA ILE C 312 -20.17 -1.12 -14.74
C ILE C 312 -19.25 -2.00 -15.59
N ILE C 313 -17.96 -1.94 -15.33
CA ILE C 313 -16.97 -2.63 -16.15
C ILE C 313 -16.25 -3.73 -15.37
N ASN C 314 -16.06 -4.88 -16.01
CA ASN C 314 -15.33 -6.00 -15.42
C ASN C 314 -13.83 -5.79 -15.57
N ASP C 315 -13.08 -5.85 -14.47
CA ASP C 315 -11.63 -5.68 -14.51
C ASP C 315 -10.91 -6.68 -15.40
N THR C 316 -11.53 -7.82 -15.64
CA THR C 316 -10.92 -8.86 -16.43
C THR C 316 -11.31 -8.80 -17.90
N ASP C 317 -12.10 -7.78 -18.25
CA ASP C 317 -12.52 -7.53 -19.63
C ASP C 317 -11.37 -6.84 -20.34
N SER C 318 -10.47 -7.61 -20.93
CA SER C 318 -9.30 -7.07 -21.62
C SER C 318 -9.66 -6.11 -22.76
N GLU C 319 -10.74 -6.41 -23.49
CA GLU C 319 -11.11 -5.51 -24.59
C GLU C 319 -11.32 -4.09 -24.07
N THR C 320 -12.06 -3.97 -22.98
CA THR C 320 -12.39 -2.65 -22.46
C THR C 320 -11.20 -2.04 -21.71
N MET C 321 -10.65 -2.78 -20.76
CA MET C 321 -9.59 -2.22 -19.91
C MET C 321 -8.29 -1.89 -20.67
N ASN C 322 -7.86 -2.76 -21.58
CA ASN C 322 -6.60 -2.53 -22.30
C ASN C 322 -6.67 -1.24 -23.12
N ALA C 323 -7.83 -0.99 -23.71
CA ALA C 323 -8.03 0.23 -24.48
C ALA C 323 -7.84 1.46 -23.60
N LEU C 324 -8.44 1.42 -22.41
CA LEU C 324 -8.32 2.52 -21.46
C LEU C 324 -6.88 2.71 -20.96
N PHE C 325 -6.22 1.60 -20.63
CA PHE C 325 -4.85 1.64 -20.15
C PHE C 325 -3.92 2.21 -21.22
N ARG C 326 -4.08 1.74 -22.45
CA ARG C 326 -3.26 2.23 -23.55
C ARG C 326 -3.48 3.73 -23.75
N GLY C 327 -4.72 4.17 -23.57
CA GLY C 327 -5.06 5.58 -23.61
C GLY C 327 -4.28 6.39 -22.59
N VAL C 328 -4.18 5.88 -21.36
CA VAL C 328 -3.45 6.62 -20.33
C VAL C 328 -1.99 6.73 -20.73
N VAL C 329 -1.41 5.62 -21.17
CA VAL C 329 0.01 5.58 -21.48
C VAL C 329 0.33 6.56 -22.61
N GLN C 330 -0.47 6.50 -23.67
CA GLN C 330 -0.25 7.35 -24.83
C GLN C 330 -0.52 8.82 -24.53
N ALA C 331 -1.61 9.12 -23.84
CA ALA C 331 -1.91 10.53 -23.54
C ALA C 331 -0.87 11.12 -22.59
N THR C 332 -0.36 10.30 -21.68
CA THR C 332 0.70 10.75 -20.77
C THR C 332 1.97 11.06 -21.57
N GLU C 333 2.37 10.14 -22.43
CA GLU C 333 3.55 10.33 -23.26
C GLU C 333 3.45 11.64 -24.03
N GLU C 334 2.30 11.85 -24.68
CA GLU C 334 2.13 13.06 -25.49
C GLU C 334 2.00 14.34 -24.67
N ALA C 335 1.31 14.28 -23.54
CA ALA C 335 1.18 15.45 -22.67
C ALA C 335 2.56 15.98 -22.27
N LEU C 336 3.49 15.06 -22.01
CA LEU C 336 4.84 15.42 -21.61
C LEU C 336 5.58 16.18 -22.71
N VAL C 337 5.48 15.71 -23.95
CA VAL C 337 6.13 16.39 -25.07
C VAL C 337 5.43 17.72 -25.39
N ASN C 338 4.10 17.71 -25.34
CA ASN C 338 3.35 18.96 -25.51
C ASN C 338 3.79 20.03 -24.53
N GLN C 339 4.09 19.63 -23.30
CA GLN C 339 4.56 20.60 -22.32
C GLN C 339 5.83 21.27 -22.83
N LEU C 340 6.80 20.43 -23.19
CA LEU C 340 8.13 20.91 -23.59
C LEU C 340 8.04 21.91 -24.74
N VAL C 341 7.22 21.57 -25.72
CA VAL C 341 7.04 22.41 -26.91
C VAL C 341 6.31 23.72 -26.58
N ALA C 342 5.38 23.68 -25.63
CA ALA C 342 4.62 24.87 -25.26
C ALA C 342 5.42 25.85 -24.40
N SER C 343 6.41 25.33 -23.69
CA SER C 343 7.19 26.13 -22.77
C SER C 343 8.30 26.91 -23.46
N GLU C 344 8.26 28.22 -23.30
CA GLU C 344 9.26 29.11 -23.90
C GLU C 344 10.43 29.39 -22.96
N THR C 345 11.56 29.74 -23.56
CA THR C 345 12.71 30.19 -22.78
C THR C 345 12.29 31.23 -21.74
N MET C 346 12.82 31.08 -20.53
CA MET C 346 12.50 32.01 -19.44
C MET C 346 13.74 32.35 -18.60
N THR C 347 13.87 33.63 -18.24
CA THR C 347 14.88 34.06 -17.27
C THR C 347 14.15 34.43 -16.00
N GLY C 348 14.66 33.97 -14.86
CA GLY C 348 13.98 34.22 -13.61
C GLY C 348 14.90 34.65 -12.48
N ALA C 349 14.56 34.23 -11.27
CA ALA C 349 15.33 34.54 -10.07
C ALA C 349 16.84 34.34 -10.25
N ASN C 350 17.63 35.28 -9.73
CA ASN C 350 19.09 35.24 -9.83
C ASN C 350 19.60 35.16 -11.27
N ASN C 351 18.80 35.67 -12.21
CA ASN C 351 19.13 35.64 -13.62
C ASN C 351 19.36 34.24 -14.18
N ALA C 352 18.78 33.23 -13.53
CA ALA C 352 18.77 31.88 -14.09
C ALA C 352 17.96 31.86 -15.38
N LYS C 353 18.52 31.24 -16.41
CA LYS C 353 17.84 31.16 -17.70
C LYS C 353 17.71 29.72 -18.14
N VAL C 354 16.49 29.34 -18.51
CA VAL C 354 16.24 27.98 -18.97
C VAL C 354 15.55 28.03 -20.33
N TYR C 355 16.08 27.28 -21.28
CA TYR C 355 15.58 27.35 -22.65
C TYR C 355 14.42 26.38 -22.90
N GLY C 356 13.43 26.83 -23.65
CA GLY C 356 12.42 25.92 -24.17
C GLY C 356 13.10 25.02 -25.18
N ILE C 357 12.71 23.76 -25.27
CA ILE C 357 13.32 22.89 -26.27
C ILE C 357 13.18 23.57 -27.64
N PRO C 358 14.30 23.69 -28.37
CA PRO C 358 14.29 24.46 -29.63
C PRO C 358 13.38 23.85 -30.69
N HIS C 359 12.38 24.60 -31.14
CA HIS C 359 11.45 24.10 -32.14
C HIS C 359 12.12 23.75 -33.45
N ASP C 360 13.05 24.58 -33.90
CA ASP C 360 13.66 24.34 -35.20
C ASP C 360 14.48 23.05 -35.20
N GLN C 361 15.28 22.84 -34.16
CA GLN C 361 16.07 21.61 -34.07
C GLN C 361 15.16 20.39 -33.91
N LEU C 362 14.13 20.52 -33.08
CA LEU C 362 13.23 19.40 -32.86
C LEU C 362 12.53 18.99 -34.15
N ALA C 363 12.03 19.95 -34.90
CA ALA C 363 11.34 19.64 -36.15
C ALA C 363 12.31 18.99 -37.15
N ARG C 364 13.55 19.47 -37.14
N ARG C 364 13.55 19.48 -37.13
CA ARG C 364 14.58 18.95 -38.04
CA ARG C 364 14.59 18.96 -38.02
C ARG C 364 14.89 17.49 -37.71
C ARG C 364 14.87 17.49 -37.71
N ILE C 365 15.04 17.19 -36.43
CA ILE C 365 15.33 15.83 -35.99
C ILE C 365 14.19 14.88 -36.32
N MET C 366 12.96 15.35 -36.09
CA MET C 366 11.78 14.53 -36.38
C MET C 366 11.67 14.26 -37.88
N LYS C 367 11.98 15.27 -38.68
CA LYS C 367 11.94 15.13 -40.13
C LYS C 367 12.96 14.08 -40.61
N ALA C 368 14.16 14.15 -40.06
CA ALA C 368 15.22 13.20 -40.41
C ALA C 368 14.92 11.80 -39.93
N ARG C 369 14.27 11.69 -38.77
N ARG C 369 14.29 11.70 -38.76
CA ARG C 369 14.01 10.40 -38.16
CA ARG C 369 13.99 10.41 -38.14
C ARG C 369 12.72 9.78 -38.71
C ARG C 369 12.73 9.78 -38.72
N PHE C 370 11.79 10.62 -39.13
CA PHE C 370 10.52 10.14 -39.67
C PHE C 370 10.22 10.82 -41.01
N PRO C 371 11.00 10.49 -42.03
CA PRO C 371 10.89 11.12 -43.36
C PRO C 371 9.51 10.94 -43.99
N GLY D 1 -3.28 17.94 37.98
CA GLY D 1 -4.44 17.14 38.27
C GLY D 1 -4.16 15.65 38.13
N PRO D 2 -5.14 14.81 38.49
CA PRO D 2 -4.92 13.36 38.41
C PRO D 2 -4.88 12.92 36.94
N ARG D 3 -4.08 11.91 36.67
CA ARG D 3 -4.10 11.23 35.37
C ARG D 3 -4.81 9.91 35.56
N ALA D 4 -4.92 9.08 34.53
CA ALA D 4 -5.79 7.91 34.65
C ALA D 4 -5.41 6.99 35.81
N ARG D 5 -4.12 6.72 35.99
CA ARG D 5 -3.70 5.83 37.06
C ARG D 5 -4.11 6.37 38.43
N ASP D 6 -4.10 7.69 38.54
CA ASP D 6 -4.40 8.36 39.81
C ASP D 6 -5.87 8.20 40.21
N LEU D 7 -6.71 7.88 39.23
CA LEU D 7 -8.11 7.59 39.51
C LEU D 7 -8.36 6.09 39.67
N GLY D 8 -7.30 5.30 39.71
CA GLY D 8 -7.42 3.87 39.94
C GLY D 8 -7.64 3.00 38.71
N VAL D 9 -7.40 3.55 37.53
CA VAL D 9 -7.45 2.74 36.31
C VAL D 9 -6.15 1.96 36.23
N PRO D 10 -6.26 0.62 36.14
CA PRO D 10 -5.06 -0.20 36.01
C PRO D 10 -4.66 -0.31 34.54
N PHE D 11 -3.36 -0.34 34.28
CA PHE D 11 -2.84 -0.67 32.95
C PHE D 11 -1.69 -1.64 33.12
N GLU D 12 -1.39 -2.38 32.05
CA GLU D 12 -0.30 -3.33 32.05
C GLU D 12 0.97 -2.61 31.64
N GLY D 13 2.11 -3.10 32.11
CA GLY D 13 3.40 -2.58 31.67
C GLY D 13 4.00 -1.55 32.60
N THR D 14 5.20 -1.09 32.25
CA THR D 14 5.94 -0.10 33.06
C THR D 14 6.12 1.20 32.30
N PRO D 15 5.47 2.27 32.76
CA PRO D 15 5.68 3.56 32.11
C PRO D 15 7.10 4.09 32.33
N GLY D 16 7.56 4.97 31.44
CA GLY D 16 8.73 5.76 31.69
C GLY D 16 8.49 6.73 32.84
N ALA D 17 9.51 7.50 33.19
CA ALA D 17 9.47 8.40 34.35
C ALA D 17 8.34 9.43 34.28
N LEU D 18 8.16 10.03 33.12
CA LEU D 18 7.13 11.06 32.94
C LEU D 18 5.80 10.48 32.48
N ASN D 19 5.80 9.19 32.12
CA ASN D 19 4.66 8.56 31.46
C ASN D 19 4.12 9.43 30.33
N ALA D 20 5.00 9.77 29.40
CA ALA D 20 4.68 10.69 28.31
C ALA D 20 5.65 10.46 27.17
N ILE D 21 5.33 11.01 26.00
CA ILE D 21 6.17 10.80 24.82
C ILE D 21 7.56 11.39 25.01
N THR D 22 7.66 12.40 25.88
CA THR D 22 8.94 13.04 26.19
C THR D 22 9.88 12.16 27.02
N ASP D 23 9.41 10.97 27.42
CA ASP D 23 10.31 9.97 28.00
C ASP D 23 11.32 9.51 26.96
N VAL D 24 11.00 9.75 25.69
CA VAL D 24 11.94 9.44 24.62
C VAL D 24 12.90 10.61 24.48
N ALA D 25 14.19 10.36 24.66
CA ALA D 25 15.17 11.44 24.63
C ALA D 25 15.13 12.19 23.30
N GLY D 26 15.16 13.51 23.37
CA GLY D 26 15.18 14.35 22.17
C GLY D 26 13.86 15.06 21.91
N VAL D 27 12.77 14.39 22.25
CA VAL D 27 11.43 14.87 21.90
C VAL D 27 11.01 16.08 22.73
N GLU D 28 10.55 17.12 22.05
CA GLU D 28 9.95 18.28 22.71
C GLU D 28 8.52 18.43 22.23
N VAL D 29 7.65 18.90 23.12
CA VAL D 29 6.25 19.17 22.78
C VAL D 29 5.86 20.60 23.14
N GLY D 30 5.08 21.25 22.27
CA GLY D 30 4.55 22.57 22.55
C GLY D 30 3.09 22.67 22.12
N HIS D 31 2.32 23.47 22.85
CA HIS D 31 0.91 23.71 22.50
C HIS D 31 0.64 25.21 22.43
N THR D 32 -0.21 25.63 21.49
CA THR D 32 -0.86 26.93 21.58
C THR D 32 -2.34 26.64 21.59
N THR D 33 -3.02 27.18 22.59
CA THR D 33 -4.43 26.90 22.85
C THR D 33 -5.21 28.20 22.65
N VAL D 34 -6.22 28.14 21.76
CA VAL D 34 -6.99 29.33 21.40
C VAL D 34 -8.42 29.15 21.87
N ILE D 35 -8.81 29.88 22.90
CA ILE D 35 -10.16 29.79 23.43
C ILE D 35 -10.69 31.20 23.57
N SER D 36 -11.67 31.55 22.72
CA SER D 36 -12.25 32.88 22.80
C SER D 36 -13.70 32.90 22.33
N GLY D 37 -14.52 33.68 23.01
CA GLY D 37 -15.90 33.88 22.58
C GLY D 37 -16.85 32.83 23.10
N ASP D 38 -18.13 33.16 23.15
CA ASP D 38 -19.16 32.22 23.57
C ASP D 38 -20.42 32.43 22.76
N GLY D 39 -21.30 31.43 22.78
CA GLY D 39 -22.60 31.57 22.15
C GLY D 39 -22.62 31.17 20.69
N ALA D 40 -23.52 31.80 19.95
CA ALA D 40 -23.79 31.43 18.56
C ALA D 40 -22.59 31.67 17.67
N MET D 41 -22.35 30.73 16.79
CA MET D 41 -21.23 30.83 15.87
C MET D 41 -21.59 31.68 14.66
N VAL D 42 -20.68 32.55 14.28
CA VAL D 42 -20.75 33.23 13.00
C VAL D 42 -19.40 33.00 12.34
N ILE D 43 -19.42 32.43 11.13
CA ILE D 43 -18.15 32.08 10.48
C ILE D 43 -17.27 33.29 10.26
N GLY D 44 -16.06 33.24 10.82
CA GLY D 44 -15.15 34.36 10.77
C GLY D 44 -15.16 35.17 12.06
N LYS D 45 -16.06 34.83 12.98
CA LYS D 45 -16.17 35.55 14.24
C LYS D 45 -16.25 34.65 15.47
N GLY D 46 -15.94 33.36 15.32
CA GLY D 46 -15.93 32.46 16.46
C GLY D 46 -17.33 32.11 16.92
N PRO D 47 -17.46 31.52 18.12
CA PRO D 47 -16.40 31.23 19.08
C PRO D 47 -15.29 30.33 18.52
N TYR D 48 -14.10 30.48 19.10
CA TYR D 48 -12.97 29.65 18.73
C TYR D 48 -12.59 28.73 19.87
N ARG D 49 -12.42 27.45 19.55
CA ARG D 49 -11.89 26.47 20.48
C ARG D 49 -10.97 25.59 19.66
N THR D 50 -9.73 26.03 19.48
CA THR D 50 -8.83 25.35 18.56
C THR D 50 -7.39 25.59 18.99
N GLY D 51 -6.43 25.20 18.15
CA GLY D 51 -5.03 25.36 18.53
C GLY D 51 -4.13 24.48 17.70
N VAL D 52 -2.89 24.35 18.13
CA VAL D 52 -1.94 23.52 17.42
C VAL D 52 -0.96 22.90 18.41
N THR D 53 -0.63 21.63 18.19
CA THR D 53 0.36 20.93 19.01
C THR D 53 1.58 20.62 18.15
N ILE D 54 2.77 20.91 18.67
CA ILE D 54 4.01 20.67 17.94
C ILE D 54 4.82 19.61 18.65
N ILE D 55 5.34 18.65 17.88
CA ILE D 55 6.30 17.69 18.40
C ILE D 55 7.58 17.77 17.58
N HIS D 56 8.68 18.18 18.20
CA HIS D 56 9.98 18.19 17.53
C HIS D 56 10.65 16.87 17.88
N PRO D 57 10.86 15.99 16.89
CA PRO D 57 11.47 14.67 17.18
C PRO D 57 12.83 14.77 17.84
N LEU D 58 13.63 15.76 17.44
CA LEU D 58 15.00 15.89 17.93
C LEU D 58 15.24 17.27 18.54
N GLY D 59 14.15 17.92 18.94
CA GLY D 59 14.25 19.27 19.48
C GLY D 59 14.16 20.34 18.40
N LYS D 60 13.82 21.55 18.82
CA LYS D 60 13.49 22.63 17.87
C LYS D 60 14.66 23.15 17.04
N THR D 61 15.89 22.87 17.45
CA THR D 61 17.03 23.36 16.68
C THR D 61 17.56 22.33 15.68
N SER D 62 16.93 21.16 15.61
CA SER D 62 17.40 20.11 14.70
C SER D 62 17.04 20.38 13.24
N LEU D 63 18.03 20.20 12.37
CA LEU D 63 17.82 20.30 10.93
C LEU D 63 17.84 18.91 10.31
N ASP D 64 17.96 17.89 11.15
CA ASP D 64 18.13 16.52 10.67
C ASP D 64 16.82 15.76 10.55
N GLY D 65 16.87 14.62 9.87
CA GLY D 65 15.71 13.78 9.69
C GLY D 65 15.70 12.65 10.70
N VAL D 66 14.50 12.11 10.96
CA VAL D 66 14.37 10.91 11.78
C VAL D 66 13.73 9.82 10.93
N ALA D 67 14.19 8.60 11.12
CA ALA D 67 13.59 7.46 10.46
C ALA D 67 12.14 7.35 10.88
N ALA D 68 11.26 7.00 9.94
CA ALA D 68 9.83 7.03 10.25
C ALA D 68 9.03 6.06 9.37
N GLY D 69 7.86 5.66 9.87
CA GLY D 69 6.93 4.86 9.08
C GLY D 69 5.53 5.12 9.60
N ARG D 70 4.53 4.96 8.75
CA ARG D 70 3.15 5.28 9.15
C ARG D 70 2.18 4.11 8.98
N ALA D 71 0.96 4.28 9.48
CA ALA D 71 -0.10 3.31 9.26
C ALA D 71 -1.42 4.06 9.21
N VAL D 72 -2.39 3.49 8.49
CA VAL D 72 -3.73 4.08 8.41
C VAL D 72 -4.74 3.11 9.00
N ILE D 73 -5.55 3.58 9.94
CA ILE D 73 -6.71 2.81 10.38
C ILE D 73 -7.92 3.14 9.48
N ASN D 74 -8.16 4.43 9.30
CA ASN D 74 -9.18 4.92 8.36
C ASN D 74 -8.72 6.28 7.87
N GLY D 75 -8.53 6.42 6.56
CA GLY D 75 -7.82 7.58 6.02
C GLY D 75 -8.63 8.80 5.64
N THR D 76 -9.79 9.00 6.26
CA THR D 76 -10.61 10.18 5.98
C THR D 76 -10.08 11.40 6.75
N GLY D 77 -8.92 11.89 6.34
CA GLY D 77 -8.35 13.06 6.99
C GLY D 77 -7.06 13.45 6.29
N GLU D 78 -6.40 14.48 6.81
CA GLU D 78 -5.17 14.96 6.20
C GLU D 78 -3.98 14.78 7.11
N TRP D 79 -2.86 14.37 6.53
CA TRP D 79 -1.59 14.29 7.24
C TRP D 79 -0.52 14.47 6.18
N THR D 80 0.07 15.68 6.15
CA THR D 80 1.03 15.99 5.11
C THR D 80 2.41 15.44 5.47
N GLY D 81 3.28 15.37 4.47
CA GLY D 81 4.59 14.79 4.64
C GLY D 81 4.60 13.27 4.61
N MET D 82 3.43 12.67 4.43
CA MET D 82 3.33 11.21 4.52
C MET D 82 3.78 10.51 3.23
N HIS D 83 3.61 11.15 2.07
CA HIS D 83 4.18 10.53 0.87
C HIS D 83 5.68 10.48 1.00
N LEU D 84 6.27 11.52 1.58
CA LEU D 84 7.70 11.55 1.83
C LEU D 84 8.11 10.40 2.74
N VAL D 85 7.39 10.20 3.84
CA VAL D 85 7.69 9.12 4.78
C VAL D 85 7.62 7.76 4.13
N ASP D 86 6.54 7.52 3.38
CA ASP D 86 6.38 6.27 2.65
C ASP D 86 7.54 6.01 1.71
N GLU D 87 8.03 7.07 1.06
CA GLU D 87 9.04 6.90 0.00
C GLU D 87 10.45 6.75 0.56
N VAL D 88 10.89 7.74 1.33
CA VAL D 88 12.28 7.79 1.77
C VAL D 88 12.50 7.40 3.24
N GLY D 89 11.41 7.12 3.94
CA GLY D 89 11.51 6.57 5.28
C GLY D 89 12.01 7.54 6.35
N GLN D 90 11.84 8.83 6.11
CA GLN D 90 12.23 9.85 7.08
C GLN D 90 11.41 11.10 6.82
N PHE D 91 11.33 11.97 7.81
CA PHE D 91 10.84 13.32 7.60
C PHE D 91 11.71 14.32 8.34
N LEU D 92 11.73 15.53 7.81
CA LEU D 92 12.42 16.66 8.40
C LEU D 92 11.42 17.55 9.11
N GLY D 93 11.90 18.28 10.12
CA GLY D 93 11.07 19.27 10.76
C GLY D 93 10.13 18.68 11.78
N PRO D 94 9.27 19.52 12.35
CA PRO D 94 8.34 19.11 13.41
C PRO D 94 7.09 18.42 12.86
N ILE D 95 6.38 17.73 13.77
CA ILE D 95 5.01 17.28 13.51
C ILE D 95 4.06 18.32 14.09
N ALA D 96 3.11 18.78 13.29
CA ALA D 96 2.05 19.65 13.82
C ALA D 96 0.72 18.90 13.81
N LEU D 97 0.02 18.90 14.94
CA LEU D 97 -1.32 18.35 15.03
C LEU D 97 -2.29 19.51 15.29
N THR D 98 -3.39 19.61 14.54
CA THR D 98 -4.22 20.80 14.65
C THR D 98 -5.66 20.52 14.23
N GLY D 99 -6.50 21.56 14.20
CA GLY D 99 -7.86 21.45 13.71
C GLY D 99 -7.86 21.52 12.19
N THR D 100 -8.81 20.84 11.57
CA THR D 100 -8.87 20.72 10.12
C THR D 100 -8.78 22.06 9.40
N GLY D 101 -9.45 23.07 9.94
CA GLY D 101 -9.50 24.38 9.30
C GLY D 101 -8.17 25.11 9.29
N ASN D 102 -7.21 24.64 10.09
CA ASN D 102 -5.92 25.29 10.28
C ASN D 102 -4.76 24.71 9.45
N VAL D 103 -5.02 23.62 8.73
CA VAL D 103 -3.94 22.89 8.07
C VAL D 103 -3.06 23.75 7.17
N GLY D 104 -3.70 24.51 6.28
CA GLY D 104 -3.00 25.35 5.33
C GLY D 104 -2.19 26.44 6.02
N LEU D 105 -2.80 27.10 6.99
CA LEU D 105 -2.12 28.14 7.74
C LEU D 105 -0.89 27.59 8.49
N VAL D 106 -1.06 26.43 9.14
CA VAL D 106 0.06 25.81 9.85
C VAL D 106 1.18 25.40 8.91
N HIS D 107 0.79 24.81 7.78
CA HIS D 107 1.72 24.34 6.76
C HIS D 107 2.62 25.50 6.28
N GLN D 108 2.00 26.61 5.89
CA GLN D 108 2.80 27.76 5.43
C GLN D 108 3.59 28.41 6.57
N SER D 109 3.01 28.43 7.77
CA SER D 109 3.68 29.02 8.92
C SER D 109 4.97 28.28 9.26
N MET D 110 4.97 26.96 9.08
CA MET D 110 6.18 26.18 9.37
C MET D 110 7.28 26.52 8.37
N MET D 111 6.90 26.76 7.11
CA MET D 111 7.87 27.24 6.15
C MET D 111 8.44 28.59 6.56
N ASP D 112 7.55 29.52 6.88
CA ASP D 112 7.94 30.87 7.30
C ASP D 112 8.90 30.82 8.50
N TRP D 113 8.61 29.91 9.42
CA TRP D 113 9.41 29.75 10.63
C TRP D 113 10.87 29.40 10.30
N SER D 114 11.07 28.64 9.23
CA SER D 114 12.42 28.19 8.85
C SER D 114 13.28 29.33 8.30
N VAL D 115 12.65 30.32 7.68
CA VAL D 115 13.39 31.42 7.10
C VAL D 115 14.12 32.20 8.18
N GLY D 116 15.43 32.38 8.01
CA GLY D 116 16.24 33.03 9.02
C GLY D 116 16.72 32.11 10.14
N LYS D 117 16.18 30.89 10.19
CA LYS D 117 16.60 29.91 11.19
C LYS D 117 17.36 28.76 10.55
N VAL D 118 17.27 28.69 9.23
CA VAL D 118 17.87 27.60 8.49
C VAL D 118 18.74 28.17 7.39
N PRO D 119 19.96 27.64 7.23
CA PRO D 119 20.83 28.08 6.14
C PRO D 119 20.11 28.07 4.80
N GLU D 120 20.29 29.01 4.06
CA GLU D 120 19.62 29.16 2.78
C GLU D 120 19.72 27.92 1.90
N GLU D 121 20.90 27.45 1.87
CA GLU D 121 21.14 26.26 1.04
C GLU D 121 20.36 25.05 1.54
N ALA D 122 19.99 25.08 2.81
CA ALA D 122 19.25 23.99 3.45
C ALA D 122 17.74 24.22 3.45
N LEU D 123 17.30 25.40 3.05
CA LEU D 123 15.88 25.74 3.10
C LEU D 123 14.96 24.75 2.37
N PHE D 124 15.44 24.17 1.26
CA PHE D 124 14.55 23.32 0.47
C PHE D 124 14.15 22.09 1.27
N SER D 125 14.94 21.74 2.27
CA SER D 125 14.63 20.60 3.13
C SER D 125 13.46 20.91 4.07
N ARG D 126 12.99 22.15 4.08
CA ARG D 126 11.95 22.56 5.01
C ARG D 126 10.60 22.69 4.31
N LEU D 127 10.53 22.19 3.07
CA LEU D 127 9.40 22.47 2.21
C LEU D 127 8.33 21.38 2.16
N LEU D 128 8.52 20.32 2.94
CA LEU D 128 7.50 19.28 3.09
C LEU D 128 7.10 19.09 4.56
N PRO D 129 6.56 20.16 5.17
CA PRO D 129 6.22 20.08 6.60
C PRO D 129 5.13 19.06 6.87
N VAL D 130 5.13 18.53 8.09
CA VAL D 130 4.23 17.46 8.49
C VAL D 130 3.15 18.08 9.36
N VAL D 131 1.92 18.08 8.85
CA VAL D 131 0.77 18.71 9.50
C VAL D 131 -0.42 17.77 9.40
N ALA D 132 -1.05 17.48 10.53
CA ALA D 132 -2.18 16.55 10.56
C ALA D 132 -3.38 17.16 11.27
N GLU D 133 -4.58 16.66 10.98
CA GLU D 133 -5.80 17.23 11.56
C GLU D 133 -6.82 16.26 12.13
N THR D 134 -7.59 16.75 13.11
CA THR D 134 -8.93 16.24 13.40
C THR D 134 -9.89 17.44 13.39
N LEU D 135 -11.18 17.19 13.26
CA LEU D 135 -12.13 18.28 13.03
C LEU D 135 -12.83 18.74 14.32
N ASP D 136 -12.62 19.99 14.71
CA ASP D 136 -13.26 20.53 15.92
C ASP D 136 -14.56 21.27 15.58
N ASN D 137 -15.37 20.68 14.71
CA ASN D 137 -16.51 21.39 14.15
C ASN D 137 -17.66 21.62 15.09
N ARG D 138 -17.70 20.90 16.21
CA ARG D 138 -18.84 21.01 17.11
C ARG D 138 -18.61 22.11 18.15
N LEU D 139 -17.36 22.45 18.39
CA LEU D 139 -17.05 23.44 19.42
C LEU D 139 -16.37 24.70 18.88
N ASN D 140 -15.91 24.67 17.63
CA ASN D 140 -15.06 25.71 17.08
C ASN D 140 -15.56 26.24 15.73
N ASP D 141 -15.38 27.54 15.50
CA ASP D 141 -15.56 28.16 14.19
C ASP D 141 -14.43 27.72 13.24
N VAL D 142 -14.60 26.54 12.63
CA VAL D 142 -13.52 25.90 11.86
C VAL D 142 -12.93 26.76 10.74
N PHE D 143 -13.80 27.41 9.97
CA PHE D 143 -13.40 28.20 8.81
C PHE D 143 -13.00 29.63 9.13
N GLY D 144 -13.16 30.02 10.40
CA GLY D 144 -13.12 31.42 10.77
C GLY D 144 -11.78 32.06 11.08
N HIS D 145 -10.69 31.40 10.71
CA HIS D 145 -9.34 31.96 10.87
C HIS D 145 -8.96 32.33 12.31
N GLY D 146 -9.36 31.50 13.27
CA GLY D 146 -9.03 31.76 14.65
C GLY D 146 -7.55 31.54 14.95
N LEU D 147 -6.88 30.72 14.14
CA LEU D 147 -5.48 30.43 14.39
C LEU D 147 -4.59 31.31 13.52
N THR D 148 -3.59 31.93 14.15
CA THR D 148 -2.70 32.84 13.45
C THR D 148 -1.31 32.24 13.32
N ARG D 149 -0.52 32.79 12.41
CA ARG D 149 0.88 32.41 12.32
C ARG D 149 1.61 32.60 13.64
N ASP D 150 1.31 33.67 14.36
CA ASP D 150 1.97 33.87 15.66
C ASP D 150 1.68 32.72 16.64
N HIS D 151 0.45 32.21 16.61
CA HIS D 151 0.08 31.06 17.44
C HIS D 151 0.97 29.86 17.10
N VAL D 152 1.20 29.66 15.82
CA VAL D 152 2.04 28.54 15.37
C VAL D 152 3.50 28.74 15.80
N PHE D 153 4.03 29.95 15.59
CA PHE D 153 5.40 30.28 16.01
C PHE D 153 5.56 30.03 17.51
N ALA D 154 4.55 30.41 18.29
CA ALA D 154 4.62 30.26 19.74
C ALA D 154 4.73 28.80 20.15
N ALA D 155 4.03 27.93 19.43
CA ALA D 155 4.09 26.50 19.77
C ALA D 155 5.42 25.90 19.34
N LEU D 156 5.91 26.32 18.18
CA LEU D 156 7.21 25.87 17.67
C LEU D 156 8.35 26.28 18.61
N ASP D 157 8.34 27.54 19.03
CA ASP D 157 9.42 28.09 19.84
C ASP D 157 9.33 27.76 21.33
N GLY D 158 8.13 27.49 21.81
CA GLY D 158 7.90 27.22 23.22
C GLY D 158 7.92 25.76 23.60
N ALA D 159 8.01 24.90 22.58
CA ALA D 159 8.05 23.46 22.83
C ALA D 159 9.19 23.10 23.77
N LYS D 160 8.99 22.07 24.57
CA LYS D 160 10.04 21.66 25.50
C LYS D 160 9.89 20.20 25.89
N GLY D 161 10.95 19.65 26.49
CA GLY D 161 10.90 18.33 27.08
C GLY D 161 10.15 18.34 28.40
N GLY D 162 10.26 17.27 29.16
CA GLY D 162 9.62 17.20 30.48
C GLY D 162 8.13 16.91 30.37
N PRO D 163 7.39 17.11 31.47
CA PRO D 163 5.96 16.79 31.50
C PRO D 163 5.18 17.43 30.36
N VAL D 164 4.23 16.68 29.80
CA VAL D 164 3.43 17.18 28.70
C VAL D 164 2.02 17.54 29.15
N ALA D 165 1.57 18.74 28.81
CA ALA D 165 0.21 19.12 29.16
C ALA D 165 -0.78 18.29 28.34
N GLU D 166 -1.79 17.75 29.02
CA GLU D 166 -2.82 16.97 28.34
C GLU D 166 -4.17 17.67 28.42
N GLY D 167 -5.16 17.11 27.71
CA GLY D 167 -6.52 17.61 27.77
C GLY D 167 -6.88 18.63 26.71
N ASN D 168 -7.56 19.71 27.12
CA ASN D 168 -8.04 20.70 26.17
C ASN D 168 -6.97 21.71 25.82
N VAL D 169 -5.92 21.25 25.15
CA VAL D 169 -4.78 22.09 24.81
C VAL D 169 -4.34 21.87 23.37
N GLY D 170 -3.69 22.89 22.81
CA GLY D 170 -3.15 22.79 21.47
C GLY D 170 -4.15 22.27 20.46
N GLY D 171 -3.72 21.29 19.67
CA GLY D 171 -4.58 20.72 18.64
C GLY D 171 -5.86 20.07 19.16
N GLY D 172 -5.83 19.63 20.41
CA GLY D 172 -6.96 18.92 20.97
C GLY D 172 -8.03 19.79 21.58
N THR D 173 -7.77 21.10 21.65
CA THR D 173 -8.60 22.03 22.38
C THR D 173 -10.11 21.84 22.17
N GLY D 174 -10.54 21.78 20.93
CA GLY D 174 -11.97 21.71 20.62
C GLY D 174 -12.50 20.34 20.20
N MET D 175 -11.79 19.30 20.61
CA MET D 175 -12.12 17.94 20.17
C MET D 175 -13.08 17.22 21.11
N ILE D 176 -13.70 16.16 20.58
CA ILE D 176 -14.67 15.36 21.31
C ILE D 176 -14.35 13.89 21.05
N ALA D 177 -14.21 13.11 22.13
CA ALA D 177 -13.88 11.70 22.01
C ALA D 177 -14.81 10.81 22.86
N TYR D 178 -15.32 9.74 22.25
CA TYR D 178 -16.27 8.83 22.90
C TYR D 178 -17.46 9.59 23.48
N THR D 179 -17.90 10.64 22.78
CA THR D 179 -19.01 11.49 23.22
C THR D 179 -18.73 12.22 24.54
N PHE D 180 -17.48 12.16 25.00
CA PHE D 180 -16.99 12.99 26.10
C PHE D 180 -16.01 14.01 25.54
N LYS D 181 -15.44 14.86 26.40
CA LYS D 181 -14.50 15.85 25.90
C LYS D 181 -13.22 15.16 25.39
N GLY D 182 -12.82 15.52 24.16
CA GLY D 182 -11.60 14.98 23.56
C GLY D 182 -10.43 15.90 23.82
N GLY D 183 -9.28 15.60 23.22
CA GLY D 183 -8.11 16.43 23.43
C GLY D 183 -6.81 15.68 23.27
N ILE D 184 -5.80 16.08 24.03
CA ILE D 184 -4.49 15.48 23.96
C ILE D 184 -4.27 14.49 25.09
N GLY D 185 -3.67 13.34 24.79
CA GLY D 185 -3.29 12.40 25.83
C GLY D 185 -1.93 11.80 25.52
N THR D 186 -1.22 11.35 26.55
CA THR D 186 0.12 10.80 26.30
C THR D 186 0.47 9.73 27.35
N SER D 187 1.34 8.80 26.96
CA SER D 187 1.80 7.74 27.85
C SER D 187 3.10 7.17 27.28
N SER D 188 3.84 6.43 28.09
CA SER D 188 5.00 5.72 27.58
C SER D 188 5.14 4.35 28.20
N ARG D 189 5.96 3.50 27.57
CA ARG D 189 6.37 2.25 28.17
C ARG D 189 7.87 2.08 28.05
N VAL D 190 8.48 1.53 29.09
CA VAL D 190 9.87 1.10 28.99
C VAL D 190 9.83 -0.42 28.88
N VAL D 191 10.38 -0.94 27.80
CA VAL D 191 10.18 -2.35 27.48
C VAL D 191 11.50 -3.11 27.43
N SER D 192 11.48 -4.32 27.99
CA SER D 192 12.71 -5.10 28.05
C SER D 192 12.86 -6.00 26.84
N ALA D 193 13.86 -5.69 26.02
CA ALA D 193 14.23 -6.51 24.88
C ALA D 193 15.52 -7.21 25.26
N GLY D 194 15.40 -8.32 25.97
CA GLY D 194 16.56 -9.02 26.49
C GLY D 194 17.27 -8.17 27.52
N ASP D 195 18.53 -7.87 27.24
CA ASP D 195 19.35 -7.08 28.17
C ASP D 195 19.32 -5.59 27.86
N THR D 196 18.48 -5.20 26.91
CA THR D 196 18.35 -3.79 26.55
C THR D 196 16.91 -3.34 26.77
N ARG D 197 16.75 -2.17 27.38
CA ARG D 197 15.41 -1.65 27.62
C ARG D 197 15.17 -0.39 26.78
N TYR D 198 14.18 -0.45 25.89
CA TYR D 198 13.89 0.68 25.02
C TYR D 198 12.70 1.47 25.56
N THR D 199 12.54 2.70 25.09
CA THR D 199 11.38 3.49 25.46
C THR D 199 10.48 3.67 24.26
N VAL D 200 9.18 3.44 24.47
CA VAL D 200 8.16 3.72 23.47
C VAL D 200 7.23 4.79 24.05
N GLY D 201 7.14 5.94 23.36
CA GLY D 201 6.27 7.02 23.81
C GLY D 201 5.17 7.33 22.82
N VAL D 202 3.98 7.65 23.33
CA VAL D 202 2.83 7.88 22.45
C VAL D 202 2.10 9.14 22.85
N LEU D 203 1.74 9.95 21.86
CA LEU D 203 0.90 11.10 22.11
C LEU D 203 -0.28 10.99 21.17
N VAL D 204 -1.48 11.23 21.67
CA VAL D 204 -2.65 11.20 20.81
C VAL D 204 -3.37 12.54 20.80
N GLN D 205 -3.97 12.85 19.65
CA GLN D 205 -4.99 13.91 19.58
C GLN D 205 -6.29 13.16 19.24
N ALA D 206 -7.19 13.10 20.22
CA ALA D 206 -8.36 12.20 20.12
C ALA D 206 -9.65 12.97 19.86
N ASN D 207 -10.36 12.54 18.82
CA ASN D 207 -11.61 13.19 18.40
C ASN D 207 -12.54 12.11 17.88
N HIS D 208 -12.43 10.90 18.44
CA HIS D 208 -13.01 9.71 17.83
C HIS D 208 -13.91 8.94 18.79
N GLY D 209 -14.63 7.98 18.25
CA GLY D 209 -15.27 6.99 19.09
C GLY D 209 -16.65 7.41 19.59
N ASP D 210 -17.38 6.42 20.09
CA ASP D 210 -18.71 6.64 20.68
C ASP D 210 -18.73 6.16 22.12
N ARG D 211 -19.46 6.88 22.96
CA ARG D 211 -19.64 6.50 24.35
C ARG D 211 -20.09 5.04 24.52
N ASN D 212 -20.98 4.58 23.66
CA ASN D 212 -21.50 3.21 23.76
C ASN D 212 -20.45 2.12 23.54
N ASP D 213 -19.37 2.47 22.86
CA ASP D 213 -18.32 1.50 22.55
C ASP D 213 -17.18 1.54 23.56
N LEU D 214 -17.04 2.67 24.26
CA LEU D 214 -15.86 2.90 25.08
C LEU D 214 -15.57 1.82 26.14
N ARG D 215 -14.34 1.34 26.16
CA ARG D 215 -13.85 0.49 27.24
C ARG D 215 -12.68 1.18 27.92
N ILE D 216 -12.71 1.18 29.25
CA ILE D 216 -11.57 1.63 30.02
C ILE D 216 -11.13 0.45 30.87
N ALA D 217 -9.88 0.01 30.69
CA ALA D 217 -9.40 -1.19 31.35
C ALA D 217 -10.36 -2.37 31.15
N GLY D 218 -10.91 -2.46 29.94
CA GLY D 218 -11.79 -3.55 29.57
C GLY D 218 -13.24 -3.38 29.99
N VAL D 219 -13.53 -2.34 30.78
CA VAL D 219 -14.89 -2.12 31.26
C VAL D 219 -15.70 -1.28 30.29
N GLN D 220 -16.79 -1.85 29.78
CA GLN D 220 -17.68 -1.09 28.89
C GLN D 220 -18.39 -0.07 29.74
N ILE D 221 -17.85 1.14 29.77
CA ILE D 221 -18.15 2.07 30.86
C ILE D 221 -19.22 3.11 30.53
N GLY D 222 -19.59 3.21 29.26
CA GLY D 222 -20.58 4.17 28.83
C GLY D 222 -21.90 4.07 29.58
N LYS D 223 -22.40 2.86 29.72
CA LYS D 223 -23.68 2.63 30.41
C LYS D 223 -23.57 2.70 31.93
N GLU D 224 -22.34 2.67 32.44
CA GLU D 224 -22.13 2.70 33.89
C GLU D 224 -22.10 4.13 34.43
N ILE D 225 -21.67 5.07 33.60
CA ILE D 225 -21.65 6.47 33.99
C ILE D 225 -23.05 7.07 33.84
N LYS D 226 -23.51 7.79 34.86
CA LYS D 226 -24.82 8.42 34.80
C LYS D 226 -24.69 9.87 34.34
N GLY D 227 -25.47 10.25 33.33
CA GLY D 227 -25.45 11.61 32.83
C GLY D 227 -24.18 11.92 32.06
N ALA D 228 -23.78 13.19 32.08
CA ALA D 228 -22.58 13.67 31.39
C ALA D 228 -22.64 13.53 29.86
N TRP D 229 -23.85 13.42 29.32
CA TRP D 229 -24.03 13.48 27.86
C TRP D 229 -23.92 14.92 27.40
N PRO D 230 -23.56 15.14 26.13
CA PRO D 230 -23.44 16.53 25.69
C PRO D 230 -24.79 17.26 25.72
N GLU D 231 -24.74 18.58 25.79
CA GLU D 231 -25.93 19.41 25.81
C GLU D 231 -25.81 20.55 24.80
N VAL D 232 -26.94 21.12 24.44
CA VAL D 232 -26.97 22.42 23.76
C VAL D 232 -27.94 23.29 24.54
N ASN D 233 -27.47 24.44 25.01
CA ASN D 233 -28.32 25.37 25.73
C ASN D 233 -29.09 24.73 26.89
N GLY D 234 -28.41 23.90 27.67
CA GLY D 234 -29.03 23.27 28.83
C GLY D 234 -30.00 22.14 28.52
N ILE D 235 -30.00 21.69 27.27
CA ILE D 235 -30.83 20.57 26.87
C ILE D 235 -29.95 19.40 26.43
N VAL D 236 -30.16 18.24 27.05
CA VAL D 236 -29.41 17.03 26.68
C VAL D 236 -29.56 16.79 25.19
N ALA D 237 -28.42 16.66 24.51
CA ALA D 237 -28.42 16.60 23.06
C ALA D 237 -28.05 15.23 22.49
N ALA D 238 -27.81 14.25 23.37
CA ALA D 238 -27.45 12.91 22.91
C ALA D 238 -27.72 11.87 23.98
N GLY D 239 -27.82 10.61 23.57
CA GLY D 239 -28.08 9.53 24.50
C GLY D 239 -29.56 9.32 24.79
N PRO D 240 -29.87 8.43 25.74
CA PRO D 240 -31.23 8.04 26.13
C PRO D 240 -32.15 9.23 26.42
N ASP D 241 -31.61 10.28 27.03
CA ASP D 241 -32.43 11.40 27.47
C ASP D 241 -32.29 12.64 26.59
N ALA D 242 -31.85 12.44 25.35
CA ALA D 242 -31.71 13.52 24.40
C ALA D 242 -33.05 14.26 24.25
N GLY D 243 -33.02 15.59 24.38
CA GLY D 243 -34.20 16.40 24.25
C GLY D 243 -34.77 16.81 25.60
N LYS D 244 -34.27 16.20 26.65
CA LYS D 244 -34.72 16.50 28.01
C LYS D 244 -33.77 17.48 28.70
N PRO D 245 -34.23 18.10 29.79
CA PRO D 245 -33.38 19.03 30.56
C PRO D 245 -32.39 18.28 31.43
N SER D 250 -12.12 11.07 14.47
CA SER D 250 -10.73 11.06 14.04
C SER D 250 -9.75 10.98 15.21
N LEU D 251 -8.57 10.43 14.95
CA LEU D 251 -7.60 10.16 16.00
C LEU D 251 -6.21 10.19 15.39
N LEU D 252 -5.35 11.04 15.93
CA LEU D 252 -3.95 11.11 15.47
C LEU D 252 -3.06 10.51 16.54
N ILE D 253 -2.24 9.55 16.13
CA ILE D 253 -1.38 8.82 17.06
C ILE D 253 0.08 9.00 16.65
N VAL D 254 0.88 9.57 17.54
CA VAL D 254 2.30 9.79 17.27
C VAL D 254 3.11 8.92 18.21
N ILE D 255 3.96 8.08 17.63
CA ILE D 255 4.75 7.14 18.40
C ILE D 255 6.22 7.49 18.24
N ALA D 256 6.90 7.70 19.37
CA ALA D 256 8.35 7.92 19.36
C ALA D 256 9.04 6.75 20.03
N THR D 257 10.23 6.39 19.55
CA THR D 257 10.98 5.37 20.24
C THR D 257 12.47 5.64 20.12
N ASP D 258 13.24 5.23 21.13
CA ASP D 258 14.69 5.30 21.03
C ASP D 258 15.29 4.01 20.46
N ALA D 259 14.45 3.03 20.12
CA ALA D 259 14.94 1.83 19.45
C ALA D 259 15.45 2.21 18.07
N PRO D 260 16.60 1.66 17.68
CA PRO D 260 17.21 2.01 16.38
C PRO D 260 16.58 1.20 15.24
N LEU D 261 15.33 1.54 14.94
CA LEU D 261 14.55 0.84 13.93
C LEU D 261 14.72 1.43 12.54
N MET D 262 14.68 0.58 11.52
CA MET D 262 14.65 1.05 10.14
C MET D 262 13.23 1.46 9.78
N PRO D 263 13.08 2.24 8.71
CA PRO D 263 11.74 2.76 8.40
C PRO D 263 10.66 1.67 8.25
N HIS D 264 10.97 0.54 7.62
CA HIS D 264 9.90 -0.46 7.46
C HIS D 264 9.54 -1.04 8.82
N GLN D 265 10.49 -1.02 9.75
CA GLN D 265 10.23 -1.53 11.08
C GLN D 265 9.32 -0.58 11.84
N LEU D 266 9.47 0.71 11.56
CA LEU D 266 8.61 1.70 12.17
C LEU D 266 7.19 1.65 11.64
N GLU D 267 7.01 1.22 10.39
CA GLU D 267 5.67 1.00 9.87
C GLU D 267 5.01 -0.07 10.71
N ARG D 268 5.80 -1.08 11.11
CA ARG D 268 5.29 -2.16 11.93
C ARG D 268 4.81 -1.63 13.27
N MET D 269 5.62 -0.76 13.86
CA MET D 269 5.24 -0.11 15.12
C MET D 269 3.93 0.67 14.95
N ALA D 270 3.83 1.40 13.84
CA ALA D 270 2.63 2.17 13.59
C ALA D 270 1.39 1.28 13.47
N ARG D 271 1.55 0.09 12.88
CA ARG D 271 0.41 -0.81 12.68
C ARG D 271 -0.07 -1.42 13.98
N ARG D 272 0.73 -1.28 15.04
CA ARG D 272 0.31 -1.80 16.34
C ARG D 272 -0.68 -0.86 17.02
N ALA D 273 -0.70 0.40 16.60
CA ALA D 273 -1.58 1.38 17.22
C ALA D 273 -3.03 0.91 17.20
N ALA D 274 -3.44 0.35 16.06
CA ALA D 274 -4.82 -0.13 15.92
C ALA D 274 -5.25 -1.12 17.02
N LEU D 275 -4.31 -1.94 17.48
CA LEU D 275 -4.63 -2.92 18.52
C LEU D 275 -4.90 -2.22 19.87
N GLY D 276 -4.10 -1.20 20.16
CA GLY D 276 -4.29 -0.40 21.36
C GLY D 276 -5.63 0.33 21.31
N VAL D 277 -5.94 0.93 20.16
CA VAL D 277 -7.24 1.57 19.97
C VAL D 277 -8.35 0.55 20.18
N GLY D 278 -8.19 -0.63 19.57
CA GLY D 278 -9.19 -1.67 19.64
C GLY D 278 -9.52 -2.05 21.07
N ARG D 279 -8.51 -2.09 21.93
CA ARG D 279 -8.73 -2.38 23.35
C ARG D 279 -9.79 -1.49 23.96
N ASN D 280 -9.86 -0.24 23.50
CA ASN D 280 -10.74 0.73 24.14
C ASN D 280 -12.10 0.83 23.46
N GLY D 281 -12.35 -0.05 22.50
CA GLY D 281 -13.70 -0.31 22.04
C GLY D 281 -14.20 0.37 20.77
N SER D 282 -13.51 1.40 20.30
CA SER D 282 -14.02 2.13 19.14
C SER D 282 -13.92 1.30 17.86
N THR D 283 -14.68 1.68 16.84
CA THR D 283 -14.82 0.84 15.66
C THR D 283 -14.48 1.58 14.37
N ALA D 284 -13.90 2.77 14.51
CA ALA D 284 -13.49 3.61 13.37
C ALA D 284 -14.65 3.98 12.43
N GLY D 285 -15.34 5.06 12.76
CA GLY D 285 -16.43 5.54 11.93
C GLY D 285 -16.00 5.90 10.50
N ALA D 286 -16.99 5.97 9.62
CA ALA D 286 -16.78 6.17 8.18
C ALA D 286 -15.94 7.41 7.89
N LEU D 287 -16.14 8.46 8.68
CA LEU D 287 -15.43 9.71 8.43
C LEU D 287 -14.39 10.03 9.50
N SER D 288 -14.05 9.01 10.30
CA SER D 288 -13.07 9.17 11.39
C SER D 288 -11.69 8.92 10.83
N GLY D 289 -10.90 9.99 10.67
CA GLY D 289 -9.55 9.89 10.14
C GLY D 289 -8.61 9.45 11.25
N GLU D 290 -8.32 8.15 11.27
CA GLU D 290 -7.52 7.58 12.33
C GLU D 290 -6.20 7.10 11.75
N PHE D 291 -5.10 7.73 12.18
CA PHE D 291 -3.79 7.53 11.55
C PHE D 291 -2.73 7.37 12.63
N ALA D 292 -1.64 6.66 12.32
CA ALA D 292 -0.50 6.57 13.23
C ALA D 292 0.81 6.84 12.49
N LEU D 293 1.71 7.57 13.16
CA LEU D 293 3.04 7.85 12.66
C LEU D 293 4.06 7.50 13.75
N ALA D 294 5.06 6.70 13.39
CA ALA D 294 6.09 6.26 14.32
C ALA D 294 7.46 6.72 13.85
N PHE D 295 8.29 7.22 14.77
CA PHE D 295 9.65 7.60 14.40
C PHE D 295 10.63 7.15 15.47
N SER D 296 11.89 7.02 15.06
CA SER D 296 13.01 6.70 15.96
C SER D 296 13.88 7.92 16.18
N THR D 297 14.26 8.17 17.43
CA THR D 297 15.17 9.27 17.74
C THR D 297 16.64 8.82 17.79
N SER D 298 16.88 7.52 17.62
CA SER D 298 18.27 7.05 17.56
C SER D 298 18.73 6.82 16.14
N HIS D 299 17.80 6.47 15.25
CA HIS D 299 18.10 6.35 13.84
C HIS D 299 17.84 7.69 13.17
N VAL D 300 18.90 8.50 13.09
CA VAL D 300 18.80 9.90 12.66
C VAL D 300 19.53 10.06 11.34
N ILE D 301 19.05 10.96 10.50
CA ILE D 301 19.69 11.19 9.21
C ILE D 301 20.16 12.64 9.10
N PRO D 302 21.44 12.87 9.44
CA PRO D 302 21.99 14.23 9.33
C PRO D 302 21.73 14.77 7.93
N LEU D 303 21.30 16.03 7.87
CA LEU D 303 20.95 16.64 6.60
C LEU D 303 22.12 16.60 5.63
N GLY D 304 21.92 15.96 4.49
CA GLY D 304 22.95 15.80 3.48
C GLY D 304 24.11 14.90 3.88
N GLY D 305 23.90 14.06 4.89
CA GLY D 305 24.97 13.24 5.44
C GLY D 305 24.67 11.76 5.45
N LYS D 306 25.52 11.01 6.15
CA LYS D 306 25.34 9.57 6.27
C LYS D 306 24.37 9.25 7.39
N PRO D 307 23.38 8.38 7.13
CA PRO D 307 22.47 7.99 8.20
C PRO D 307 23.21 7.40 9.39
N ARG D 308 22.76 7.75 10.60
CA ARG D 308 23.35 7.22 11.82
C ARG D 308 22.44 6.15 12.40
N LEU D 309 22.92 4.91 12.39
CA LEU D 309 22.16 3.78 12.91
C LEU D 309 23.07 3.07 13.92
N PRO D 310 22.90 3.38 15.22
CA PRO D 310 23.86 2.96 16.25
C PRO D 310 23.82 1.46 16.55
N ALA D 311 22.71 0.81 16.21
CA ALA D 311 22.60 -0.63 16.36
C ALA D 311 21.53 -1.07 15.38
N ILE D 312 21.43 -2.37 15.12
CA ILE D 312 20.51 -2.83 14.10
C ILE D 312 19.73 -4.03 14.63
N ILE D 313 18.43 -4.06 14.34
CA ILE D 313 17.54 -5.06 14.92
C ILE D 313 16.96 -5.96 13.82
N ASN D 314 16.92 -7.26 14.09
CA ASN D 314 16.35 -8.26 13.19
C ASN D 314 14.84 -8.29 13.38
N ASP D 315 14.08 -8.10 12.29
CA ASP D 315 12.62 -8.19 12.38
C ASP D 315 12.07 -9.50 12.92
N THR D 316 12.85 -10.58 12.81
CA THR D 316 12.39 -11.89 13.25
C THR D 316 12.83 -12.19 14.68
N ASP D 317 13.47 -11.21 15.33
CA ASP D 317 13.87 -11.30 16.72
C ASP D 317 12.65 -10.98 17.59
N SER D 318 11.90 -12.01 17.96
CA SER D 318 10.66 -11.84 18.69
C SER D 318 10.87 -11.20 20.05
N GLU D 319 11.98 -11.56 20.70
CA GLU D 319 12.23 -11.03 22.04
C GLU D 319 12.28 -9.51 22.00
N THR D 320 12.96 -8.96 20.98
CA THR D 320 13.07 -7.52 20.85
C THR D 320 11.79 -6.90 20.29
N MET D 321 11.33 -7.42 19.16
CA MET D 321 10.19 -6.80 18.48
C MET D 321 8.91 -6.89 19.28
N ASN D 322 8.65 -8.02 19.94
CA ASN D 322 7.38 -8.16 20.67
C ASN D 322 7.33 -7.20 21.84
N ALA D 323 8.47 -7.00 22.49
CA ALA D 323 8.55 -6.02 23.58
C ALA D 323 8.18 -4.62 23.08
N LEU D 324 8.71 -4.24 21.93
CA LEU D 324 8.40 -2.95 21.33
C LEU D 324 6.92 -2.84 20.92
N PHE D 325 6.42 -3.90 20.29
CA PHE D 325 5.04 -3.92 19.81
C PHE D 325 4.08 -3.82 20.99
N ARG D 326 4.33 -4.59 22.04
CA ARG D 326 3.47 -4.54 23.22
C ARG D 326 3.51 -3.15 23.84
N GLY D 327 4.70 -2.54 23.85
CA GLY D 327 4.86 -1.16 24.32
C GLY D 327 3.94 -0.19 23.57
N VAL D 328 3.92 -0.29 22.24
CA VAL D 328 3.02 0.55 21.45
C VAL D 328 1.54 0.34 21.81
N VAL D 329 1.12 -0.92 21.92
CA VAL D 329 -0.28 -1.25 22.22
C VAL D 329 -0.67 -0.67 23.59
N GLN D 330 0.19 -0.87 24.58
CA GLN D 330 -0.11 -0.45 25.94
C GLN D 330 -0.09 1.06 26.10
N ALA D 331 0.92 1.71 25.53
CA ALA D 331 1.03 3.15 25.64
C ALA D 331 -0.11 3.83 24.87
N THR D 332 -0.53 3.23 23.76
CA THR D 332 -1.66 3.80 23.01
C THR D 332 -2.94 3.68 23.83
N GLU D 333 -3.20 2.48 24.33
CA GLU D 333 -4.35 2.26 25.21
C GLU D 333 -4.39 3.32 26.32
N GLU D 334 -3.26 3.51 27.02
CA GLU D 334 -3.25 4.39 28.17
C GLU D 334 -3.30 5.88 27.77
N ALA D 335 -2.65 6.23 26.67
CA ALA D 335 -2.66 7.62 26.20
C ALA D 335 -4.10 8.06 25.95
N LEU D 336 -4.92 7.14 25.44
CA LEU D 336 -6.32 7.43 25.14
C LEU D 336 -7.13 7.71 26.41
N VAL D 337 -6.89 6.93 27.47
CA VAL D 337 -7.61 7.15 28.73
C VAL D 337 -7.08 8.38 29.44
N ASN D 338 -5.76 8.58 29.38
CA ASN D 338 -5.18 9.80 29.93
C ASN D 338 -5.79 11.05 29.32
N GLN D 339 -6.07 11.00 28.02
CA GLN D 339 -6.67 12.15 27.36
C GLN D 339 -8.01 12.46 28.01
N LEU D 340 -8.86 11.43 28.10
CA LEU D 340 -10.22 11.61 28.63
C LEU D 340 -10.20 12.22 30.02
N VAL D 341 -9.34 11.68 30.87
CA VAL D 341 -9.23 12.16 32.25
C VAL D 341 -8.67 13.59 32.34
N ALA D 342 -7.78 13.96 31.41
CA ALA D 342 -7.19 15.30 31.44
C ALA D 342 -8.15 16.36 30.91
N SER D 343 -9.07 15.94 30.04
CA SER D 343 -9.98 16.89 29.40
C SER D 343 -11.17 17.30 30.26
N GLU D 344 -11.32 18.61 30.47
CA GLU D 344 -12.38 19.15 31.31
C GLU D 344 -13.61 19.49 30.49
N THR D 345 -14.76 19.54 31.15
CA THR D 345 -15.98 19.96 30.51
C THR D 345 -15.78 21.30 29.80
N MET D 346 -16.29 21.43 28.59
CA MET D 346 -16.16 22.69 27.85
C MET D 346 -17.48 23.05 27.17
N THR D 347 -17.80 24.34 27.17
CA THR D 347 -18.90 24.86 26.35
C THR D 347 -18.30 25.70 25.24
N GLY D 348 -18.70 25.46 24.01
CA GLY D 348 -18.10 26.15 22.88
C GLY D 348 -19.09 26.73 21.90
N ALA D 349 -18.74 26.70 20.61
CA ALA D 349 -19.58 27.32 19.59
C ALA D 349 -21.01 26.80 19.62
N ASN D 350 -21.95 27.70 19.38
CA ASN D 350 -23.38 27.36 19.38
C ASN D 350 -23.86 26.77 20.71
N ASN D 351 -23.17 27.11 21.79
CA ASN D 351 -23.50 26.65 23.13
C ASN D 351 -23.42 25.14 23.31
N ALA D 352 -22.69 24.47 22.43
CA ALA D 352 -22.50 23.03 22.58
C ALA D 352 -21.69 22.80 23.84
N LYS D 353 -22.16 21.90 24.70
CA LYS D 353 -21.46 21.59 25.93
C LYS D 353 -21.08 20.11 25.94
N VAL D 354 -19.80 19.84 26.14
CA VAL D 354 -19.32 18.46 26.17
C VAL D 354 -18.58 18.21 27.48
N TYR D 355 -19.02 17.19 28.21
CA TYR D 355 -18.46 16.90 29.52
C TYR D 355 -17.16 16.11 29.47
N GLY D 356 -16.20 16.50 30.30
CA GLY D 356 -15.08 15.63 30.60
C GLY D 356 -15.59 14.40 31.34
N ILE D 357 -15.04 13.24 31.05
CA ILE D 357 -15.50 12.03 31.72
C ILE D 357 -15.42 12.23 33.25
N PRO D 358 -16.54 12.01 33.96
CA PRO D 358 -16.62 12.32 35.39
C PRO D 358 -15.62 11.52 36.22
N HIS D 359 -14.70 12.23 36.86
CA HIS D 359 -13.67 11.59 37.67
C HIS D 359 -14.28 10.80 38.82
N ASP D 360 -15.23 11.40 39.52
CA ASP D 360 -15.81 10.73 40.68
C ASP D 360 -16.44 9.39 40.30
N GLN D 361 -17.22 9.38 39.23
CA GLN D 361 -17.85 8.14 38.78
C GLN D 361 -16.84 7.12 38.25
N LEU D 362 -15.85 7.60 37.51
CA LEU D 362 -14.82 6.71 36.95
C LEU D 362 -14.06 6.00 38.07
N ALA D 363 -13.63 6.78 39.06
CA ALA D 363 -12.88 6.23 40.19
C ALA D 363 -13.74 5.23 40.97
N ARG D 364 -15.01 5.55 41.14
CA ARG D 364 -15.92 4.64 41.83
C ARG D 364 -16.07 3.33 41.08
N ILE D 365 -16.18 3.42 39.75
CA ILE D 365 -16.32 2.23 38.91
C ILE D 365 -15.05 1.39 38.93
N MET D 366 -13.89 2.04 38.85
CA MET D 366 -12.62 1.32 38.90
C MET D 366 -12.43 0.64 40.24
N LYS D 367 -12.81 1.30 41.32
CA LYS D 367 -12.67 0.71 42.65
C LYS D 367 -13.54 -0.54 42.79
N ALA D 368 -14.75 -0.49 42.23
CA ALA D 368 -15.67 -1.61 42.31
C ALA D 368 -15.25 -2.78 41.44
N ARG D 369 -14.66 -2.48 40.29
CA ARG D 369 -14.23 -3.51 39.35
C ARG D 369 -12.91 -4.11 39.77
N PHE D 370 -12.05 -3.27 40.35
CA PHE D 370 -10.71 -3.70 40.73
C PHE D 370 -10.45 -3.43 42.22
N PRO D 371 -11.15 -4.17 43.09
CA PRO D 371 -11.06 -4.02 44.55
C PRO D 371 -9.62 -4.10 45.05
C1 GOL E . -14.99 -5.94 -11.11
O1 GOL E . -13.78 -6.40 -11.65
C2 GOL E . -14.93 -6.11 -9.58
O2 GOL E . -13.79 -5.42 -9.09
C3 GOL E . -16.17 -5.47 -8.99
O3 GOL E . -17.27 -5.71 -9.86
C8 AIC F . 6.16 -19.87 8.70
C5 AIC F . 4.78 -18.19 9.88
C6 AIC F . 7.02 -19.22 15.65
N1 AIC F . 3.79 -17.99 12.82
C2 AIC F . 5.70 -19.54 17.84
N3 AIC F . 4.82 -19.00 15.66
C4 AIC F . 3.41 -17.73 10.35
C1 AIC F . 8.15 -18.26 15.83
C3 AIC F . 3.08 -18.43 11.64
C7 AIC F . 4.87 -19.40 9.12
C9 AIC F . 7.33 -19.14 9.07
C10 AIC F . 7.25 -17.95 9.84
C11 AIC F . 5.95 -17.46 10.25
C12 AIC F . 5.87 -18.85 16.52
C13 AIC F . 4.79 -19.43 14.40
C14 AIC F . 3.75 -18.70 14.07
C15 AIC F . 4.03 -17.91 15.22
C16 AIC F . 7.47 -20.63 15.91
N2 AIC F . 2.34 -17.86 9.38
O1 AIC F . 6.05 -18.99 18.86
O2 AIC F . 5.10 -20.78 17.90
O3 AIC F . 2.25 -19.32 11.68
O4 AIC F . 3.85 -16.74 15.55
S1 AIC F . 6.32 -19.09 13.97
C1 NDV G . 4.93 -27.29 24.81
N1 NDV G . 7.56 -22.03 25.69
O1 NDV G . 6.10 -26.94 21.64
S1 NDV G . 5.27 -24.79 25.62
C2 NDV G . 6.64 -26.80 22.76
N2 NDV G . 6.38 -18.94 24.58
O2 NDV G . 7.75 -27.37 22.97
C3 NDV G . 6.41 -21.22 25.44
N3 NDV G . 7.47 -25.34 24.49
O3 NDV G . 5.61 -21.03 26.32
C4 NDV G . 6.35 -20.34 24.19
O4 NDV G . 9.76 -23.24 25.63
C5 NDV G . 5.12 -20.66 23.32
C6 NDV G . 5.04 -25.85 24.34
C7 NDV G . 4.95 -20.06 22.09
C8 NDV G . 3.83 -20.34 21.32
C9 NDV G . 2.87 -21.23 21.79
C10 NDV G . 3.04 -21.84 23.03
C11 NDV G . 4.16 -21.55 23.79
C12 NDV G . 6.33 -25.69 23.47
C13 NDV G . 6.67 -24.11 25.17
C14 NDV G . 7.43 -23.39 26.17
C15 NDV G . 8.85 -23.88 26.25
C16 NDV G . 3.82 -25.45 23.54
C1 GOL H . 15.93 -6.99 9.08
O1 GOL H . 14.80 -7.74 9.47
C2 GOL H . 15.86 -6.73 7.57
O2 GOL H . 14.62 -6.14 7.24
C3 GOL H . 16.96 -5.74 7.23
O3 GOL H . 18.13 -6.10 7.95
C1 GOL I . 17.68 6.97 4.99
O1 GOL I . 17.13 7.66 3.89
C2 GOL I . 16.58 6.70 6.02
O2 GOL I . 15.45 6.13 5.36
C3 GOL I . 17.06 5.70 7.05
O3 GOL I . 18.39 6.01 7.42
C8 AIC J . -3.72 -17.06 -14.43
C5 AIC J . -2.55 -14.91 -14.94
C6 AIC J . -4.68 -14.59 -20.72
N1 AIC J . -1.57 -13.58 -17.65
C2 AIC J . -3.44 -14.09 -22.89
N3 AIC J . -2.57 -13.90 -20.65
C4 AIC J . -1.26 -14.16 -15.22
C1 AIC J . -5.99 -13.87 -20.60
C3 AIC J . -0.87 -14.37 -16.67
C7 AIC J . -2.50 -16.31 -14.64
C9 AIC J . -4.99 -16.41 -14.53
C10 AIC J . -5.04 -15.02 -14.84
C11 AIC J . -3.82 -14.26 -15.06
C12 AIC J . -3.69 -13.76 -21.46
C13 AIC J . -2.39 -14.66 -19.58
C14 AIC J . -1.49 -13.88 -19.05
C15 AIC J . -1.96 -12.86 -19.91
C16 AIC J . -4.87 -15.92 -21.37
N2 AIC J . -0.16 -14.40 -14.29
O1 AIC J . -4.14 -13.57 -23.74
O2 AIC J . -2.44 -14.97 -23.23
O3 AIC J . 0.09 -15.05 -16.98
O4 AIC J . -1.92 -11.62 -19.88
S1 AIC J . -3.93 -14.75 -19.08
C1 GOL K . -18.40 5.86 -3.12
O1 GOL K . -18.02 6.37 -1.84
C2 GOL K . -17.23 5.97 -4.10
O2 GOL K . -16.07 5.30 -3.63
C3 GOL K . -17.65 5.31 -5.39
O3 GOL K . -19.00 5.66 -5.66
C8 AIC L . 10.55 19.94 -1.69
C5 AIC L . 10.37 18.22 -3.46
C6 AIC L . 16.01 19.38 -5.77
N1 AIC L . 11.78 17.97 -6.25
C2 AIC L . 16.70 19.82 -8.19
N3 AIC L . 14.56 19.06 -7.40
C4 AIC L . 9.76 17.75 -4.78
C1 AIC L . 16.92 18.46 -5.02
C3 AIC L . 10.46 18.45 -5.92
C7 AIC L . 9.93 19.46 -2.90
C9 AIC L . 11.59 19.20 -1.06
C10 AIC L . 12.03 17.97 -1.63
C11 AIC L . 11.43 17.47 -2.85
C12 AIC L . 15.92 19.01 -7.20
C13 AIC L . 13.59 19.46 -6.59
C14 AIC L . 12.68 18.68 -7.13
C15 AIC L . 13.75 17.92 -7.66
C16 AIC L . 16.45 20.80 -5.58
N2 AIC L . 8.31 17.82 -4.88
O1 AIC L . 17.80 19.44 -8.54
O2 AIC L . 16.16 20.97 -8.75
O3 AIC L . 9.93 19.34 -6.56
O4 AIC L . 13.88 16.76 -8.07
S1 AIC L . 14.30 19.16 -5.18
C8 AIC M . -12.91 16.90 7.27
C5 AIC M . -12.52 14.77 8.49
C6 AIC M . -18.23 14.28 11.07
N1 AIC M . -13.81 13.53 11.06
C2 AIC M . -18.85 13.71 13.52
N3 AIC M . -16.65 13.76 12.53
C4 AIC M . -11.82 14.03 9.62
C1 AIC M . -19.07 13.47 10.12
C3 AIC M . -12.59 14.26 10.90
C7 AIC M . -12.20 16.16 8.29
C9 AIC M . -13.91 16.25 6.49
C10 AIC M . -14.23 14.88 6.70
C11 AIC M . -13.52 14.13 7.71
C12 AIC M . -17.99 13.49 12.32
C13 AIC M . -15.81 14.53 11.85
C14 AIC M . -14.76 13.81 12.12
C15 AIC M . -15.66 12.76 12.46
C16 AIC M . -18.90 15.60 11.36
N2 AIC M . -10.40 14.27 9.79
O1 AIC M . -19.73 12.91 13.77
O2 AIC M . -18.59 14.76 14.38
O3 AIC M . -12.16 15.01 11.76
O4 AIC M . -15.62 11.53 12.50
S1 AIC M . -16.56 14.52 10.42
C1 NDV N . -24.17 18.96 20.89
N1 NDV N . -25.90 14.04 18.03
O1 NDV N . -22.72 19.59 17.66
S1 NDV N . -24.66 16.41 20.44
C2 NDV N . -23.83 19.28 18.19
N2 NDV N . -23.87 11.29 17.24
O2 NDV N . -24.84 19.98 17.91
C3 NDV N . -24.83 13.17 18.45
N3 NDV N . -25.47 17.53 18.33
O3 NDV N . -24.92 12.62 19.52
C4 NDV N . -23.76 12.73 17.46
O4 NDV N . -27.49 15.57 16.76
C5 NDV N . -22.35 13.13 17.93
C6 NDV N . -23.73 17.75 20.07
C7 NDV N . -21.26 13.02 17.09
C8 NDV N . -20.00 13.38 17.53
C9 NDV N . -19.82 13.84 18.82
C10 NDV N . -20.90 13.95 19.67
C11 NDV N . -22.17 13.60 19.23
C12 NDV N . -23.99 18.01 18.54
C13 NDV N . -25.22 16.06 18.95
C14 NDV N . -26.34 15.16 18.83
C15 NDV N . -27.44 15.80 18.01
C16 NDV N . -22.27 17.47 20.32
#